data_6TZ2
#
_entry.id   6TZ2
#
_cell.length_a   1.00
_cell.length_b   1.00
_cell.length_c   1.00
_cell.angle_alpha   90.00
_cell.angle_beta   90.00
_cell.angle_gamma   90.00
#
_symmetry.space_group_name_H-M   'P 1'
#
loop_
_entity.id
_entity.type
_entity.pdbx_description
1 polymer 'RNA-dependent RNA Polymerase'
2 polymer 'Viral structural protein 4'
3 polymer "Transcript RNA (5'-R(P*UP*UP*UP*UP*UP*UP*UP*UP*UP*UP*UP*UP*UP*UP*UP*UP*UP*U)-3')"
4 polymer 'Non-template RNA (36-MER)'
5 polymer 'Template RNA (36-MER)'
6 non-polymer "ADENOSINE-5'-TRIPHOSPHATE"
7 non-polymer "URIDINE 5'-TRIPHOSPHATE"
8 non-polymer 'MAGNESIUM ION'
#
loop_
_entity_poly.entity_id
_entity_poly.type
_entity_poly.pdbx_seq_one_letter_code
_entity_poly.pdbx_strand_id
1 'polypeptide(L)'
;MLPNTELYNTIFSETRKFTRESFKEIEHLTAKLANDRVARHDFLFNNSIALISDYSGEDSNGNQLQATVTIPNEITNPKE
YDPSDYPLAEDESFFKQGHKYDYLVTFRAGSLTNTYEPKTKMYKLHAALDKLMHVKQRKSRFADLWRELCAVIASLDVWY
QTTNYPLRTYVKLLFHKGDEFPFYESPSQDKIIFNDKSVASILPTFVYTCCQVGTAIMSGILTHVESIVAMNHFLHCAKD
SYIDEKLKIKGIGRSWYQEALHNVGRATVPVWSQFNEVIGHRTKTTSEPHFVSSTFISLRAKRAELLYPEFNEYINRALR
LSKTQNDVANYYAACRAMTNDGTFLATLTELSLDAAVFPRIEQRLVTRPAVLMSNTRHESLKQKYANGVGSIAQSYLSSF
TDEIAKRVNGIHHDEAWLNFLTTSSPGRKLTEIEKLEVGGDVAAWSNSRIVMQAVFAREYRTPERIFKSLKAPIKLVERQ
QSDRRQRAISGLDNDRLFLSFMPYTIGKQIYDLNDNAAQGKQAGNAFDIGEMLYWTSQRNVLLSSIDVAGMDASVTTNTK
DIYNTFVLDVASKCTVPRFGPYYAKNMEVFEVGKRQSQVKYVNAAWQACALEAANSQTSTSYESEIFGQVKNAEGTYPSG
RADTSTHHTVLLQGLVRGNELKRASDGKNSCLTTIKILGDDIMEIFQGNENDTHDHAVSNASILNESGFATTAELSQNSI
VLLQQLVVNGTFWGFADRISLWTREDTKDIGRLNLAMMELNALIDDLLFRVRRPEGLKMLGFFCGAICLRRFTLSVDNKL
YDSTYNNLSKYMTLVKYDKNPDFDSTLMSLILPLAWLFMPRGGEYPAYPFERRDGTFTEDESMFTARGAYKRRLLYDVSN
IREMIQQNSMVLDDDLLHEYGFTGALLLIDLNILDLIDEVKKEDISPVKVNELATSLEQLGKLGEREKSRRAASDLKIRG
HALSNDIVYGYGLQEKIQKSAMATKETTVQSKRVSSRLHEVIVAKTRDYKIPTMPADALHLYEFEVEDVTVDLLPHAKHT
SYSNLAYNMSFGSDGWFAFALLGGLDRSANLLRLDVASIRGNYHKFSYDDPVFKQGYKIYKSDATLLNDFFVAISAGPKE
QGILLRAFAYYSLYGNVEYHYVLSPRQLFFLSDNPVSAERLVRIPPSYYVSTQCRALYNIFSYLHILRSITSNQGKRLGM
VLHPGLIAYVRGTSQGAILPEADNV
;
A
2 'polypeptide(L)'
;MFAIDPLKHSKLYEEYGLYLRPHQINQEIKPTTIKKKELAPTIRSIKYASLIHSMLAKHAARHNGTLINPRMYADMITLG
NTKVTVTKGTPKAQIDTLKMNGLTVVSKSRRNNKKKPVSDTTATIDENTDDIVTYKALTEMSTLIESFRLPSGLALIIFD
DEKYQSLIPNYINQLIAYTQPHIIPTWQGIADFSDTYLRSYFKRPFELTASNLAAPQKYNLSPMTRSIFNNTGREDAVIR
KLYGYGEYVFIRYEGCLITWTGIYGEVTMMVNLSKRDLGLDVGDDYLKEYKKLLFYGVITDAIPSGISARSTIMKISPHK
MMNPSGGALAVLSKFLEAVVSTNVINATLVVYAEKGAGKTSFLSTYAEQLSLASGQVVGHLSSDAYGRWLAKNKDVEEPS
FAYDYVLSLDTDDNESYYEQKASELLISHGISEVAQYELLSVRKKIKMMDEMNEVLIAQLENADTHSERNFYYMVSTGKT
TPRTLIVEGHFNAQDATIARTDTTVLLRTINDTTQAMRDRQRGGVVQLFLRDTYYRLLPALHTTVYPFEMLESIRRWKWV
H
;
B
3 'polyribonucleotide' UUUUUUUUUUUUUUUUUU M
4 'polyribonucleotide' UUUUUUUUUUUUUUUUUUUUUUUUUUUUUUUUUUUU N
5 'polyribonucleotide' AAAAAAAAAAAAAAAAAAAAAAAAAAAAAAAAAAAA T
#
loop_
_chem_comp.id
_chem_comp.type
_chem_comp.name
_chem_comp.formula
A RNA linking ADENOSINE-5'-MONOPHOSPHATE 'C10 H14 N5 O7 P'
ATP non-polymer ADENOSINE-5'-TRIPHOSPHATE 'C10 H16 N5 O13 P3'
MG non-polymer 'MAGNESIUM ION' 'Mg 2'
U RNA linking URIDINE-5'-MONOPHOSPHATE 'C9 H13 N2 O9 P'
UTP non-polymer 'URIDINE 5'-TRIPHOSPHATE' 'C9 H15 N2 O15 P3'
#
# COMPACT_ATOMS: atom_id res chain seq x y z
N THR A 5 6.17 -29.76 -41.14
CA THR A 5 4.85 -29.40 -40.65
C THR A 5 4.65 -29.86 -39.22
N GLU A 6 5.40 -30.88 -38.83
CA GLU A 6 5.29 -31.48 -37.51
C GLU A 6 6.57 -31.22 -36.75
N LEU A 7 6.45 -30.63 -35.57
CA LEU A 7 7.64 -30.29 -34.79
C LEU A 7 8.29 -31.51 -34.17
N TYR A 8 7.52 -32.55 -33.89
CA TYR A 8 8.06 -33.69 -33.17
C TYR A 8 8.82 -34.65 -34.07
N ASN A 9 8.89 -34.39 -35.38
CA ASN A 9 9.71 -35.18 -36.26
C ASN A 9 11.01 -34.49 -36.62
N THR A 10 11.30 -33.33 -36.03
CA THR A 10 12.50 -32.59 -36.37
C THR A 10 13.73 -33.24 -35.76
N ILE A 11 14.90 -32.83 -36.25
CA ILE A 11 16.15 -33.33 -35.70
C ILE A 11 16.56 -32.59 -34.44
N PHE A 12 15.96 -31.44 -34.16
CA PHE A 12 16.13 -30.83 -32.85
C PHE A 12 15.37 -31.59 -31.78
N SER A 13 14.23 -32.20 -32.14
CA SER A 13 13.38 -32.88 -31.18
C SER A 13 13.99 -34.13 -30.59
N GLU A 14 15.06 -34.67 -31.18
CA GLU A 14 15.67 -35.89 -30.66
C GLU A 14 17.12 -35.75 -30.25
N THR A 15 17.83 -34.72 -30.71
CA THR A 15 19.22 -34.51 -30.30
C THR A 15 19.39 -33.32 -29.38
N ARG A 16 18.51 -32.31 -29.50
CA ARG A 16 18.51 -31.10 -28.69
C ARG A 16 19.83 -30.34 -28.82
N LYS A 17 20.38 -30.32 -30.03
CA LYS A 17 21.62 -29.62 -30.34
C LYS A 17 21.41 -28.80 -31.61
N PHE A 18 21.75 -27.52 -31.55
CA PHE A 18 21.58 -26.62 -32.69
C PHE A 18 22.67 -26.90 -33.71
N THR A 19 22.39 -27.77 -34.67
CA THR A 19 23.24 -27.87 -35.84
C THR A 19 22.72 -26.94 -36.92
N ARG A 20 23.43 -26.89 -38.04
CA ARG A 20 23.08 -25.92 -39.08
C ARG A 20 21.83 -26.34 -39.84
N GLU A 21 21.56 -27.64 -39.92
CA GLU A 21 20.33 -28.09 -40.55
C GLU A 21 19.14 -27.93 -39.61
N SER A 22 19.36 -28.09 -38.31
CA SER A 22 18.27 -28.09 -37.35
C SER A 22 17.75 -26.69 -37.10
N PHE A 23 18.66 -25.73 -36.97
CA PHE A 23 18.31 -24.38 -36.53
C PHE A 23 17.44 -23.67 -37.55
N LYS A 24 17.76 -23.81 -38.84
CA LYS A 24 16.94 -23.26 -39.90
C LYS A 24 15.56 -23.90 -39.92
N GLU A 25 15.49 -25.21 -39.62
CA GLU A 25 14.22 -25.93 -39.63
C GLU A 25 13.31 -25.43 -38.52
N ILE A 26 13.85 -25.32 -37.31
CA ILE A 26 13.07 -24.85 -36.17
C ILE A 26 12.66 -23.41 -36.36
N GLU A 27 13.56 -22.59 -36.92
CA GLU A 27 13.25 -21.19 -37.19
C GLU A 27 12.13 -21.06 -38.21
N HIS A 28 12.15 -21.89 -39.25
CA HIS A 28 11.11 -21.88 -40.27
C HIS A 28 9.76 -22.31 -39.71
N LEU A 29 9.76 -23.35 -38.87
CA LEU A 29 8.48 -23.83 -38.33
C LEU A 29 7.90 -22.89 -37.29
N THR A 30 8.75 -22.30 -36.46
CA THR A 30 8.24 -21.31 -35.50
C THR A 30 7.77 -20.05 -36.21
N ALA A 31 8.39 -19.70 -37.34
CA ALA A 31 7.85 -18.63 -38.17
C ALA A 31 6.49 -18.99 -38.73
N LYS A 32 6.32 -20.25 -39.12
CA LYS A 32 5.05 -20.72 -39.66
C LYS A 32 3.97 -20.59 -38.60
N LEU A 33 4.30 -20.94 -37.36
CA LEU A 33 3.32 -20.78 -36.29
C LEU A 33 3.03 -19.33 -35.98
N ALA A 34 4.06 -18.49 -35.88
CA ALA A 34 3.85 -17.12 -35.44
C ALA A 34 3.25 -16.23 -36.52
N ASN A 35 3.22 -16.65 -37.78
CA ASN A 35 2.69 -15.76 -38.81
C ASN A 35 1.17 -15.72 -38.83
N ASP A 36 0.53 -16.85 -39.11
CA ASP A 36 -0.90 -16.83 -39.42
C ASP A 36 -1.67 -17.79 -38.53
N ARG A 37 -2.98 -17.52 -38.42
CA ARG A 37 -3.87 -18.31 -37.58
C ARG A 37 -4.17 -19.68 -38.18
N VAL A 38 -3.96 -19.85 -39.48
CA VAL A 38 -4.34 -21.11 -40.12
C VAL A 38 -3.39 -22.21 -39.72
N ALA A 39 -2.09 -21.89 -39.67
CA ALA A 39 -1.11 -22.85 -39.20
C ALA A 39 -1.29 -23.16 -37.72
N ARG A 40 -1.75 -22.18 -36.94
CA ARG A 40 -2.01 -22.44 -35.53
C ARG A 40 -3.22 -23.36 -35.36
N HIS A 41 -4.28 -23.15 -36.15
CA HIS A 41 -5.45 -23.99 -36.02
C HIS A 41 -5.20 -25.38 -36.57
N ASP A 42 -4.29 -25.52 -37.53
CA ASP A 42 -3.95 -26.85 -38.01
C ASP A 42 -2.99 -27.56 -37.06
N PHE A 43 -2.14 -26.79 -36.37
CA PHE A 43 -1.24 -27.39 -35.39
C PHE A 43 -1.99 -27.89 -34.17
N LEU A 44 -2.85 -27.04 -33.60
CA LEU A 44 -3.57 -27.45 -32.40
C LEU A 44 -4.68 -28.44 -32.66
N PHE A 45 -5.19 -28.54 -33.88
CA PHE A 45 -6.37 -29.35 -34.14
C PHE A 45 -6.19 -30.21 -35.37
N ASN A 46 -5.04 -30.88 -35.46
CA ASN A 46 -4.79 -31.81 -36.56
C ASN A 46 -5.64 -33.06 -36.38
N ASN A 47 -5.93 -33.73 -37.49
CA ASN A 47 -6.71 -34.96 -37.46
C ASN A 47 -5.86 -36.20 -37.20
N SER A 48 -4.55 -36.04 -37.06
CA SER A 48 -3.69 -37.19 -36.77
C SER A 48 -3.72 -37.58 -35.30
N ILE A 49 -4.24 -36.71 -34.43
CA ILE A 49 -4.30 -37.02 -33.00
C ILE A 49 -5.40 -38.02 -32.76
N ALA A 50 -5.05 -39.16 -32.16
CA ALA A 50 -6.04 -40.13 -31.72
C ALA A 50 -6.57 -39.73 -30.35
N LEU A 51 -7.88 -39.54 -30.27
CA LEU A 51 -8.49 -39.10 -29.01
C LEU A 51 -8.51 -40.24 -28.00
N ILE A 52 -7.80 -40.06 -26.90
CA ILE A 52 -7.64 -41.10 -25.91
C ILE A 52 -8.64 -40.88 -24.79
N SER A 53 -8.94 -41.96 -24.09
CA SER A 53 -9.87 -41.89 -22.97
C SER A 53 -9.30 -42.50 -21.71
N ASP A 54 -8.58 -43.60 -21.81
CA ASP A 54 -7.98 -44.25 -20.66
C ASP A 54 -6.47 -44.26 -20.81
N TYR A 55 -5.77 -44.05 -19.70
CA TYR A 55 -4.35 -43.80 -19.73
C TYR A 55 -3.77 -44.27 -18.42
N SER A 56 -2.69 -45.04 -18.47
CA SER A 56 -2.09 -45.60 -17.27
C SER A 56 -0.60 -45.32 -17.27
N GLY A 57 -0.06 -45.02 -16.10
CA GLY A 57 1.35 -44.73 -15.99
C GLY A 57 1.70 -44.34 -14.57
N GLU A 58 2.95 -43.92 -14.41
CA GLU A 58 3.45 -43.60 -13.07
C GLU A 58 2.94 -42.25 -12.59
N ASP A 59 2.94 -42.11 -11.27
CA ASP A 59 2.67 -40.83 -10.63
C ASP A 59 4.01 -40.10 -10.40
N SER A 60 4.02 -39.12 -9.51
CA SER A 60 5.25 -38.40 -9.19
C SER A 60 6.29 -39.27 -8.49
N ASN A 61 5.90 -40.43 -7.94
CA ASN A 61 6.84 -41.28 -7.20
C ASN A 61 6.92 -42.69 -7.77
N GLY A 62 6.53 -42.89 -9.02
CA GLY A 62 6.64 -44.20 -9.63
C GLY A 62 5.51 -45.17 -9.33
N ASN A 63 4.61 -44.83 -8.41
CA ASN A 63 3.46 -45.67 -8.14
C ASN A 63 2.50 -45.64 -9.32
N GLN A 64 1.94 -46.80 -9.65
CA GLN A 64 1.08 -46.92 -10.83
C GLN A 64 -0.29 -46.32 -10.54
N LEU A 65 -0.71 -45.39 -11.38
CA LEU A 65 -2.01 -44.77 -11.26
C LEU A 65 -2.77 -44.96 -12.56
N GLN A 66 -4.09 -45.12 -12.45
CA GLN A 66 -4.97 -45.27 -13.60
C GLN A 66 -6.03 -44.20 -13.54
N ALA A 67 -6.29 -43.56 -14.68
CA ALA A 67 -7.21 -42.44 -14.72
C ALA A 67 -8.04 -42.52 -16.01
N THR A 68 -8.88 -41.52 -16.22
CA THR A 68 -9.84 -41.50 -17.32
C THR A 68 -10.25 -40.07 -17.60
N VAL A 69 -10.17 -39.66 -18.87
CA VAL A 69 -10.62 -38.33 -19.27
C VAL A 69 -12.13 -38.25 -19.14
N THR A 70 -12.62 -37.23 -18.42
CA THR A 70 -14.04 -37.07 -18.19
C THR A 70 -14.39 -35.60 -18.17
N ILE A 71 -15.14 -35.15 -19.16
CA ILE A 71 -15.61 -33.78 -19.25
C ILE A 71 -17.08 -33.76 -18.84
N PRO A 72 -17.48 -32.91 -17.90
CA PRO A 72 -18.89 -32.88 -17.48
C PRO A 72 -19.78 -32.27 -18.55
N ASN A 73 -21.08 -32.38 -18.31
CA ASN A 73 -22.04 -31.91 -19.31
C ASN A 73 -22.12 -30.39 -19.33
N GLU A 74 -21.87 -29.74 -18.20
CA GLU A 74 -22.13 -28.30 -18.07
C GLU A 74 -21.14 -27.45 -18.83
N ILE A 75 -20.02 -28.01 -19.29
CA ILE A 75 -19.09 -27.23 -20.09
C ILE A 75 -19.48 -27.28 -21.56
N THR A 76 -19.90 -28.45 -22.04
CA THR A 76 -20.26 -28.57 -23.45
C THR A 76 -21.67 -28.03 -23.70
N ASN A 77 -22.61 -28.31 -22.80
CA ASN A 77 -24.00 -27.86 -22.93
C ASN A 77 -24.32 -26.97 -21.75
N PRO A 78 -24.08 -25.67 -21.87
CA PRO A 78 -24.27 -24.78 -20.72
C PRO A 78 -25.75 -24.53 -20.44
N LYS A 79 -26.03 -24.21 -19.19
CA LYS A 79 -27.37 -23.74 -18.86
C LYS A 79 -27.56 -22.34 -19.41
N GLU A 80 -28.81 -21.95 -19.53
CA GLU A 80 -29.10 -20.61 -20.01
C GLU A 80 -28.88 -19.61 -18.88
N TYR A 81 -28.85 -18.32 -19.23
CA TYR A 81 -28.56 -17.29 -18.25
C TYR A 81 -29.71 -17.14 -17.27
N ASP A 82 -29.45 -17.46 -16.00
CA ASP A 82 -30.44 -17.31 -14.96
C ASP A 82 -30.26 -15.95 -14.33
N PRO A 83 -31.24 -15.05 -14.42
CA PRO A 83 -31.06 -13.70 -13.86
C PRO A 83 -31.07 -13.66 -12.35
N SER A 84 -31.50 -14.73 -11.67
CA SER A 84 -31.50 -14.78 -10.22
C SER A 84 -30.14 -15.09 -9.64
N ASP A 85 -29.11 -15.28 -10.47
CA ASP A 85 -27.78 -15.53 -9.95
C ASP A 85 -27.16 -14.26 -9.37
N TYR A 86 -27.51 -13.11 -9.91
CA TYR A 86 -26.96 -11.83 -9.44
C TYR A 86 -28.13 -10.92 -9.08
N PRO A 87 -28.74 -11.12 -7.93
CA PRO A 87 -29.98 -10.39 -7.61
C PRO A 87 -29.68 -9.00 -7.06
N LEU A 88 -30.75 -8.27 -6.76
CA LEU A 88 -30.64 -6.91 -6.25
C LEU A 88 -31.56 -6.73 -5.06
N ALA A 89 -31.31 -5.67 -4.31
CA ALA A 89 -32.15 -5.31 -3.19
C ALA A 89 -33.39 -4.56 -3.68
N GLU A 90 -34.32 -4.30 -2.77
CA GLU A 90 -35.59 -3.70 -3.17
C GLU A 90 -35.50 -2.19 -3.36
N ASP A 91 -34.58 -1.53 -2.68
CA ASP A 91 -34.28 -0.15 -3.03
C ASP A 91 -33.29 -0.08 -4.19
N GLU A 92 -32.75 -1.23 -4.60
CA GLU A 92 -31.89 -1.40 -5.77
C GLU A 92 -30.62 -0.57 -5.67
N SER A 93 -30.14 -0.35 -4.45
CA SER A 93 -28.92 0.43 -4.27
C SER A 93 -27.67 -0.42 -4.46
N PHE A 94 -27.79 -1.74 -4.33
CA PHE A 94 -26.62 -2.61 -4.36
C PHE A 94 -27.12 -4.01 -4.66
N PHE A 95 -26.22 -4.97 -4.65
CA PHE A 95 -26.61 -6.36 -4.79
C PHE A 95 -27.30 -6.85 -3.51
N LYS A 96 -27.80 -8.07 -3.57
CA LYS A 96 -28.34 -8.71 -2.39
C LYS A 96 -27.23 -8.93 -1.37
N GLN A 97 -27.59 -8.82 -0.10
CA GLN A 97 -26.64 -8.98 1.00
C GLN A 97 -26.01 -10.37 1.01
N GLY A 98 -26.83 -11.40 1.22
CA GLY A 98 -26.29 -12.73 1.13
C GLY A 98 -26.47 -13.31 -0.26
N HIS A 99 -25.46 -13.19 -1.10
CA HIS A 99 -25.51 -13.73 -2.45
C HIS A 99 -24.32 -14.64 -2.67
N LYS A 100 -24.57 -15.72 -3.40
CA LYS A 100 -23.61 -16.80 -3.50
C LYS A 100 -22.43 -16.44 -4.40
N TYR A 101 -22.71 -15.94 -5.59
CA TYR A 101 -21.74 -15.94 -6.68
C TYR A 101 -21.12 -14.57 -6.81
N ASP A 102 -19.84 -14.46 -6.47
CA ASP A 102 -19.12 -13.22 -6.68
C ASP A 102 -18.39 -13.20 -8.02
N TYR A 103 -18.47 -14.27 -8.80
CA TYR A 103 -17.63 -14.40 -9.98
C TYR A 103 -18.49 -14.88 -11.15
N LEU A 104 -17.83 -15.27 -12.23
CA LEU A 104 -18.50 -15.55 -13.47
C LEU A 104 -19.09 -16.96 -13.41
N VAL A 105 -20.42 -17.03 -13.31
CA VAL A 105 -21.12 -18.30 -13.40
C VAL A 105 -21.05 -18.79 -14.84
N THR A 106 -20.96 -20.10 -15.03
CA THR A 106 -20.92 -20.67 -16.37
C THR A 106 -22.31 -20.73 -16.98
N PHE A 107 -22.46 -20.14 -18.17
CA PHE A 107 -23.71 -20.20 -18.91
C PHE A 107 -23.41 -20.04 -20.40
N ARG A 108 -24.45 -20.17 -21.21
CA ARG A 108 -24.27 -20.11 -22.66
C ARG A 108 -24.04 -18.68 -23.11
N ALA A 109 -23.11 -18.51 -24.05
CA ALA A 109 -22.52 -17.21 -24.31
C ALA A 109 -23.51 -16.23 -24.91
N GLY A 110 -24.26 -16.65 -25.93
CA GLY A 110 -25.25 -15.79 -26.54
C GLY A 110 -26.51 -15.58 -25.74
N SER A 111 -26.65 -16.23 -24.59
CA SER A 111 -27.85 -16.06 -23.78
C SER A 111 -27.85 -14.75 -23.01
N LEU A 112 -26.69 -14.12 -22.84
CA LEU A 112 -26.60 -12.87 -22.09
C LEU A 112 -27.04 -11.75 -23.01
N THR A 113 -28.31 -11.39 -22.92
CA THR A 113 -28.88 -10.36 -23.77
C THR A 113 -29.36 -9.19 -22.93
N ASN A 114 -29.09 -7.99 -23.41
CA ASN A 114 -29.63 -6.76 -22.83
C ASN A 114 -30.73 -6.30 -23.77
N THR A 115 -31.98 -6.46 -23.34
CA THR A 115 -33.13 -6.07 -24.11
C THR A 115 -33.88 -4.88 -23.52
N TYR A 116 -33.46 -4.38 -22.36
CA TYR A 116 -34.23 -3.40 -21.63
C TYR A 116 -34.08 -2.01 -22.27
N GLU A 117 -34.89 -1.08 -21.77
CA GLU A 117 -34.80 0.31 -22.19
C GLU A 117 -33.53 0.93 -21.59
N PRO A 118 -32.83 1.76 -22.34
CA PRO A 118 -31.58 2.35 -21.83
C PRO A 118 -31.82 3.35 -20.72
N LYS A 119 -30.72 3.66 -20.02
CA LYS A 119 -30.71 4.48 -18.81
C LYS A 119 -31.72 3.97 -17.77
N THR A 120 -31.68 2.65 -17.55
CA THR A 120 -32.50 1.98 -16.57
C THR A 120 -31.59 1.00 -15.83
N LYS A 121 -32.01 0.60 -14.63
CA LYS A 121 -31.14 -0.13 -13.71
C LYS A 121 -30.75 -1.50 -14.27
N MET A 122 -31.72 -2.23 -14.82
CA MET A 122 -31.44 -3.54 -15.38
C MET A 122 -30.55 -3.45 -16.61
N TYR A 123 -30.71 -2.38 -17.40
CA TYR A 123 -29.85 -2.13 -18.55
C TYR A 123 -28.40 -1.91 -18.12
N LYS A 124 -28.21 -1.10 -17.07
CA LYS A 124 -26.88 -0.87 -16.50
C LYS A 124 -26.25 -2.16 -16.02
N LEU A 125 -27.05 -3.00 -15.35
CA LEU A 125 -26.53 -4.24 -14.79
C LEU A 125 -26.12 -5.21 -15.88
N HIS A 126 -26.94 -5.34 -16.93
CA HIS A 126 -26.56 -6.27 -17.99
C HIS A 126 -25.41 -5.75 -18.83
N ALA A 127 -25.27 -4.44 -18.97
CA ALA A 127 -24.08 -3.90 -19.63
C ALA A 127 -22.83 -4.17 -18.81
N ALA A 128 -22.94 -4.11 -17.49
CA ALA A 128 -21.78 -4.41 -16.66
C ALA A 128 -21.45 -5.89 -16.66
N LEU A 129 -22.45 -6.76 -16.76
CA LEU A 129 -22.16 -8.18 -16.86
C LEU A 129 -21.56 -8.54 -18.20
N ASP A 130 -21.95 -7.83 -19.26
CA ASP A 130 -21.28 -7.96 -20.55
C ASP A 130 -19.81 -7.55 -20.44
N LYS A 131 -19.55 -6.43 -19.76
CA LYS A 131 -18.19 -5.98 -19.55
C LYS A 131 -17.39 -6.94 -18.68
N LEU A 132 -18.08 -7.65 -17.77
CA LEU A 132 -17.44 -8.69 -16.98
C LEU A 132 -17.02 -9.86 -17.87
N MET A 133 -17.93 -10.32 -18.72
CA MET A 133 -17.67 -11.54 -19.47
C MET A 133 -16.66 -11.32 -20.58
N HIS A 134 -16.63 -10.13 -21.18
CA HIS A 134 -15.71 -9.91 -22.28
C HIS A 134 -14.36 -9.35 -21.84
N VAL A 135 -14.36 -8.33 -20.99
CA VAL A 135 -13.10 -7.64 -20.69
C VAL A 135 -12.35 -8.33 -19.56
N LYS A 136 -13.04 -8.70 -18.48
CA LYS A 136 -12.38 -9.14 -17.27
C LYS A 136 -11.88 -10.57 -17.32
N GLN A 137 -11.78 -11.19 -18.48
CA GLN A 137 -11.19 -12.52 -18.54
C GLN A 137 -9.86 -12.56 -19.28
N ARG A 138 -9.59 -11.61 -20.16
CA ARG A 138 -8.34 -11.66 -20.91
C ARG A 138 -7.22 -11.10 -20.03
N LYS A 139 -6.34 -12.00 -19.60
CA LYS A 139 -5.16 -11.63 -18.82
C LYS A 139 -4.00 -12.34 -19.51
N SER A 140 -3.48 -11.72 -20.55
CA SER A 140 -2.43 -12.31 -21.35
C SER A 140 -1.15 -11.51 -21.13
N ARG A 141 -0.10 -12.19 -20.69
CA ARG A 141 1.12 -11.49 -20.33
C ARG A 141 1.87 -11.00 -21.56
N PHE A 142 1.99 -11.85 -22.58
CA PHE A 142 2.88 -11.54 -23.69
C PHE A 142 2.14 -11.22 -24.98
N ALA A 143 1.20 -12.06 -25.40
CA ALA A 143 0.64 -11.96 -26.73
C ALA A 143 -0.73 -12.62 -26.71
N ASP A 144 -1.23 -12.99 -27.89
CA ASP A 144 -2.51 -13.67 -28.03
C ASP A 144 -2.53 -14.98 -27.24
N LEU A 145 -3.71 -15.30 -26.72
CA LEU A 145 -3.85 -16.45 -25.83
C LEU A 145 -3.70 -17.76 -26.58
N TRP A 146 -4.11 -17.78 -27.86
CA TRP A 146 -3.92 -18.99 -28.64
C TRP A 146 -2.44 -19.24 -28.93
N ARG A 147 -1.64 -18.18 -29.04
CA ARG A 147 -0.22 -18.37 -29.28
C ARG A 147 0.50 -18.87 -28.04
N GLU A 148 0.04 -18.49 -26.85
CA GLU A 148 0.61 -19.05 -25.63
C GLU A 148 0.24 -20.51 -25.48
N LEU A 149 -1.01 -20.86 -25.82
CA LEU A 149 -1.41 -22.26 -25.83
C LEU A 149 -0.59 -23.07 -26.82
N CYS A 150 -0.35 -22.50 -28.01
CA CYS A 150 0.51 -23.13 -29.01
C CYS A 150 1.93 -23.31 -28.50
N ALA A 151 2.44 -22.33 -27.74
CA ALA A 151 3.80 -22.43 -27.21
C ALA A 151 3.92 -23.57 -26.21
N VAL A 152 2.92 -23.71 -25.33
CA VAL A 152 2.96 -24.80 -24.35
C VAL A 152 2.82 -26.16 -25.03
N ILE A 153 1.88 -26.27 -25.98
CA ILE A 153 1.66 -27.52 -26.71
C ILE A 153 2.90 -27.91 -27.51
N ALA A 154 3.53 -26.93 -28.16
CA ALA A 154 4.72 -27.20 -28.95
C ALA A 154 5.89 -27.62 -28.06
N SER A 155 6.01 -27.04 -26.87
CA SER A 155 7.05 -27.46 -25.95
C SER A 155 6.87 -28.91 -25.51
N LEU A 156 5.61 -29.28 -25.21
CA LEU A 156 5.31 -30.67 -24.86
C LEU A 156 5.63 -31.62 -26.00
N ASP A 157 5.33 -31.21 -27.23
CA ASP A 157 5.56 -32.08 -28.38
C ASP A 157 7.04 -32.27 -28.65
N VAL A 158 7.81 -31.19 -28.61
CA VAL A 158 9.23 -31.34 -28.96
C VAL A 158 9.99 -32.02 -27.83
N TRP A 159 9.50 -31.89 -26.59
CA TRP A 159 10.09 -32.64 -25.49
C TRP A 159 9.78 -34.12 -25.59
N TYR A 160 8.51 -34.49 -25.52
CA TYR A 160 8.16 -35.90 -25.41
C TYR A 160 8.15 -36.63 -26.74
N GLN A 161 8.37 -35.94 -27.87
CA GLN A 161 8.54 -36.50 -29.22
C GLN A 161 7.30 -37.20 -29.75
N THR A 162 6.18 -37.19 -29.03
CA THR A 162 4.95 -37.83 -29.48
C THR A 162 3.80 -36.89 -29.25
N THR A 163 2.71 -37.15 -29.95
CA THR A 163 1.53 -36.30 -29.89
C THR A 163 0.42 -36.92 -29.04
N ASN A 164 0.45 -38.23 -28.84
CA ASN A 164 -0.57 -38.92 -28.06
C ASN A 164 -0.23 -38.85 -26.57
N TYR A 165 -0.90 -37.95 -25.87
CA TYR A 165 -0.82 -37.71 -24.44
C TYR A 165 -2.06 -36.87 -24.12
N PRO A 166 -2.57 -36.89 -22.89
CA PRO A 166 -3.97 -36.46 -22.67
C PRO A 166 -4.29 -35.00 -22.94
N LEU A 167 -3.31 -34.11 -22.88
CA LEU A 167 -3.63 -32.69 -22.95
C LEU A 167 -4.02 -32.26 -24.36
N ARG A 168 -3.50 -32.94 -25.38
CA ARG A 168 -3.97 -32.69 -26.74
C ARG A 168 -5.43 -33.08 -26.90
N THR A 169 -5.85 -34.15 -26.22
CA THR A 169 -7.25 -34.53 -26.26
C THR A 169 -8.11 -33.57 -25.48
N TYR A 170 -7.60 -33.01 -24.39
CA TYR A 170 -8.33 -31.96 -23.68
C TYR A 170 -8.52 -30.73 -24.55
N VAL A 171 -7.49 -30.36 -25.30
CA VAL A 171 -7.62 -29.20 -26.19
C VAL A 171 -8.61 -29.48 -27.31
N LYS A 172 -8.53 -30.65 -27.94
CA LYS A 172 -9.43 -30.97 -29.04
C LYS A 172 -10.86 -31.23 -28.56
N LEU A 173 -11.06 -31.55 -27.29
CA LEU A 173 -12.42 -31.72 -26.81
C LEU A 173 -13.00 -30.48 -26.17
N LEU A 174 -12.17 -29.52 -25.76
CA LEU A 174 -12.73 -28.31 -25.19
C LEU A 174 -12.88 -27.20 -26.22
N PHE A 175 -11.89 -27.03 -27.10
CA PHE A 175 -11.78 -25.83 -27.89
C PHE A 175 -12.06 -26.02 -29.37
N HIS A 176 -12.06 -27.26 -29.86
CA HIS A 176 -12.27 -27.52 -31.28
C HIS A 176 -13.76 -27.44 -31.56
N LYS A 177 -14.23 -26.24 -31.88
CA LYS A 177 -15.63 -26.01 -32.21
C LYS A 177 -15.65 -25.43 -33.62
N GLY A 178 -15.65 -26.30 -34.62
CA GLY A 178 -15.70 -25.86 -35.99
C GLY A 178 -14.32 -25.71 -36.61
N ASP A 179 -14.26 -24.88 -37.64
CA ASP A 179 -13.02 -24.64 -38.35
C ASP A 179 -12.28 -23.40 -37.88
N GLU A 180 -12.94 -22.50 -37.15
CA GLU A 180 -12.29 -21.33 -36.63
C GLU A 180 -12.23 -21.41 -35.10
N PHE A 181 -11.45 -20.53 -34.51
CA PHE A 181 -11.36 -20.47 -33.08
C PHE A 181 -12.67 -19.93 -32.51
N PRO A 182 -13.09 -20.40 -31.33
CA PRO A 182 -14.35 -19.91 -30.75
C PRO A 182 -14.30 -18.46 -30.34
N PHE A 183 -13.12 -17.88 -30.15
CA PHE A 183 -12.99 -16.51 -29.69
C PHE A 183 -11.59 -16.02 -30.02
N TYR A 184 -11.47 -14.70 -30.10
CA TYR A 184 -10.20 -14.05 -30.33
C TYR A 184 -10.18 -12.76 -29.52
N GLU A 185 -9.00 -12.30 -29.18
CA GLU A 185 -8.90 -11.02 -28.52
C GLU A 185 -8.40 -9.97 -29.49
N SER A 186 -8.84 -8.73 -29.29
CA SER A 186 -8.51 -7.64 -30.17
C SER A 186 -7.95 -6.49 -29.36
N PRO A 187 -6.86 -5.87 -29.78
CA PRO A 187 -6.28 -4.78 -28.99
C PRO A 187 -7.01 -3.46 -29.20
N SER A 188 -7.61 -3.28 -30.38
CA SER A 188 -8.32 -2.06 -30.71
C SER A 188 -9.52 -1.86 -29.79
N GLN A 189 -10.49 -2.75 -29.88
CA GLN A 189 -11.58 -2.81 -28.92
C GLN A 189 -11.24 -3.95 -27.97
N ASP A 190 -10.79 -3.59 -26.77
CA ASP A 190 -10.15 -4.53 -25.86
C ASP A 190 -11.19 -5.44 -25.23
N LYS A 191 -11.53 -6.51 -25.94
CA LYS A 191 -12.40 -7.54 -25.39
C LYS A 191 -12.12 -8.86 -26.11
N ILE A 192 -12.94 -9.86 -25.79
CA ILE A 192 -12.80 -11.19 -26.37
C ILE A 192 -14.04 -11.45 -27.22
N ILE A 193 -13.95 -11.12 -28.51
CA ILE A 193 -15.11 -11.25 -29.38
C ILE A 193 -15.34 -12.73 -29.67
N PHE A 194 -16.50 -13.22 -29.26
CA PHE A 194 -16.86 -14.61 -29.49
C PHE A 194 -17.26 -14.81 -30.94
N ASN A 195 -16.99 -16.00 -31.46
CA ASN A 195 -17.46 -16.37 -32.79
C ASN A 195 -18.42 -17.54 -32.79
N ASP A 196 -18.46 -18.32 -31.73
CA ASP A 196 -19.49 -19.33 -31.52
C ASP A 196 -20.25 -18.92 -30.26
N LYS A 197 -21.47 -18.42 -30.44
CA LYS A 197 -22.28 -17.95 -29.33
C LYS A 197 -22.86 -19.08 -28.48
N SER A 198 -22.60 -20.33 -28.82
CA SER A 198 -23.10 -21.47 -28.06
C SER A 198 -22.04 -22.06 -27.15
N VAL A 199 -20.85 -21.49 -27.12
CA VAL A 199 -19.80 -22.00 -26.24
C VAL A 199 -20.04 -21.51 -24.81
N ALA A 200 -19.42 -22.19 -23.86
CA ALA A 200 -19.60 -21.81 -22.46
C ALA A 200 -18.84 -20.52 -22.15
N SER A 201 -19.37 -19.76 -21.19
CA SER A 201 -18.83 -18.44 -20.90
C SER A 201 -17.50 -18.48 -20.16
N ILE A 202 -17.27 -19.50 -19.34
CA ILE A 202 -16.03 -19.60 -18.57
C ILE A 202 -14.87 -20.10 -19.43
N LEU A 203 -15.18 -20.64 -20.61
CA LEU A 203 -14.20 -21.32 -21.44
C LEU A 203 -13.00 -20.50 -21.94
N PRO A 204 -13.03 -19.17 -22.05
CA PRO A 204 -11.75 -18.47 -22.29
C PRO A 204 -10.70 -18.64 -21.21
N THR A 205 -11.06 -18.82 -19.94
CA THR A 205 -10.05 -18.98 -18.91
C THR A 205 -9.36 -20.33 -18.96
N PHE A 206 -9.95 -21.30 -19.63
CA PHE A 206 -9.29 -22.59 -19.70
C PHE A 206 -8.12 -22.63 -20.67
N VAL A 207 -7.98 -21.61 -21.53
CA VAL A 207 -6.73 -21.43 -22.27
C VAL A 207 -5.57 -21.24 -21.30
N TYR A 208 -5.73 -20.31 -20.36
CA TYR A 208 -4.69 -20.06 -19.37
C TYR A 208 -4.57 -21.23 -18.39
N THR A 209 -5.68 -21.92 -18.11
CA THR A 209 -5.62 -23.09 -17.24
C THR A 209 -4.80 -24.21 -17.86
N CYS A 210 -5.01 -24.48 -19.16
CA CYS A 210 -4.21 -25.48 -19.86
C CYS A 210 -2.77 -25.05 -19.98
N CYS A 211 -2.51 -23.75 -20.14
CA CYS A 211 -1.13 -23.27 -20.15
C CYS A 211 -0.44 -23.52 -18.83
N GLN A 212 -1.16 -23.34 -17.71
CA GLN A 212 -0.53 -23.59 -16.41
C GLN A 212 -0.35 -25.09 -16.16
N VAL A 213 -1.29 -25.92 -16.61
CA VAL A 213 -1.13 -27.37 -16.45
C VAL A 213 0.06 -27.87 -17.27
N GLY A 214 0.22 -27.37 -18.50
CA GLY A 214 1.38 -27.75 -19.28
C GLY A 214 2.68 -27.17 -18.74
N THR A 215 2.62 -26.00 -18.10
CA THR A 215 3.79 -25.48 -17.40
C THR A 215 4.16 -26.38 -16.25
N ALA A 216 3.18 -26.98 -15.58
CA ALA A 216 3.48 -27.95 -14.54
C ALA A 216 4.03 -29.25 -15.12
N ILE A 217 3.63 -29.60 -16.35
CA ILE A 217 4.17 -30.81 -16.98
C ILE A 217 5.63 -30.63 -17.30
N MET A 218 5.97 -29.55 -18.02
CA MET A 218 7.36 -29.24 -18.33
C MET A 218 8.16 -28.91 -17.10
N SER A 219 7.49 -28.47 -16.03
CA SER A 219 8.14 -28.22 -14.76
C SER A 219 8.55 -29.51 -14.08
N GLY A 220 7.86 -30.60 -14.36
CA GLY A 220 8.13 -31.84 -13.69
C GLY A 220 7.43 -32.01 -12.36
N ILE A 221 6.44 -31.16 -12.06
CA ILE A 221 5.68 -31.30 -10.84
C ILE A 221 4.76 -32.52 -10.92
N LEU A 222 4.03 -32.64 -12.01
CA LEU A 222 3.14 -33.76 -12.20
C LEU A 222 3.27 -34.32 -13.60
N THR A 223 3.14 -35.62 -13.74
CA THR A 223 3.36 -36.33 -15.00
C THR A 223 2.11 -36.26 -15.86
N HIS A 224 2.06 -37.06 -16.92
CA HIS A 224 0.90 -37.07 -17.80
C HIS A 224 -0.33 -37.62 -17.12
N VAL A 225 -0.15 -38.54 -16.17
CA VAL A 225 -1.30 -39.17 -15.53
C VAL A 225 -1.98 -38.20 -14.58
N GLU A 226 -1.20 -37.51 -13.78
CA GLU A 226 -1.75 -36.57 -12.81
C GLU A 226 -2.34 -35.33 -13.46
N SER A 227 -1.99 -35.05 -14.71
CA SER A 227 -2.63 -33.96 -15.43
C SER A 227 -4.09 -34.27 -15.74
N ILE A 228 -4.42 -35.56 -15.91
CA ILE A 228 -5.82 -35.95 -16.10
C ILE A 228 -6.64 -35.61 -14.86
N VAL A 229 -6.09 -35.92 -13.68
CA VAL A 229 -6.77 -35.63 -12.42
C VAL A 229 -6.88 -34.13 -12.21
N ALA A 230 -5.83 -33.38 -12.58
CA ALA A 230 -5.85 -31.93 -12.42
C ALA A 230 -6.90 -31.28 -13.32
N MET A 231 -6.97 -31.71 -14.58
CA MET A 231 -7.94 -31.12 -15.48
C MET A 231 -9.36 -31.58 -15.17
N ASN A 232 -9.54 -32.80 -14.66
CA ASN A 232 -10.87 -33.22 -14.23
C ASN A 232 -11.32 -32.41 -13.03
N HIS A 233 -10.42 -32.16 -12.08
CA HIS A 233 -10.75 -31.34 -10.93
C HIS A 233 -11.11 -29.92 -11.34
N PHE A 234 -10.35 -29.37 -12.28
CA PHE A 234 -10.60 -28.00 -12.74
C PHE A 234 -11.89 -27.89 -13.53
N LEU A 235 -12.20 -28.87 -14.38
CA LEU A 235 -13.46 -28.84 -15.10
C LEU A 235 -14.62 -29.09 -14.15
N HIS A 236 -14.39 -29.83 -13.06
CA HIS A 236 -15.44 -30.00 -12.07
C HIS A 236 -15.72 -28.71 -11.33
N CYS A 237 -14.68 -27.92 -11.05
CA CYS A 237 -14.87 -26.67 -10.33
C CYS A 237 -15.63 -25.64 -11.17
N ALA A 238 -15.60 -25.75 -12.49
CA ALA A 238 -16.33 -24.84 -13.35
C ALA A 238 -17.72 -25.33 -13.70
N LYS A 239 -18.27 -26.25 -12.90
CA LYS A 239 -19.60 -26.75 -13.18
C LYS A 239 -20.64 -25.67 -12.89
N ASP A 240 -20.48 -24.95 -11.79
CA ASP A 240 -21.40 -23.88 -11.42
C ASP A 240 -20.70 -22.53 -11.41
N SER A 241 -19.63 -22.37 -10.65
CA SER A 241 -18.85 -21.15 -10.62
C SER A 241 -17.40 -21.53 -10.44
N TYR A 242 -16.57 -21.21 -11.43
CA TYR A 242 -15.21 -21.75 -11.47
C TYR A 242 -14.32 -21.15 -10.39
N ILE A 243 -14.59 -19.91 -9.99
CA ILE A 243 -13.71 -19.27 -9.02
C ILE A 243 -14.11 -19.61 -7.59
N ASP A 244 -15.40 -19.70 -7.32
CA ASP A 244 -15.89 -19.93 -5.96
C ASP A 244 -15.55 -21.33 -5.49
N GLU A 245 -15.52 -22.29 -6.39
CA GLU A 245 -15.14 -23.64 -6.00
C GLU A 245 -13.67 -23.74 -5.68
N LYS A 246 -12.82 -23.01 -6.39
CA LYS A 246 -11.42 -23.00 -6.05
C LYS A 246 -11.18 -22.28 -4.74
N LEU A 247 -11.96 -21.23 -4.45
CA LEU A 247 -11.78 -20.54 -3.19
C LEU A 247 -12.35 -21.33 -2.02
N LYS A 248 -13.28 -22.24 -2.29
CA LYS A 248 -13.91 -22.96 -1.20
C LYS A 248 -13.02 -24.08 -0.69
N ILE A 249 -12.38 -24.83 -1.58
CA ILE A 249 -11.61 -26.00 -1.18
C ILE A 249 -10.10 -25.75 -1.24
N LYS A 250 -9.70 -24.47 -1.23
CA LYS A 250 -8.29 -24.12 -1.29
C LYS A 250 -7.55 -24.60 -0.03
N GLY A 251 -8.17 -24.46 1.13
CA GLY A 251 -7.50 -24.85 2.36
C GLY A 251 -7.52 -26.34 2.59
N ILE A 252 -8.55 -27.03 2.11
CA ILE A 252 -8.69 -28.44 2.46
C ILE A 252 -7.82 -29.32 1.58
N GLY A 253 -7.48 -28.89 0.38
CA GLY A 253 -6.61 -29.67 -0.45
C GLY A 253 -5.14 -29.43 -0.23
N ARG A 254 -4.79 -28.60 0.74
CA ARG A 254 -3.41 -28.34 1.09
C ARG A 254 -3.07 -28.71 2.52
N SER A 255 -4.06 -28.79 3.40
CA SER A 255 -3.83 -29.06 4.81
C SER A 255 -3.76 -30.54 5.13
N TRP A 256 -3.33 -31.36 4.18
CA TRP A 256 -3.27 -32.80 4.37
C TRP A 256 -1.86 -33.31 4.63
N TYR A 257 -0.83 -32.51 4.36
CA TYR A 257 0.53 -33.03 4.34
C TYR A 257 1.05 -33.37 5.72
N GLN A 258 0.47 -32.77 6.75
CA GLN A 258 0.91 -33.03 8.11
C GLN A 258 0.58 -34.44 8.56
N GLU A 259 -0.56 -34.96 8.10
CA GLU A 259 -0.95 -36.32 8.44
C GLU A 259 -0.04 -37.35 7.77
N ALA A 260 0.31 -37.13 6.51
CA ALA A 260 1.22 -38.04 5.84
C ALA A 260 2.61 -37.95 6.43
N LEU A 261 3.02 -36.75 6.83
CA LEU A 261 4.32 -36.58 7.46
C LEU A 261 4.35 -37.24 8.83
N HIS A 262 3.20 -37.34 9.49
CA HIS A 262 3.10 -38.19 10.66
C HIS A 262 3.20 -39.66 10.28
N ASN A 263 2.56 -40.06 9.19
CA ASN A 263 2.47 -41.47 8.84
C ASN A 263 3.79 -42.06 8.37
N VAL A 264 4.71 -41.24 7.87
CA VAL A 264 6.02 -41.81 7.53
C VAL A 264 6.86 -42.05 8.77
N GLY A 265 6.47 -41.51 9.91
CA GLY A 265 7.06 -41.89 11.18
C GLY A 265 8.44 -41.34 11.42
N ARG A 266 9.43 -41.84 10.67
CA ARG A 266 10.81 -41.46 10.87
C ARG A 266 11.43 -41.06 9.55
N ALA A 267 12.12 -39.92 9.54
CA ALA A 267 12.84 -39.48 8.37
C ALA A 267 14.24 -39.07 8.80
N THR A 268 15.15 -39.07 7.84
CA THR A 268 16.54 -38.69 8.06
C THR A 268 16.81 -37.35 7.38
N VAL A 269 17.00 -36.32 8.20
CA VAL A 269 17.04 -34.94 7.72
C VAL A 269 18.38 -34.34 8.11
N PRO A 270 18.85 -33.32 7.41
CA PRO A 270 20.06 -32.64 7.84
C PRO A 270 19.81 -31.65 8.97
N VAL A 271 20.90 -31.19 9.58
CA VAL A 271 20.87 -30.31 10.74
C VAL A 271 21.66 -29.05 10.43
N TRP A 272 21.04 -27.89 10.61
CA TRP A 272 21.65 -26.60 10.36
C TRP A 272 22.30 -26.03 11.62
N SER A 273 23.16 -25.04 11.42
CA SER A 273 23.81 -24.32 12.50
C SER A 273 23.12 -23.00 12.77
N GLN A 274 23.63 -22.32 13.78
CA GLN A 274 23.23 -20.94 14.02
C GLN A 274 23.71 -20.06 12.87
N PHE A 275 24.94 -20.28 12.43
CA PHE A 275 25.62 -19.41 11.46
C PHE A 275 25.49 -19.93 10.04
N ASN A 276 24.27 -20.30 9.63
CA ASN A 276 23.89 -20.57 8.24
C ASN A 276 24.74 -21.64 7.56
N GLU A 277 24.94 -22.77 8.23
CA GLU A 277 25.80 -23.79 7.66
C GLU A 277 25.37 -25.17 8.12
N VAL A 278 25.43 -26.14 7.22
CA VAL A 278 25.01 -27.49 7.52
C VAL A 278 26.10 -28.20 8.28
N ILE A 279 25.75 -28.83 9.41
CA ILE A 279 26.69 -29.70 10.11
C ILE A 279 26.51 -31.15 9.71
N GLY A 280 25.36 -31.73 10.01
CA GLY A 280 25.22 -33.16 9.87
C GLY A 280 23.78 -33.55 9.68
N HIS A 281 23.57 -34.84 9.55
CA HIS A 281 22.24 -35.41 9.39
C HIS A 281 21.92 -36.27 10.60
N ARG A 282 20.64 -36.36 10.92
CA ARG A 282 20.18 -37.24 11.98
C ARG A 282 18.81 -37.78 11.59
N THR A 283 18.36 -38.78 12.32
CA THR A 283 17.11 -39.46 12.04
C THR A 283 16.16 -39.19 13.20
N LYS A 284 15.31 -38.20 13.03
CA LYS A 284 14.33 -37.85 14.05
C LYS A 284 13.00 -38.50 13.74
N THR A 285 12.20 -38.71 14.77
CA THR A 285 10.83 -39.10 14.53
C THR A 285 10.04 -37.90 14.02
N THR A 286 8.98 -38.18 13.27
CA THR A 286 8.14 -37.14 12.71
C THR A 286 6.71 -37.25 13.19
N SER A 287 6.49 -37.90 14.32
CA SER A 287 5.14 -38.04 14.86
C SER A 287 4.68 -36.72 15.44
N GLU A 288 3.47 -36.30 15.07
CA GLU A 288 2.88 -35.09 15.63
C GLU A 288 2.48 -35.33 17.08
N PRO A 289 2.37 -34.28 17.90
CA PRO A 289 1.93 -34.47 19.29
C PRO A 289 0.47 -34.91 19.42
N HIS A 290 0.04 -35.19 20.66
CA HIS A 290 -1.26 -35.82 20.88
C HIS A 290 -2.41 -34.86 20.59
N PHE A 291 -2.21 -33.56 20.81
CA PHE A 291 -3.31 -32.62 20.68
C PHE A 291 -3.56 -32.24 19.22
N VAL A 292 -2.51 -32.32 18.40
CA VAL A 292 -2.66 -32.06 16.97
C VAL A 292 -3.49 -33.16 16.31
N SER A 293 -3.31 -34.41 16.75
CA SER A 293 -3.98 -35.55 16.15
C SER A 293 -5.49 -35.56 16.36
N SER A 294 -6.02 -34.69 17.21
CA SER A 294 -7.46 -34.54 17.34
C SER A 294 -8.07 -33.69 16.24
N THR A 295 -7.24 -33.03 15.42
CA THR A 295 -7.77 -32.25 14.31
C THR A 295 -7.92 -33.06 13.04
N PHE A 296 -7.19 -34.19 12.94
CA PHE A 296 -7.20 -35.00 11.74
C PHE A 296 -8.57 -35.61 11.48
N ILE A 297 -9.34 -35.84 12.53
CA ILE A 297 -10.69 -36.39 12.39
C ILE A 297 -11.61 -35.39 11.70
N SER A 298 -11.58 -34.13 12.16
CA SER A 298 -12.41 -33.09 11.56
C SER A 298 -11.97 -32.80 10.14
N LEU A 299 -10.66 -32.78 9.89
CA LEU A 299 -10.18 -32.55 8.53
C LEU A 299 -10.52 -33.71 7.61
N ARG A 300 -10.52 -34.94 8.13
CA ARG A 300 -10.83 -36.10 7.29
C ARG A 300 -12.30 -36.12 6.92
N ALA A 301 -13.19 -35.83 7.88
CA ALA A 301 -14.61 -35.74 7.57
C ALA A 301 -14.91 -34.58 6.62
N LYS A 302 -14.24 -33.44 6.80
CA LYS A 302 -14.48 -32.29 5.95
C LYS A 302 -14.00 -32.52 4.53
N ARG A 303 -12.83 -33.15 4.36
CA ARG A 303 -12.37 -33.46 3.01
C ARG A 303 -13.14 -34.60 2.40
N ALA A 304 -13.81 -35.42 3.20
CA ALA A 304 -14.68 -36.42 2.60
C ALA A 304 -15.97 -35.80 2.13
N GLU A 305 -16.48 -34.78 2.82
CA GLU A 305 -17.77 -34.23 2.46
C GLU A 305 -17.73 -33.08 1.45
N LEU A 306 -16.60 -32.37 1.32
CA LEU A 306 -16.58 -31.29 0.33
C LEU A 306 -15.92 -31.65 -0.98
N LEU A 307 -14.91 -32.50 -0.97
CA LEU A 307 -13.99 -32.60 -2.10
C LEU A 307 -14.56 -33.45 -3.23
N TYR A 308 -13.78 -33.53 -4.30
CA TYR A 308 -14.08 -34.33 -5.49
C TYR A 308 -13.55 -35.76 -5.29
N PRO A 309 -14.29 -36.77 -5.74
CA PRO A 309 -13.88 -38.15 -5.43
C PRO A 309 -12.59 -38.63 -6.08
N GLU A 310 -12.25 -38.18 -7.29
CA GLU A 310 -10.93 -38.53 -7.83
C GLU A 310 -9.83 -37.86 -7.02
N PHE A 311 -10.01 -36.58 -6.70
CA PHE A 311 -9.03 -35.87 -5.89
C PHE A 311 -8.98 -36.40 -4.47
N ASN A 312 -10.11 -36.89 -3.96
CA ASN A 312 -10.12 -37.48 -2.62
C ASN A 312 -9.40 -38.81 -2.60
N GLU A 313 -9.61 -39.63 -3.65
CA GLU A 313 -8.87 -40.90 -3.70
C GLU A 313 -7.39 -40.66 -3.94
N TYR A 314 -7.04 -39.58 -4.64
CA TYR A 314 -5.63 -39.24 -4.77
C TYR A 314 -5.04 -38.78 -3.45
N ILE A 315 -5.84 -38.07 -2.63
CA ILE A 315 -5.30 -37.58 -1.36
C ILE A 315 -5.15 -38.73 -0.38
N ASN A 316 -6.00 -39.74 -0.51
CA ASN A 316 -5.85 -40.90 0.36
C ASN A 316 -4.74 -41.81 -0.14
N ARG A 317 -4.50 -41.79 -1.46
CA ARG A 317 -3.33 -42.46 -2.02
C ARG A 317 -2.05 -41.86 -1.49
N ALA A 318 -2.01 -40.53 -1.41
CA ALA A 318 -0.82 -39.86 -0.91
C ALA A 318 -0.63 -40.09 0.58
N LEU A 319 -1.73 -40.22 1.33
CA LEU A 319 -1.60 -40.57 2.75
C LEU A 319 -1.09 -41.99 2.93
N ARG A 320 -1.60 -42.95 2.17
CA ARG A 320 -1.25 -44.34 2.43
C ARG A 320 0.13 -44.69 1.87
N LEU A 321 0.42 -44.29 0.64
CA LEU A 321 1.53 -44.85 -0.12
C LEU A 321 2.82 -44.04 -0.03
N SER A 322 3.07 -43.37 1.09
CA SER A 322 4.32 -42.64 1.26
C SER A 322 5.26 -43.37 2.19
N LYS A 323 6.55 -43.25 1.93
CA LYS A 323 7.54 -43.98 2.73
C LYS A 323 8.57 -43.04 3.34
N THR A 324 8.97 -42.01 2.60
CA THR A 324 9.96 -41.05 3.06
C THR A 324 9.31 -39.67 3.15
N GLN A 325 10.14 -38.67 3.45
CA GLN A 325 9.67 -37.31 3.45
C GLN A 325 9.45 -36.79 2.03
N ASN A 326 10.31 -37.23 1.11
CA ASN A 326 10.27 -36.71 -0.24
C ASN A 326 9.05 -37.15 -1.01
N ASP A 327 8.45 -38.28 -0.64
CA ASP A 327 7.16 -38.67 -1.19
C ASP A 327 6.10 -37.64 -0.81
N VAL A 328 6.12 -37.18 0.43
CA VAL A 328 5.18 -36.17 0.87
C VAL A 328 5.47 -34.84 0.21
N ALA A 329 6.74 -34.52 -0.04
CA ALA A 329 7.09 -33.28 -0.71
C ALA A 329 6.61 -33.25 -2.15
N ASN A 330 6.82 -34.37 -2.86
CA ASN A 330 6.38 -34.46 -4.25
C ASN A 330 4.86 -34.47 -4.35
N TYR A 331 4.18 -35.20 -3.47
CA TYR A 331 2.72 -35.22 -3.50
C TYR A 331 2.13 -33.89 -3.08
N TYR A 332 2.82 -33.16 -2.20
CA TYR A 332 2.38 -31.82 -1.86
C TYR A 332 2.49 -30.90 -3.06
N ALA A 333 3.58 -31.02 -3.82
CA ALA A 333 3.73 -30.21 -5.03
C ALA A 333 2.66 -30.53 -6.04
N ALA A 334 2.31 -31.81 -6.18
CA ALA A 334 1.28 -32.20 -7.13
C ALA A 334 -0.09 -31.69 -6.72
N CYS A 335 -0.41 -31.73 -5.43
CA CYS A 335 -1.71 -31.21 -5.02
C CYS A 335 -1.76 -29.69 -5.04
N ARG A 336 -0.61 -29.03 -4.86
CA ARG A 336 -0.54 -27.60 -5.14
C ARG A 336 -0.86 -27.30 -6.59
N ALA A 337 -0.32 -28.09 -7.52
CA ALA A 337 -0.62 -27.83 -8.92
C ALA A 337 -2.01 -28.28 -9.33
N MET A 338 -2.64 -29.15 -8.54
CA MET A 338 -4.02 -29.51 -8.82
C MET A 338 -5.01 -28.51 -8.25
N THR A 339 -4.68 -27.83 -7.17
CA THR A 339 -5.67 -26.94 -6.57
C THR A 339 -5.51 -25.49 -6.97
N ASN A 340 -4.32 -25.05 -7.36
CA ASN A 340 -4.12 -23.67 -7.76
C ASN A 340 -4.25 -23.54 -9.26
N ASP A 341 -4.83 -22.43 -9.70
CA ASP A 341 -5.00 -22.15 -11.11
C ASP A 341 -3.81 -21.38 -11.67
N GLY A 342 -3.28 -20.43 -10.90
CA GLY A 342 -2.27 -19.52 -11.39
C GLY A 342 -2.83 -18.27 -12.02
N THR A 343 -4.05 -18.32 -12.54
CA THR A 343 -4.67 -17.14 -13.12
C THR A 343 -5.02 -16.13 -12.03
N PHE A 344 -4.98 -14.86 -12.39
CA PHE A 344 -5.45 -13.82 -11.48
C PHE A 344 -6.98 -13.85 -11.41
N LEU A 345 -7.51 -13.42 -10.28
CA LEU A 345 -8.92 -13.55 -9.97
C LEU A 345 -9.56 -12.16 -10.01
N ALA A 346 -10.50 -11.95 -10.91
CA ALA A 346 -11.02 -10.62 -11.15
C ALA A 346 -12.47 -10.65 -11.58
N THR A 347 -13.28 -9.78 -10.97
CA THR A 347 -14.59 -9.41 -11.46
C THR A 347 -14.78 -7.92 -11.26
N LEU A 348 -16.04 -7.50 -11.37
CA LEU A 348 -16.43 -6.14 -11.04
C LEU A 348 -16.17 -5.86 -9.56
N THR A 349 -15.93 -4.60 -9.25
CA THR A 349 -15.58 -4.23 -7.88
C THR A 349 -16.75 -4.44 -6.93
N GLU A 350 -17.97 -4.19 -7.42
CA GLU A 350 -19.14 -4.16 -6.57
C GLU A 350 -19.49 -5.54 -6.03
N LEU A 351 -19.15 -6.59 -6.76
CA LEU A 351 -19.45 -7.94 -6.29
C LEU A 351 -18.56 -8.33 -5.13
N SER A 352 -17.25 -8.21 -5.31
CA SER A 352 -16.30 -8.58 -4.26
C SER A 352 -16.15 -7.52 -3.20
N LEU A 353 -16.89 -6.41 -3.28
CA LEU A 353 -16.75 -5.37 -2.27
C LEU A 353 -17.31 -5.80 -0.92
N ASP A 354 -18.34 -6.66 -0.90
CA ASP A 354 -18.84 -7.15 0.38
C ASP A 354 -17.83 -8.06 1.06
N ALA A 355 -17.42 -9.12 0.38
CA ALA A 355 -16.51 -10.07 1.00
C ALA A 355 -15.07 -9.57 1.08
N ALA A 356 -14.77 -8.40 0.51
CA ALA A 356 -13.40 -7.92 0.52
C ALA A 356 -13.10 -6.96 1.67
N VAL A 357 -14.01 -6.04 1.96
CA VAL A 357 -13.69 -4.87 2.76
C VAL A 357 -14.69 -4.59 3.86
N PHE A 358 -15.76 -5.37 3.97
CA PHE A 358 -16.80 -5.07 4.95
C PHE A 358 -16.32 -5.41 6.35
N PRO A 359 -16.48 -4.51 7.32
CA PRO A 359 -15.99 -4.77 8.67
C PRO A 359 -16.85 -5.79 9.38
N ARG A 360 -16.20 -6.71 10.08
CA ARG A 360 -16.90 -7.76 10.80
C ARG A 360 -16.41 -7.80 12.23
N ILE A 361 -17.22 -8.43 13.08
CA ILE A 361 -16.96 -8.51 14.52
C ILE A 361 -16.88 -9.98 14.90
N GLU A 362 -15.85 -10.32 15.68
CA GLU A 362 -15.55 -11.67 16.13
C GLU A 362 -15.69 -11.70 17.66
N GLN A 363 -15.18 -12.79 18.26
CA GLN A 363 -15.50 -13.30 19.59
C GLN A 363 -15.79 -12.28 20.70
N ARG A 364 -14.87 -11.35 20.94
CA ARG A 364 -15.01 -10.43 22.05
C ARG A 364 -14.97 -9.00 21.56
N LEU A 365 -15.41 -8.08 22.41
CA LEU A 365 -15.29 -6.68 22.11
C LEU A 365 -14.07 -6.09 22.80
N VAL A 366 -13.66 -4.92 22.33
CA VAL A 366 -12.53 -4.20 22.88
C VAL A 366 -13.08 -2.93 23.52
N THR A 367 -12.56 -2.60 24.70
CA THR A 367 -13.09 -1.51 25.51
C THR A 367 -12.15 -0.29 25.45
N ARG A 368 -12.54 0.77 26.17
CA ARG A 368 -11.79 2.01 26.07
C ARG A 368 -10.89 2.20 27.28
N PRO A 369 -9.78 2.93 27.14
CA PRO A 369 -8.99 3.31 28.30
C PRO A 369 -9.49 4.62 28.90
N ALA A 370 -9.22 4.80 30.19
CA ALA A 370 -9.68 5.98 30.89
C ALA A 370 -8.87 7.20 30.47
N VAL A 371 -9.55 8.32 30.28
CA VAL A 371 -8.95 9.53 29.74
C VAL A 371 -8.40 10.37 30.90
N LEU A 372 -7.08 10.51 30.96
CA LEU A 372 -6.48 11.28 32.04
C LEU A 372 -6.47 12.77 31.72
N MET A 373 -6.17 13.14 30.48
CA MET A 373 -5.97 14.52 30.09
C MET A 373 -6.74 14.79 28.81
N SER A 374 -7.48 15.89 28.78
CA SER A 374 -8.50 16.05 27.75
C SER A 374 -8.48 17.44 27.17
N ASN A 375 -8.67 17.52 25.86
CA ASN A 375 -8.72 18.77 25.12
C ASN A 375 -10.02 19.52 25.46
N THR A 376 -10.09 20.79 25.04
CA THR A 376 -11.27 21.60 25.29
C THR A 376 -12.48 21.08 24.51
N ARG A 377 -12.25 20.42 23.37
CA ARG A 377 -13.29 19.75 22.63
C ARG A 377 -13.53 18.33 23.12
N HIS A 378 -13.00 18.00 24.29
CA HIS A 378 -13.03 16.67 24.93
C HIS A 378 -12.38 15.58 24.07
N GLU A 379 -11.48 15.96 23.17
CA GLU A 379 -10.64 14.99 22.50
C GLU A 379 -9.58 14.50 23.49
N SER A 380 -9.30 13.20 23.46
CA SER A 380 -8.38 12.64 24.43
C SER A 380 -6.94 12.99 24.09
N LEU A 381 -6.19 13.42 25.09
CA LEU A 381 -4.76 13.67 24.93
C LEU A 381 -3.90 12.60 25.57
N LYS A 382 -4.08 12.34 26.86
CA LYS A 382 -3.33 11.30 27.55
C LYS A 382 -4.31 10.34 28.20
N GLN A 383 -4.09 9.04 28.00
CA GLN A 383 -5.02 8.03 28.46
C GLN A 383 -4.28 6.75 28.78
N LYS A 384 -4.95 5.87 29.53
CA LYS A 384 -4.29 4.70 30.08
C LYS A 384 -5.34 3.65 30.39
N TYR A 385 -4.98 2.39 30.18
CA TYR A 385 -5.90 1.27 30.42
C TYR A 385 -5.96 0.89 31.88
N ALA A 386 -7.12 0.37 32.29
CA ALA A 386 -7.28 -0.15 33.64
C ALA A 386 -6.95 -1.64 33.70
N ASN A 387 -7.67 -2.45 32.92
CA ASN A 387 -7.34 -3.86 32.77
C ASN A 387 -7.99 -4.36 31.48
N GLY A 388 -7.26 -5.17 30.75
CA GLY A 388 -7.72 -5.70 29.48
C GLY A 388 -6.55 -5.94 28.56
N VAL A 389 -6.85 -6.18 27.28
CA VAL A 389 -5.79 -6.44 26.32
C VAL A 389 -5.00 -5.18 26.01
N GLY A 390 -5.64 -4.02 26.15
CA GLY A 390 -4.90 -2.77 26.04
C GLY A 390 -3.90 -2.59 27.16
N SER A 391 -4.26 -3.03 28.37
CA SER A 391 -3.31 -3.04 29.47
C SER A 391 -2.17 -4.00 29.19
N ILE A 392 -2.46 -5.12 28.55
CA ILE A 392 -1.44 -6.12 28.24
C ILE A 392 -0.45 -5.58 27.21
N ALA A 393 -0.93 -4.85 26.21
CA ALA A 393 -0.01 -4.28 25.23
C ALA A 393 0.76 -3.09 25.79
N GLN A 394 0.10 -2.24 26.58
CA GLN A 394 0.78 -1.08 27.10
C GLN A 394 1.76 -1.41 28.21
N SER A 395 1.56 -2.55 28.89
CA SER A 395 2.53 -3.02 29.88
C SER A 395 3.84 -3.46 29.25
N TYR A 396 3.86 -3.69 27.94
CA TYR A 396 5.09 -3.94 27.22
C TYR A 396 5.62 -2.71 26.50
N LEU A 397 4.74 -1.88 25.96
CA LEU A 397 5.22 -0.75 25.16
C LEU A 397 5.59 0.48 26.00
N SER A 398 5.15 0.54 27.26
CA SER A 398 5.51 1.67 28.10
C SER A 398 6.98 1.65 28.51
N SER A 399 7.65 0.52 28.36
CA SER A 399 9.10 0.51 28.51
C SER A 399 9.76 1.16 27.30
N PHE A 400 9.20 0.96 26.13
CA PHE A 400 9.81 1.43 24.89
C PHE A 400 9.47 2.87 24.55
N THR A 401 8.53 3.49 25.27
CA THR A 401 8.20 4.90 24.99
C THR A 401 9.40 5.84 25.14
N ASP A 402 10.23 5.61 26.13
CA ASP A 402 11.20 6.63 26.56
C ASP A 402 12.37 6.77 25.60
N GLU A 403 12.83 5.66 24.99
CA GLU A 403 13.93 5.78 24.05
C GLU A 403 13.47 6.29 22.69
N ILE A 404 12.25 5.91 22.30
CA ILE A 404 11.67 6.39 21.04
C ILE A 404 11.39 7.89 21.12
N ALA A 405 11.04 8.39 22.31
CA ALA A 405 10.89 9.84 22.48
C ALA A 405 12.20 10.58 22.28
N LYS A 406 13.33 9.95 22.58
CA LYS A 406 14.61 10.56 22.29
C LYS A 406 14.94 10.46 20.81
N ARG A 407 14.55 9.36 20.16
CA ARG A 407 14.92 9.18 18.77
C ARG A 407 14.10 10.07 17.84
N VAL A 408 12.85 10.36 18.19
CA VAL A 408 11.98 11.16 17.32
C VAL A 408 12.46 12.61 17.25
N ASN A 409 13.10 13.10 18.31
CA ASN A 409 13.49 14.51 18.40
C ASN A 409 14.53 14.89 17.35
N GLY A 410 15.41 13.96 17.02
CA GLY A 410 16.51 14.27 16.12
C GLY A 410 16.21 14.05 14.66
N ILE A 411 14.95 14.20 14.26
CA ILE A 411 14.54 14.07 12.87
C ILE A 411 13.84 15.34 12.46
N HIS A 412 14.38 16.01 11.44
CA HIS A 412 13.68 17.17 10.86
C HIS A 412 12.55 16.63 10.00
N HIS A 413 11.32 16.92 10.39
CA HIS A 413 10.19 16.15 9.87
C HIS A 413 9.60 16.72 8.58
N ASP A 414 9.88 17.97 8.24
CA ASP A 414 9.39 18.49 6.97
C ASP A 414 10.19 17.92 5.80
N GLU A 415 11.51 17.87 5.94
CA GLU A 415 12.32 17.24 4.91
C GLU A 415 12.06 15.74 4.83
N ALA A 416 11.75 15.12 5.97
CA ALA A 416 11.33 13.72 5.99
C ALA A 416 10.00 13.55 5.27
N TRP A 417 9.09 14.51 5.41
CA TRP A 417 7.85 14.48 4.67
C TRP A 417 8.08 14.59 3.17
N LEU A 418 9.00 15.46 2.76
CA LEU A 418 9.29 15.58 1.32
C LEU A 418 9.93 14.31 0.77
N ASN A 419 10.84 13.71 1.53
CA ASN A 419 11.51 12.52 1.03
C ASN A 419 10.59 11.31 1.05
N PHE A 420 9.54 11.33 1.88
CA PHE A 420 8.49 10.33 1.77
C PHE A 420 7.54 10.65 0.63
N LEU A 421 7.36 11.94 0.34
CA LEU A 421 6.37 12.37 -0.63
C LEU A 421 6.93 12.27 -2.05
N THR A 422 8.22 11.93 -2.16
CA THR A 422 8.93 11.55 -3.37
C THR A 422 8.14 10.61 -4.29
N THR A 423 7.37 9.69 -3.70
CA THR A 423 6.59 8.73 -4.48
C THR A 423 5.51 9.41 -5.31
N SER A 424 5.47 9.09 -6.60
CA SER A 424 4.47 9.63 -7.52
C SER A 424 3.22 8.75 -7.50
N SER A 425 2.08 9.39 -7.33
CA SER A 425 0.80 8.72 -7.06
C SER A 425 -0.31 9.75 -7.25
N PRO A 426 -1.55 9.33 -7.52
CA PRO A 426 -2.60 10.32 -7.81
C PRO A 426 -3.00 11.25 -6.66
N GLY A 427 -3.54 10.70 -5.59
CA GLY A 427 -4.15 11.54 -4.59
C GLY A 427 -5.47 12.17 -5.00
N ARG A 428 -5.47 13.47 -5.22
CA ARG A 428 -6.68 14.27 -5.43
C ARG A 428 -6.86 14.60 -6.91
N LYS A 429 -8.11 14.77 -7.32
CA LYS A 429 -8.46 15.30 -8.63
C LYS A 429 -8.79 16.79 -8.51
N LEU A 430 -8.25 17.58 -9.44
CA LEU A 430 -8.44 19.03 -9.43
C LEU A 430 -9.89 19.41 -9.75
N THR A 431 -10.26 20.63 -9.38
CA THR A 431 -11.53 21.18 -9.78
C THR A 431 -11.33 22.05 -11.01
N GLU A 432 -12.38 22.78 -11.39
CA GLU A 432 -12.36 23.52 -12.65
C GLU A 432 -11.60 24.84 -12.53
N ILE A 433 -11.67 25.50 -11.38
CA ILE A 433 -11.11 26.84 -11.24
C ILE A 433 -9.58 26.80 -11.26
N GLU A 434 -8.97 25.75 -10.73
CA GLU A 434 -7.51 25.66 -10.77
C GLU A 434 -7.00 25.35 -12.16
N LYS A 435 -7.82 24.69 -12.98
CA LYS A 435 -7.43 24.40 -14.36
C LYS A 435 -7.37 25.67 -15.20
N LEU A 436 -8.12 26.71 -14.83
CA LEU A 436 -7.98 28.00 -15.49
C LEU A 436 -7.03 28.92 -14.74
N GLU A 437 -6.88 28.72 -13.42
CA GLU A 437 -5.97 29.58 -12.66
C GLU A 437 -4.53 29.13 -12.81
N VAL A 438 -4.38 27.86 -13.20
CA VAL A 438 -3.08 27.22 -13.44
C VAL A 438 -3.10 26.70 -14.89
N GLY A 439 -1.94 26.59 -15.53
CA GLY A 439 -1.91 26.19 -16.92
C GLY A 439 -2.60 24.85 -17.13
N GLY A 440 -3.12 24.67 -18.34
CA GLY A 440 -3.77 23.42 -18.68
C GLY A 440 -2.80 22.27 -18.79
N ASP A 441 -1.53 22.57 -19.11
CA ASP A 441 -0.51 21.54 -19.09
C ASP A 441 -0.19 21.10 -17.67
N VAL A 442 -0.24 22.04 -16.72
CA VAL A 442 -0.07 21.71 -15.32
C VAL A 442 -1.21 20.83 -14.84
N ALA A 443 -2.44 21.16 -15.27
CA ALA A 443 -3.59 20.30 -14.99
C ALA A 443 -3.46 18.94 -15.66
N ALA A 444 -2.73 18.87 -16.79
CA ALA A 444 -2.49 17.59 -17.44
C ALA A 444 -1.54 16.73 -16.62
N TRP A 445 -0.36 17.27 -16.28
CA TRP A 445 0.57 16.47 -15.48
C TRP A 445 0.31 16.56 -13.98
N SER A 446 -0.88 16.98 -13.54
CA SER A 446 -1.27 16.97 -12.14
C SER A 446 -1.71 15.60 -11.62
N ASN A 447 -1.33 14.50 -12.26
CA ASN A 447 -1.69 13.18 -11.76
C ASN A 447 -0.67 12.64 -10.77
N SER A 448 0.30 13.43 -10.34
CA SER A 448 1.34 12.95 -9.45
C SER A 448 1.26 13.60 -8.07
N ARG A 449 1.73 12.86 -7.07
CA ARG A 449 1.59 13.31 -5.69
C ARG A 449 2.59 14.40 -5.35
N ILE A 450 3.76 14.38 -5.99
CA ILE A 450 4.74 15.44 -5.76
C ILE A 450 4.33 16.72 -6.49
N VAL A 451 3.67 16.60 -7.64
CA VAL A 451 3.27 17.78 -8.40
C VAL A 451 2.07 18.44 -7.73
N MET A 452 1.20 17.63 -7.12
CA MET A 452 0.04 18.17 -6.40
C MET A 452 0.48 19.00 -5.20
N GLN A 453 1.48 18.53 -4.48
CA GLN A 453 2.02 19.30 -3.37
C GLN A 453 2.78 20.52 -3.86
N ALA A 454 3.46 20.42 -5.01
CA ALA A 454 4.12 21.60 -5.56
C ALA A 454 3.12 22.66 -5.98
N VAL A 455 1.94 22.25 -6.46
CA VAL A 455 0.91 23.22 -6.80
C VAL A 455 0.35 23.87 -5.55
N PHE A 456 -0.12 23.06 -4.59
CA PHE A 456 -0.75 23.61 -3.39
C PHE A 456 0.24 23.88 -2.26
N ALA A 457 1.52 24.10 -2.57
CA ALA A 457 2.53 24.35 -1.54
C ALA A 457 2.40 25.70 -0.85
N ARG A 458 1.50 26.58 -1.29
CA ARG A 458 1.37 27.87 -0.64
C ARG A 458 0.55 27.82 0.64
N GLU A 459 -0.06 26.69 0.95
CA GLU A 459 -0.90 26.57 2.14
C GLU A 459 -0.48 25.40 3.01
N TYR A 460 0.79 25.00 2.91
CA TYR A 460 1.32 23.89 3.70
C TYR A 460 1.34 24.22 5.18
N ARG A 461 1.53 25.49 5.53
CA ARG A 461 1.56 25.91 6.92
C ARG A 461 0.22 26.43 7.40
N THR A 462 -0.84 26.26 6.62
CA THR A 462 -2.16 26.74 7.00
C THR A 462 -2.98 25.64 7.62
N PRO A 463 -3.54 25.82 8.83
CA PRO A 463 -4.24 24.72 9.49
C PRO A 463 -5.60 24.40 8.90
N GLU A 464 -6.13 25.25 8.02
CA GLU A 464 -7.46 25.06 7.50
C GLU A 464 -7.55 23.91 6.50
N ARG A 465 -6.42 23.52 5.89
CA ARG A 465 -6.47 22.49 4.85
C ARG A 465 -6.78 21.11 5.43
N ILE A 466 -6.47 20.90 6.70
CA ILE A 466 -6.76 19.61 7.33
C ILE A 466 -8.26 19.48 7.57
N PHE A 467 -8.90 20.57 7.98
CA PHE A 467 -10.35 20.58 8.09
C PHE A 467 -11.00 20.54 6.71
N LYS A 468 -10.29 21.03 5.69
CA LYS A 468 -10.80 20.99 4.33
C LYS A 468 -10.74 19.59 3.73
N SER A 469 -9.80 18.75 4.18
CA SER A 469 -9.64 17.43 3.58
C SER A 469 -10.74 16.47 3.97
N LEU A 470 -11.44 16.73 5.08
CA LEU A 470 -12.48 15.83 5.53
C LEU A 470 -13.70 15.85 4.63
N LYS A 471 -13.92 16.93 3.88
CA LYS A 471 -15.05 16.98 2.96
C LYS A 471 -14.86 16.05 1.78
N ALA A 472 -13.62 15.85 1.35
CA ALA A 472 -13.37 14.96 0.23
C ALA A 472 -13.54 13.50 0.65
N PRO A 473 -14.05 12.65 -0.23
CA PRO A 473 -14.18 11.22 0.09
C PRO A 473 -12.84 10.50 -0.11
N ILE A 474 -12.86 9.21 0.12
CA ILE A 474 -11.68 8.37 -0.05
C ILE A 474 -11.98 7.38 -1.16
N LYS A 475 -11.37 7.61 -2.33
CA LYS A 475 -11.66 6.80 -3.50
C LYS A 475 -11.01 5.43 -3.36
N LEU A 476 -11.79 4.39 -3.69
CA LEU A 476 -11.35 3.01 -3.62
C LEU A 476 -10.55 2.64 -4.87
N VAL A 477 -9.70 1.62 -4.73
CA VAL A 477 -8.90 1.13 -5.85
C VAL A 477 -8.73 -0.37 -5.72
N GLU A 478 -9.04 -1.10 -6.79
CA GLU A 478 -9.03 -2.55 -6.79
C GLU A 478 -7.66 -3.10 -7.16
N ARG A 479 -7.38 -4.31 -6.70
CA ARG A 479 -6.16 -5.02 -7.03
C ARG A 479 -6.48 -6.47 -7.30
N GLN A 480 -5.70 -7.09 -8.18
CA GLN A 480 -5.73 -8.52 -8.35
C GLN A 480 -4.46 -9.15 -7.80
N GLN A 481 -4.56 -10.44 -7.50
CA GLN A 481 -3.46 -11.26 -7.07
C GLN A 481 -3.89 -12.71 -7.29
N SER A 482 -2.92 -13.54 -7.64
CA SER A 482 -3.26 -14.93 -7.92
C SER A 482 -3.53 -15.67 -6.62
N ASP A 483 -4.46 -16.62 -6.70
CA ASP A 483 -4.81 -17.58 -5.64
C ASP A 483 -5.38 -16.90 -4.40
N ARG A 484 -5.86 -15.65 -4.52
CA ARG A 484 -6.47 -14.94 -3.41
C ARG A 484 -7.66 -14.16 -3.93
N ARG A 485 -8.43 -13.57 -3.02
CA ARG A 485 -9.58 -12.78 -3.42
C ARG A 485 -9.14 -11.47 -4.05
N GLN A 486 -10.10 -10.79 -4.68
CA GLN A 486 -9.85 -9.45 -5.18
C GLN A 486 -9.84 -8.49 -4.00
N ARG A 487 -8.64 -8.17 -3.52
CA ARG A 487 -8.54 -7.26 -2.41
C ARG A 487 -8.75 -5.83 -2.91
N ALA A 488 -9.71 -5.16 -2.30
CA ALA A 488 -10.01 -3.77 -2.62
C ALA A 488 -9.38 -2.89 -1.55
N ILE A 489 -8.26 -2.27 -1.89
CA ILE A 489 -7.51 -1.46 -0.95
C ILE A 489 -7.98 -0.01 -1.13
N SER A 490 -7.70 0.83 -0.14
CA SER A 490 -8.12 2.22 -0.20
C SER A 490 -6.98 3.10 -0.69
N GLY A 491 -7.36 4.26 -1.24
CA GLY A 491 -6.38 5.21 -1.72
C GLY A 491 -6.78 6.62 -1.40
N LEU A 492 -5.93 7.33 -0.67
CA LEU A 492 -6.28 8.63 -0.12
C LEU A 492 -5.33 9.71 -0.61
N ASP A 493 -5.78 10.95 -0.50
CA ASP A 493 -5.04 12.11 -0.96
C ASP A 493 -3.95 12.53 0.02
N ASN A 494 -3.44 13.75 -0.15
CA ASN A 494 -2.22 14.18 0.54
C ASN A 494 -2.43 14.34 2.04
N ASP A 495 -3.56 14.91 2.44
CA ASP A 495 -3.69 15.35 3.82
C ASP A 495 -4.13 14.23 4.75
N ARG A 496 -4.95 13.32 4.24
CA ARG A 496 -5.19 12.04 4.91
C ARG A 496 -3.89 11.30 5.17
N LEU A 497 -2.96 11.36 4.21
CA LEU A 497 -1.65 10.76 4.39
C LEU A 497 -0.81 11.56 5.37
N PHE A 498 -0.98 12.87 5.40
CA PHE A 498 -0.19 13.73 6.27
C PHE A 498 -0.56 13.57 7.72
N LEU A 499 -1.83 13.29 8.01
CA LEU A 499 -2.21 13.04 9.39
C LEU A 499 -1.63 11.74 9.90
N SER A 500 -1.47 10.74 9.03
CA SER A 500 -0.86 9.48 9.41
C SER A 500 0.64 9.45 9.18
N PHE A 501 1.29 10.60 9.11
CA PHE A 501 2.73 10.54 8.89
C PHE A 501 3.49 10.46 10.20
N MET A 502 3.12 11.28 11.16
CA MET A 502 3.73 11.25 12.48
C MET A 502 3.47 9.95 13.25
N PRO A 503 2.28 9.31 13.19
CA PRO A 503 2.20 7.94 13.76
C PRO A 503 3.09 6.94 13.07
N TYR A 504 3.27 7.05 11.75
CA TYR A 504 4.22 6.20 11.04
C TYR A 504 5.64 6.42 11.52
N THR A 505 6.02 7.68 11.73
CA THR A 505 7.39 7.97 12.16
C THR A 505 7.62 7.50 13.58
N ILE A 506 6.63 7.64 14.45
CA ILE A 506 6.78 7.24 15.85
C ILE A 506 6.83 5.74 15.97
N GLY A 507 5.93 5.03 15.31
CA GLY A 507 5.98 3.58 15.37
C GLY A 507 7.03 2.94 14.50
N LYS A 508 7.69 3.69 13.63
CA LYS A 508 8.77 3.14 12.84
C LYS A 508 9.96 2.78 13.69
N GLN A 509 10.16 3.49 14.80
CA GLN A 509 11.39 3.45 15.57
C GLN A 509 11.56 2.16 16.37
N ILE A 510 10.50 1.37 16.51
CA ILE A 510 10.54 0.19 17.37
C ILE A 510 11.40 -0.92 16.81
N TYR A 511 11.75 -0.87 15.53
CA TYR A 511 12.46 -1.97 14.91
C TYR A 511 13.92 -1.99 15.34
N ASP A 512 14.47 -0.81 15.65
CA ASP A 512 15.86 -0.74 16.07
C ASP A 512 16.06 -1.24 17.49
N LEU A 513 15.03 -1.17 18.32
CA LEU A 513 15.17 -1.52 19.72
C LEU A 513 14.86 -2.99 19.98
N ASN A 514 14.01 -3.59 19.16
CA ASN A 514 13.56 -4.96 19.36
C ASN A 514 13.70 -5.73 18.06
N ASP A 515 14.26 -6.93 18.14
CA ASP A 515 14.55 -7.69 16.93
C ASP A 515 13.33 -8.34 16.30
N ASN A 516 12.25 -8.52 17.05
CA ASN A 516 11.14 -9.35 16.58
C ASN A 516 10.29 -8.69 15.49
N ALA A 517 10.89 -8.51 14.31
CA ALA A 517 10.18 -8.07 13.13
C ALA A 517 10.97 -8.51 11.91
N ALA A 518 10.29 -9.10 10.94
CA ALA A 518 10.92 -9.57 9.72
C ALA A 518 11.03 -8.49 8.66
N GLN A 519 10.76 -7.24 9.03
CA GLN A 519 10.70 -6.17 8.04
C GLN A 519 12.09 -5.65 7.69
N GLY A 520 12.98 -5.54 8.66
CA GLY A 520 14.28 -4.96 8.39
C GLY A 520 15.25 -5.89 7.68
N LYS A 521 14.93 -7.17 7.59
CA LYS A 521 15.89 -8.18 7.12
C LYS A 521 15.28 -8.96 5.95
N GLN A 522 15.54 -8.50 4.72
CA GLN A 522 15.15 -9.22 3.52
C GLN A 522 16.32 -9.22 2.57
N ALA A 523 16.63 -10.37 1.98
CA ALA A 523 17.77 -10.45 1.07
C ALA A 523 17.52 -11.25 -0.20
N GLY A 524 16.46 -12.06 -0.28
CA GLY A 524 16.20 -12.82 -1.48
C GLY A 524 16.89 -14.15 -1.58
N ASN A 525 17.55 -14.61 -0.51
CA ASN A 525 18.24 -15.88 -0.55
C ASN A 525 18.14 -16.51 0.83
N ALA A 526 19.00 -17.49 1.09
CA ALA A 526 18.90 -18.31 2.30
C ALA A 526 19.24 -17.55 3.58
N PHE A 527 19.69 -16.31 3.50
CA PHE A 527 19.83 -15.49 4.70
C PHE A 527 18.48 -15.08 5.25
N ASP A 528 17.41 -15.18 4.46
CA ASP A 528 16.09 -14.80 4.96
C ASP A 528 15.47 -15.90 5.79
N ILE A 529 15.83 -17.15 5.53
CA ILE A 529 15.25 -18.26 6.26
C ILE A 529 16.31 -19.01 7.04
N GLY A 530 17.33 -18.29 7.49
CA GLY A 530 18.27 -18.88 8.43
C GLY A 530 17.61 -19.22 9.75
N GLU A 531 16.65 -18.40 10.18
CA GLU A 531 15.95 -18.62 11.43
C GLU A 531 15.11 -19.88 11.40
N MET A 532 14.34 -20.07 10.34
CA MET A 532 13.42 -21.19 10.28
C MET A 532 14.18 -22.49 10.07
N LEU A 533 15.26 -22.44 9.29
CA LEU A 533 16.06 -23.63 9.06
C LEU A 533 16.88 -23.99 10.28
N TYR A 534 17.28 -23.00 11.07
CA TYR A 534 17.97 -23.33 12.31
C TYR A 534 17.02 -23.87 13.35
N TRP A 535 15.86 -23.25 13.51
CA TRP A 535 15.00 -23.66 14.60
C TRP A 535 14.24 -24.95 14.32
N THR A 536 14.09 -25.34 13.07
CA THR A 536 13.41 -26.60 12.80
C THR A 536 14.32 -27.78 13.07
N SER A 537 15.64 -27.57 13.07
CA SER A 537 16.55 -28.66 13.36
C SER A 537 16.67 -28.98 14.85
N GLN A 538 16.20 -28.09 15.73
CA GLN A 538 16.38 -28.33 17.15
C GLN A 538 15.37 -29.33 17.67
N ARG A 539 15.56 -29.71 18.92
CA ARG A 539 14.76 -30.74 19.57
C ARG A 539 13.85 -30.11 20.62
N ASN A 540 12.77 -30.84 20.95
CA ASN A 540 11.70 -30.40 21.85
C ASN A 540 11.13 -29.05 21.43
N VAL A 541 10.85 -28.91 20.16
CA VAL A 541 10.40 -27.63 19.62
C VAL A 541 8.92 -27.76 19.27
N LEU A 542 8.22 -26.63 19.27
CA LEU A 542 6.83 -26.57 18.88
C LEU A 542 6.64 -25.35 17.98
N LEU A 543 6.30 -25.57 16.72
CA LEU A 543 6.29 -24.53 15.72
C LEU A 543 4.85 -24.14 15.42
N SER A 544 4.50 -22.89 15.68
CA SER A 544 3.15 -22.39 15.51
C SER A 544 3.14 -21.28 14.48
N SER A 545 2.32 -21.44 13.45
CA SER A 545 2.26 -20.50 12.33
C SER A 545 0.88 -19.85 12.36
N ILE A 546 0.75 -18.81 13.17
CA ILE A 546 -0.55 -18.24 13.44
C ILE A 546 -0.87 -17.16 12.42
N ASP A 547 -2.03 -17.26 11.80
CA ASP A 547 -2.54 -16.29 10.84
C ASP A 547 -3.84 -15.71 11.35
N VAL A 548 -4.09 -14.45 11.01
CA VAL A 548 -5.33 -13.78 11.32
C VAL A 548 -6.14 -13.68 10.03
N ALA A 549 -7.31 -14.29 10.02
CA ALA A 549 -8.18 -14.21 8.86
C ALA A 549 -8.93 -12.88 8.90
N GLY A 550 -8.82 -12.11 7.82
CA GLY A 550 -9.49 -10.82 7.77
C GLY A 550 -8.86 -9.81 8.70
N MET A 551 -7.65 -9.34 8.36
CA MET A 551 -6.93 -8.46 9.27
C MET A 551 -7.58 -7.09 9.36
N ASP A 552 -7.83 -6.45 8.21
CA ASP A 552 -8.37 -5.10 8.23
C ASP A 552 -9.85 -5.09 8.59
N ALA A 553 -10.59 -6.13 8.23
CA ALA A 553 -11.99 -6.18 8.59
C ALA A 553 -12.24 -6.51 10.06
N SER A 554 -11.18 -6.82 10.81
CA SER A 554 -11.31 -7.12 12.22
C SER A 554 -10.92 -5.95 13.10
N VAL A 555 -9.99 -5.11 12.64
CA VAL A 555 -9.52 -3.98 13.42
C VAL A 555 -10.61 -2.93 13.44
N THR A 556 -11.29 -2.79 14.57
CA THR A 556 -12.32 -1.79 14.73
C THR A 556 -11.70 -0.52 15.28
N THR A 557 -12.54 0.40 15.75
CA THR A 557 -12.03 1.66 16.28
C THR A 557 -11.37 1.45 17.63
N ASN A 558 -12.01 0.64 18.49
CA ASN A 558 -11.49 0.38 19.82
C ASN A 558 -10.19 -0.42 19.76
N THR A 559 -10.04 -1.28 18.76
CA THR A 559 -8.78 -1.98 18.60
C THR A 559 -7.68 -1.03 18.10
N LYS A 560 -8.07 0.00 17.34
CA LYS A 560 -7.12 1.01 16.89
C LYS A 560 -6.70 1.93 18.03
N ASP A 561 -7.51 1.99 19.10
CA ASP A 561 -7.14 2.82 20.23
C ASP A 561 -5.93 2.29 21.00
N ILE A 562 -5.61 1.00 20.85
CA ILE A 562 -4.41 0.45 21.50
C ILE A 562 -3.15 1.08 20.92
N TYR A 563 -3.07 1.15 19.60
CA TYR A 563 -1.98 1.84 18.93
C TYR A 563 -2.01 3.33 19.21
N ASN A 564 -3.23 3.89 19.36
CA ASN A 564 -3.35 5.31 19.69
C ASN A 564 -2.70 5.65 21.03
N THR A 565 -2.90 4.81 22.04
CA THR A 565 -2.38 5.14 23.37
C THR A 565 -0.85 5.13 23.39
N PHE A 566 -0.23 4.20 22.67
CA PHE A 566 1.22 4.16 22.57
C PHE A 566 1.77 5.37 21.85
N VAL A 567 1.13 5.75 20.73
CA VAL A 567 1.58 6.93 20.00
C VAL A 567 1.41 8.19 20.84
N LEU A 568 0.32 8.29 21.60
CA LEU A 568 0.10 9.46 22.44
C LEU A 568 1.08 9.54 23.58
N ASP A 569 1.47 8.40 24.16
CA ASP A 569 2.45 8.44 25.25
C ASP A 569 3.83 8.84 24.74
N VAL A 570 4.24 8.30 23.60
CA VAL A 570 5.53 8.67 23.02
C VAL A 570 5.53 10.14 22.62
N ALA A 571 4.41 10.62 22.11
CA ALA A 571 4.33 12.03 21.69
C ALA A 571 4.34 12.96 22.88
N SER A 572 3.69 12.56 23.98
CA SER A 572 3.68 13.40 25.16
C SER A 572 5.04 13.43 25.85
N LYS A 573 5.85 12.40 25.67
CA LYS A 573 7.23 12.51 26.14
C LYS A 573 8.15 13.16 25.12
N CYS A 574 7.68 13.40 23.90
CA CYS A 574 8.49 13.96 22.84
C CYS A 574 8.57 15.48 22.96
N THR A 575 9.48 16.08 22.20
CA THR A 575 9.57 17.55 22.15
C THR A 575 10.03 17.94 20.75
N VAL A 576 9.08 18.24 19.86
CA VAL A 576 9.38 18.82 18.56
C VAL A 576 8.46 20.01 18.31
N PRO A 577 9.00 21.16 17.96
CA PRO A 577 8.17 22.27 17.49
C PRO A 577 8.09 22.29 15.97
N ARG A 578 6.99 22.86 15.47
CA ARG A 578 6.76 23.15 14.06
C ARG A 578 6.81 21.87 13.20
N PHE A 579 5.81 21.02 13.41
CA PHE A 579 5.68 19.88 12.52
C PHE A 579 5.06 20.29 11.19
N GLY A 580 3.80 20.70 11.20
CA GLY A 580 3.12 21.04 9.98
C GLY A 580 2.67 22.47 10.02
N PRO A 581 1.35 22.67 9.90
CA PRO A 581 0.77 23.95 10.31
C PRO A 581 0.70 24.13 11.82
N TYR A 582 1.02 23.09 12.59
CA TYR A 582 0.98 23.17 14.03
C TYR A 582 2.31 23.67 14.56
N TYR A 583 2.29 24.11 15.81
CA TYR A 583 3.43 24.75 16.44
C TYR A 583 3.24 24.68 17.93
N ALA A 584 4.36 24.64 18.66
CA ALA A 584 4.32 24.41 20.09
C ALA A 584 3.81 25.65 20.80
N LYS A 585 2.85 25.46 21.71
CA LYS A 585 2.23 26.57 22.41
C LYS A 585 1.54 26.04 23.66
N ASN A 586 0.96 26.97 24.41
CA ASN A 586 0.20 26.61 25.60
C ASN A 586 -1.27 26.44 25.26
N MET A 587 -1.87 25.38 25.77
CA MET A 587 -3.27 25.10 25.50
C MET A 587 -4.01 24.94 26.81
N GLU A 588 -5.23 25.47 26.85
CA GLU A 588 -6.14 25.14 27.94
C GLU A 588 -6.52 23.67 27.82
N VAL A 589 -6.62 23.00 28.96
CA VAL A 589 -6.72 21.54 28.97
C VAL A 589 -7.52 21.12 30.19
N PHE A 590 -8.17 19.96 30.08
CA PHE A 590 -8.89 19.36 31.19
C PHE A 590 -8.13 18.16 31.70
N GLU A 591 -8.17 17.94 33.01
CA GLU A 591 -7.59 16.75 33.61
C GLU A 591 -8.62 16.09 34.51
N VAL A 592 -8.48 14.80 34.68
CA VAL A 592 -9.37 14.06 35.58
C VAL A 592 -8.97 14.35 37.01
N GLY A 593 -9.96 14.41 37.90
CA GLY A 593 -9.76 14.83 39.26
C GLY A 593 -9.88 16.33 39.46
N LYS A 594 -9.25 17.12 38.60
CA LYS A 594 -9.37 18.56 38.66
C LYS A 594 -10.73 18.97 38.13
N ARG A 595 -11.30 20.00 38.74
CA ARG A 595 -12.62 20.47 38.33
C ARG A 595 -12.55 21.62 37.33
N GLN A 596 -11.61 22.54 37.52
CA GLN A 596 -11.40 23.63 36.58
C GLN A 596 -10.56 23.14 35.40
N SER A 597 -10.08 24.07 34.59
CA SER A 597 -9.32 23.76 33.39
C SER A 597 -7.89 24.24 33.55
N GLN A 598 -6.93 23.35 33.31
CA GLN A 598 -5.54 23.62 33.55
C GLN A 598 -4.92 24.26 32.31
N VAL A 599 -3.61 24.49 32.35
CA VAL A 599 -2.85 24.99 31.21
C VAL A 599 -1.53 24.23 31.14
N LYS A 600 -1.30 23.52 30.04
CA LYS A 600 -0.07 22.79 29.84
C LYS A 600 0.53 23.15 28.50
N TYR A 601 1.84 22.96 28.38
CA TYR A 601 2.58 23.26 27.16
C TYR A 601 2.53 22.04 26.26
N VAL A 602 1.68 22.08 25.25
CA VAL A 602 1.55 20.98 24.29
C VAL A 602 2.46 21.31 23.12
N ASN A 603 3.25 20.34 22.69
CA ASN A 603 4.12 20.56 21.55
C ASN A 603 3.37 20.29 20.25
N ALA A 604 4.08 20.21 19.14
CA ALA A 604 3.43 20.19 17.83
C ALA A 604 2.91 18.81 17.47
N ALA A 605 3.77 17.80 17.59
CA ALA A 605 3.42 16.46 17.14
C ALA A 605 2.32 15.85 17.98
N TRP A 606 2.18 16.27 19.22
CA TRP A 606 1.14 15.71 20.07
C TRP A 606 -0.22 16.31 19.74
N GLN A 607 -0.22 17.58 19.31
CA GLN A 607 -1.41 18.16 18.69
C GLN A 607 -1.77 17.41 17.41
N ALA A 608 -0.76 17.06 16.62
CA ALA A 608 -1.02 16.37 15.35
C ALA A 608 -1.60 14.98 15.58
N CYS A 609 -1.04 14.24 16.55
CA CYS A 609 -1.56 12.92 16.85
C CYS A 609 -2.94 12.98 17.48
N ALA A 610 -3.22 14.02 18.28
CA ALA A 610 -4.55 14.16 18.85
C ALA A 610 -5.59 14.46 17.79
N LEU A 611 -5.26 15.33 16.84
CA LEU A 611 -6.23 15.61 15.78
C LEU A 611 -6.35 14.46 14.80
N GLU A 612 -5.31 13.64 14.66
CA GLU A 612 -5.46 12.44 13.82
C GLU A 612 -6.36 11.41 14.49
N ALA A 613 -6.12 11.15 15.78
CA ALA A 613 -6.89 10.10 16.45
C ALA A 613 -8.32 10.55 16.70
N ALA A 614 -8.56 11.85 16.82
CA ALA A 614 -9.90 12.31 17.11
C ALA A 614 -10.82 12.28 15.90
N ASN A 615 -10.30 12.56 14.72
CA ASN A 615 -11.12 12.66 13.52
C ASN A 615 -10.72 11.52 12.59
N SER A 616 -11.30 10.35 12.82
CA SER A 616 -10.91 9.13 12.12
C SER A 616 -12.11 8.59 11.38
N GLN A 617 -12.13 8.79 10.06
CA GLN A 617 -13.15 8.26 9.18
C GLN A 617 -12.49 7.28 8.22
N THR A 618 -13.12 6.12 8.04
CA THR A 618 -12.53 5.04 7.26
C THR A 618 -13.31 4.74 5.99
N SER A 619 -14.62 4.92 5.99
CA SER A 619 -15.56 4.51 4.94
C SER A 619 -15.17 4.97 3.54
N THR A 620 -14.81 4.02 2.68
CA THR A 620 -14.40 4.36 1.34
C THR A 620 -15.62 4.60 0.45
N SER A 621 -15.35 5.02 -0.78
CA SER A 621 -16.41 5.41 -1.70
C SER A 621 -16.00 5.05 -3.11
N TYR A 622 -16.79 4.20 -3.75
CA TYR A 622 -16.58 3.82 -5.14
C TYR A 622 -17.75 4.32 -5.95
N GLU A 623 -17.46 4.97 -7.08
CA GLU A 623 -18.49 5.50 -7.96
C GLU A 623 -18.75 4.46 -9.03
N SER A 624 -19.79 3.66 -8.83
CA SER A 624 -20.09 2.58 -9.75
C SER A 624 -20.78 3.11 -11.00
N GLU A 625 -20.61 2.38 -12.09
CA GLU A 625 -21.37 2.61 -13.30
C GLU A 625 -22.70 1.86 -13.31
N ILE A 626 -23.07 1.29 -12.17
CA ILE A 626 -24.31 0.54 -12.02
C ILE A 626 -25.25 1.23 -11.05
N PHE A 627 -24.73 1.62 -9.89
CA PHE A 627 -25.56 2.07 -8.79
C PHE A 627 -25.34 3.53 -8.45
N GLY A 628 -24.47 4.23 -9.17
CA GLY A 628 -24.14 5.59 -8.81
C GLY A 628 -22.89 5.69 -7.97
N GLN A 629 -23.03 5.79 -6.65
CA GLN A 629 -21.88 5.86 -5.77
C GLN A 629 -22.12 4.97 -4.56
N VAL A 630 -21.17 4.07 -4.30
CA VAL A 630 -21.31 3.06 -3.27
C VAL A 630 -20.49 3.48 -2.06
N LYS A 631 -21.13 3.62 -0.92
CA LYS A 631 -20.42 3.92 0.31
C LYS A 631 -20.09 2.63 1.05
N ASN A 632 -19.02 2.66 1.80
CA ASN A 632 -18.55 1.53 2.57
C ASN A 632 -18.97 1.70 4.03
N ALA A 633 -19.03 0.59 4.76
CA ALA A 633 -19.38 0.64 6.16
C ALA A 633 -18.15 1.01 7.00
N GLU A 634 -18.38 1.80 8.04
CA GLU A 634 -17.31 2.33 8.86
C GLU A 634 -16.86 1.30 9.88
N GLY A 635 -15.56 1.30 10.16
CA GLY A 635 -14.99 0.40 11.15
C GLY A 635 -13.87 -0.46 10.63
N THR A 636 -13.50 -0.36 9.37
CA THR A 636 -12.41 -1.15 8.83
C THR A 636 -11.10 -0.45 9.17
N TYR A 637 -10.00 -1.03 8.81
CA TYR A 637 -8.81 -0.20 8.82
C TYR A 637 -8.64 0.43 7.44
N PRO A 638 -8.10 1.64 7.34
CA PRO A 638 -8.02 2.29 6.01
C PRO A 638 -7.05 1.58 5.08
N SER A 639 -5.90 1.14 5.58
CA SER A 639 -4.93 0.29 4.88
C SER A 639 -4.40 0.91 3.59
N GLY A 640 -4.42 2.23 3.50
CA GLY A 640 -3.76 2.93 2.42
C GLY A 640 -2.89 4.02 3.01
N ARG A 641 -2.82 4.05 4.34
CA ARG A 641 -2.15 5.09 5.08
C ARG A 641 -0.64 4.87 5.04
N ALA A 642 0.09 5.75 5.73
CA ALA A 642 1.52 5.54 5.86
C ALA A 642 1.82 4.45 6.87
N ASP A 643 1.09 4.43 7.98
CA ASP A 643 1.34 3.49 9.07
C ASP A 643 0.58 2.18 8.92
N THR A 644 0.20 1.81 7.70
CA THR A 644 -0.56 0.60 7.49
C THR A 644 0.26 -0.66 7.59
N SER A 645 1.58 -0.56 7.73
CA SER A 645 2.41 -1.74 7.92
C SER A 645 2.89 -1.88 9.35
N THR A 646 3.16 -0.76 10.02
CA THR A 646 3.65 -0.83 11.39
C THR A 646 2.52 -1.05 12.40
N HIS A 647 1.28 -0.76 12.02
CA HIS A 647 0.16 -0.88 12.94
C HIS A 647 -0.02 -2.33 13.37
N HIS A 648 -0.07 -3.23 12.40
CA HIS A 648 -0.29 -4.64 12.68
C HIS A 648 0.89 -5.24 13.41
N THR A 649 2.11 -4.83 13.03
CA THR A 649 3.33 -5.36 13.64
C THR A 649 3.40 -4.99 15.12
N VAL A 650 3.19 -3.71 15.43
CA VAL A 650 3.26 -3.23 16.79
C VAL A 650 2.13 -3.82 17.65
N LEU A 651 0.92 -3.90 17.10
CA LEU A 651 -0.21 -4.46 17.85
C LEU A 651 0.02 -5.93 18.20
N LEU A 652 0.47 -6.72 17.23
CA LEU A 652 0.59 -8.15 17.46
C LEU A 652 1.78 -8.46 18.38
N GLN A 653 2.91 -7.76 18.22
CA GLN A 653 4.01 -8.03 19.12
C GLN A 653 3.73 -7.51 20.52
N GLY A 654 2.92 -6.46 20.65
CA GLY A 654 2.53 -6.00 21.97
C GLY A 654 1.66 -7.00 22.69
N LEU A 655 0.70 -7.60 21.97
CA LEU A 655 -0.14 -8.64 22.58
C LEU A 655 0.68 -9.85 23.01
N VAL A 656 1.58 -10.32 22.15
CA VAL A 656 2.30 -11.55 22.44
C VAL A 656 3.29 -11.36 23.59
N ARG A 657 4.09 -10.28 23.54
CA ARG A 657 5.05 -10.06 24.61
C ARG A 657 4.38 -9.68 25.92
N GLY A 658 3.25 -8.97 25.89
CA GLY A 658 2.54 -8.72 27.11
C GLY A 658 1.92 -9.96 27.71
N ASN A 659 1.50 -10.90 26.86
CA ASN A 659 0.99 -12.17 27.38
C ASN A 659 2.12 -12.95 28.05
N GLU A 660 3.33 -12.83 27.50
CA GLU A 660 4.49 -13.42 28.15
C GLU A 660 4.73 -12.83 29.54
N LEU A 661 4.65 -11.50 29.63
CA LEU A 661 4.84 -10.84 30.93
C LEU A 661 3.73 -11.19 31.92
N LYS A 662 2.50 -11.35 31.43
CA LYS A 662 1.39 -11.69 32.31
C LYS A 662 1.50 -13.11 32.83
N ARG A 663 1.89 -14.06 31.97
CA ARG A 663 2.12 -15.42 32.43
C ARG A 663 3.28 -15.49 33.41
N ALA A 664 4.29 -14.65 33.23
CA ALA A 664 5.37 -14.60 34.21
C ALA A 664 4.88 -14.05 35.55
N SER A 665 4.05 -13.00 35.51
CA SER A 665 3.56 -12.44 36.77
C SER A 665 2.53 -13.32 37.45
N ASP A 666 1.95 -14.30 36.75
CA ASP A 666 1.03 -15.24 37.37
C ASP A 666 1.68 -16.55 37.78
N GLY A 667 3.00 -16.57 37.96
CA GLY A 667 3.63 -17.79 38.40
C GLY A 667 3.73 -18.89 37.38
N LYS A 668 3.82 -18.55 36.09
CA LYS A 668 3.97 -19.53 35.03
C LYS A 668 5.17 -19.18 34.17
N ASN A 669 5.79 -20.20 33.60
CA ASN A 669 6.96 -19.96 32.77
C ASN A 669 6.55 -19.54 31.37
N SER A 670 7.53 -19.11 30.60
CA SER A 670 7.36 -18.72 29.21
C SER A 670 8.35 -19.53 28.38
N CYS A 671 7.83 -20.46 27.58
CA CYS A 671 8.68 -21.28 26.74
C CYS A 671 9.08 -20.62 25.44
N LEU A 672 8.59 -19.41 25.19
CA LEU A 672 8.84 -18.75 23.91
C LEU A 672 10.28 -18.30 23.81
N THR A 673 10.85 -18.42 22.61
CA THR A 673 12.22 -17.99 22.38
C THR A 673 12.32 -16.83 21.40
N THR A 674 11.88 -17.00 20.17
CA THR A 674 11.98 -15.97 19.13
C THR A 674 10.71 -15.98 18.29
N ILE A 675 10.25 -14.79 17.92
CA ILE A 675 9.12 -14.64 17.02
C ILE A 675 9.50 -13.67 15.91
N LYS A 676 8.80 -13.80 14.79
CA LYS A 676 8.93 -12.85 13.69
C LYS A 676 7.53 -12.46 13.21
N ILE A 677 7.39 -11.19 12.87
CA ILE A 677 6.11 -10.59 12.48
C ILE A 677 6.36 -9.64 11.32
N LEU A 678 5.55 -9.73 10.27
CA LEU A 678 5.49 -8.67 9.26
C LEU A 678 4.16 -7.94 9.30
N GLY A 679 3.22 -8.37 10.12
CA GLY A 679 1.87 -7.87 10.03
C GLY A 679 0.87 -8.98 10.22
N ASP A 680 0.11 -9.27 9.17
CA ASP A 680 -0.88 -10.34 9.17
C ASP A 680 -0.27 -11.73 9.47
N ASP A 681 1.02 -11.93 9.27
CA ASP A 681 1.65 -13.23 9.36
C ASP A 681 2.67 -13.26 10.51
N ILE A 682 2.52 -14.23 11.41
CA ILE A 682 3.35 -14.34 12.60
C ILE A 682 4.00 -15.72 12.64
N MET A 683 5.30 -15.76 12.86
CA MET A 683 5.99 -17.00 13.21
C MET A 683 6.15 -17.06 14.72
N GLU A 684 5.83 -18.20 15.31
CA GLU A 684 6.06 -18.45 16.73
C GLU A 684 6.82 -19.75 16.92
N ILE A 685 7.72 -19.75 17.89
CA ILE A 685 8.57 -20.90 18.20
C ILE A 685 8.59 -21.08 19.72
N PHE A 686 8.19 -22.26 20.19
CA PHE A 686 8.26 -22.60 21.61
C PHE A 686 9.27 -23.72 21.81
N GLN A 687 9.69 -23.93 23.05
CA GLN A 687 10.61 -25.02 23.36
C GLN A 687 10.48 -25.43 24.82
N GLY A 688 10.37 -26.71 25.06
CA GLY A 688 10.25 -27.25 26.40
C GLY A 688 9.53 -28.58 26.38
N ASN A 689 8.61 -28.76 27.33
CA ASN A 689 7.80 -29.96 27.37
C ASN A 689 6.62 -29.83 26.41
N GLU A 690 5.84 -30.90 26.30
CA GLU A 690 4.60 -30.80 25.53
C GLU A 690 3.56 -29.98 26.28
N ASN A 691 3.50 -30.15 27.60
CA ASN A 691 2.44 -29.54 28.40
C ASN A 691 2.63 -28.03 28.48
N ASP A 692 3.85 -27.59 28.74
CA ASP A 692 4.12 -26.17 28.93
C ASP A 692 3.95 -25.40 27.62
N THR A 693 4.44 -25.97 26.52
CA THR A 693 4.32 -25.30 25.24
C THR A 693 2.89 -25.33 24.72
N HIS A 694 2.13 -26.40 24.99
CA HIS A 694 0.72 -26.40 24.61
C HIS A 694 -0.05 -25.37 25.42
N ASP A 695 0.28 -25.22 26.71
CA ASP A 695 -0.34 -24.19 27.54
C ASP A 695 -0.05 -22.80 27.01
N HIS A 696 1.20 -22.55 26.62
CA HIS A 696 1.57 -21.21 26.17
C HIS A 696 0.97 -20.91 24.79
N ALA A 697 0.88 -21.91 23.92
CA ALA A 697 0.22 -21.74 22.63
C ALA A 697 -1.27 -21.43 22.79
N VAL A 698 -1.95 -22.18 23.66
CA VAL A 698 -3.37 -21.93 23.89
C VAL A 698 -3.59 -20.58 24.57
N SER A 699 -2.65 -20.14 25.40
CA SER A 699 -2.80 -18.84 26.04
C SER A 699 -2.65 -17.70 25.04
N ASN A 700 -1.73 -17.83 24.08
CA ASN A 700 -1.61 -16.80 23.05
C ASN A 700 -2.82 -16.79 22.12
N ALA A 701 -3.36 -17.98 21.82
CA ALA A 701 -4.58 -18.03 21.03
C ALA A 701 -5.75 -17.40 21.78
N SER A 702 -5.81 -17.61 23.08
CA SER A 702 -6.88 -17.01 23.88
C SER A 702 -6.72 -15.51 23.98
N ILE A 703 -5.50 -15.00 23.99
CA ILE A 703 -5.39 -13.54 24.07
C ILE A 703 -5.68 -12.91 22.71
N LEU A 704 -5.45 -13.63 21.61
CA LEU A 704 -5.88 -13.12 20.32
C LEU A 704 -7.40 -13.15 20.17
N ASN A 705 -8.05 -14.15 20.77
CA ASN A 705 -9.51 -14.12 20.76
C ASN A 705 -10.07 -13.09 21.73
N GLU A 706 -9.31 -12.73 22.77
CA GLU A 706 -9.70 -11.61 23.61
C GLU A 706 -9.58 -10.30 22.87
N SER A 707 -8.64 -10.18 21.93
CA SER A 707 -8.52 -8.94 21.18
C SER A 707 -9.41 -8.89 19.96
N GLY A 708 -10.36 -9.81 19.83
CA GLY A 708 -11.31 -9.77 18.73
C GLY A 708 -10.77 -10.13 17.36
N PHE A 709 -9.97 -11.20 17.27
CA PHE A 709 -9.41 -11.64 16.00
C PHE A 709 -9.78 -13.08 15.72
N ALA A 710 -10.31 -13.33 14.52
CA ALA A 710 -10.52 -14.68 14.02
C ALA A 710 -9.19 -15.21 13.52
N THR A 711 -8.65 -16.22 14.20
CA THR A 711 -7.29 -16.67 14.00
C THR A 711 -7.24 -17.99 13.25
N THR A 712 -6.27 -18.12 12.35
CA THR A 712 -5.96 -19.38 11.67
C THR A 712 -4.71 -19.96 12.33
N ALA A 713 -4.89 -21.03 13.09
CA ALA A 713 -3.84 -21.57 13.96
C ALA A 713 -3.41 -22.94 13.50
N GLU A 714 -2.45 -23.00 12.58
CA GLU A 714 -1.81 -24.25 12.23
C GLU A 714 -0.50 -24.34 13.00
N LEU A 715 -0.32 -25.43 13.74
CA LEU A 715 0.86 -25.59 14.57
C LEU A 715 1.32 -27.04 14.48
N SER A 716 2.64 -27.23 14.44
CA SER A 716 3.19 -28.56 14.22
C SER A 716 4.55 -28.64 14.89
N GLN A 717 5.12 -29.84 14.85
CA GLN A 717 6.46 -30.01 15.37
C GLN A 717 7.50 -29.69 14.31
N ASN A 718 7.18 -29.87 13.03
CA ASN A 718 8.19 -29.84 12.00
C ASN A 718 7.72 -29.13 10.74
N SER A 719 7.07 -27.97 10.89
CA SER A 719 6.70 -27.17 9.74
C SER A 719 6.52 -25.72 10.19
N ILE A 720 6.81 -24.79 9.28
CA ILE A 720 6.68 -23.37 9.59
C ILE A 720 6.35 -22.65 8.29
N VAL A 721 5.55 -21.59 8.38
CA VAL A 721 5.13 -20.85 7.21
C VAL A 721 5.24 -19.37 7.53
N LEU A 722 6.02 -18.64 6.74
CA LEU A 722 6.08 -17.19 6.82
C LEU A 722 6.56 -16.67 5.48
N LEU A 723 5.94 -15.57 5.03
CA LEU A 723 6.27 -14.88 3.78
C LEU A 723 6.08 -15.79 2.57
N GLN A 724 5.07 -16.66 2.65
CA GLN A 724 4.76 -17.69 1.65
C GLN A 724 5.96 -18.60 1.38
N GLN A 725 6.69 -18.93 2.44
CA GLN A 725 7.84 -19.81 2.37
C GLN A 725 7.70 -20.87 3.45
N LEU A 726 7.66 -22.13 3.04
CA LEU A 726 7.37 -23.25 3.91
C LEU A 726 8.61 -24.10 4.08
N VAL A 727 8.88 -24.54 5.30
CA VAL A 727 10.10 -25.27 5.66
C VAL A 727 9.71 -26.49 6.49
N VAL A 728 10.15 -27.67 6.08
CA VAL A 728 9.89 -28.90 6.82
C VAL A 728 11.23 -29.58 7.10
N ASN A 729 11.73 -29.44 8.32
CA ASN A 729 12.92 -30.13 8.85
C ASN A 729 14.16 -29.82 8.01
N GLY A 730 14.57 -28.56 8.06
CA GLY A 730 15.77 -28.14 7.38
C GLY A 730 15.70 -28.21 5.87
N THR A 731 14.52 -28.02 5.31
CA THR A 731 14.27 -28.30 3.90
C THR A 731 13.26 -27.30 3.38
N PHE A 732 13.64 -26.58 2.34
CA PHE A 732 12.77 -25.56 1.76
C PHE A 732 11.88 -26.18 0.70
N TRP A 733 10.58 -26.15 0.94
CA TRP A 733 9.59 -26.57 -0.04
C TRP A 733 9.03 -25.31 -0.70
N GLY A 734 9.48 -25.03 -1.91
CA GLY A 734 8.99 -23.85 -2.58
C GLY A 734 7.61 -24.03 -3.14
N PHE A 735 6.98 -22.91 -3.47
CA PHE A 735 5.63 -22.89 -4.05
C PHE A 735 5.77 -22.43 -5.49
N ALA A 736 5.88 -23.38 -6.41
CA ALA A 736 6.03 -23.04 -7.81
C ALA A 736 4.72 -22.65 -8.47
N ASP A 737 3.60 -23.05 -7.87
CA ASP A 737 2.29 -22.85 -8.44
C ASP A 737 1.69 -21.51 -8.07
N ARG A 738 2.48 -20.65 -7.43
CA ARG A 738 1.99 -19.36 -6.99
C ARG A 738 2.12 -18.30 -8.06
N ILE A 739 3.25 -18.27 -8.75
CA ILE A 739 3.48 -17.29 -9.79
C ILE A 739 3.11 -17.90 -11.13
N SER A 740 2.82 -17.04 -12.10
CA SER A 740 2.26 -17.46 -13.37
C SER A 740 2.97 -16.82 -14.53
N LEU A 741 3.37 -17.63 -15.50
CA LEU A 741 4.04 -17.14 -16.69
C LEU A 741 3.09 -16.59 -17.73
N TRP A 742 1.79 -16.79 -17.59
CA TRP A 742 0.88 -16.56 -18.70
C TRP A 742 -0.19 -15.52 -18.42
N THR A 743 -0.21 -14.93 -17.22
CA THR A 743 -1.19 -13.91 -16.88
C THR A 743 -0.49 -12.73 -16.22
N ARG A 744 -0.96 -11.53 -16.53
CA ARG A 744 -0.55 -10.32 -15.82
C ARG A 744 -1.79 -9.65 -15.28
N GLU A 745 -1.63 -8.89 -14.20
CA GLU A 745 -2.76 -8.21 -13.57
C GLU A 745 -3.34 -7.14 -14.48
N ASP A 746 -2.49 -6.41 -15.21
CA ASP A 746 -2.93 -5.37 -16.13
C ASP A 746 -2.44 -5.69 -17.54
N THR A 747 -3.23 -5.31 -18.53
CA THR A 747 -2.91 -5.59 -19.92
C THR A 747 -1.99 -4.51 -20.47
N LYS A 748 -0.77 -4.91 -20.81
CA LYS A 748 0.23 -3.98 -21.30
C LYS A 748 0.89 -4.56 -22.54
N ASP A 749 0.95 -3.76 -23.60
CA ASP A 749 1.69 -4.13 -24.79
C ASP A 749 3.19 -4.09 -24.54
N ILE A 750 3.95 -4.65 -25.45
CA ILE A 750 5.40 -4.63 -25.39
C ILE A 750 5.87 -3.63 -26.42
N GLY A 751 6.40 -2.50 -25.96
CA GLY A 751 6.91 -1.50 -26.85
C GLY A 751 8.41 -1.66 -27.04
N ARG A 752 9.00 -2.46 -26.17
CA ARG A 752 10.45 -2.66 -26.17
C ARG A 752 10.72 -4.08 -25.72
N LEU A 753 11.19 -4.91 -26.65
CA LEU A 753 11.23 -6.35 -26.39
C LEU A 753 12.34 -6.76 -25.44
N ASN A 754 13.26 -5.86 -25.09
CA ASN A 754 14.15 -6.15 -23.98
C ASN A 754 13.38 -6.26 -22.69
N LEU A 755 12.38 -5.42 -22.51
CA LEU A 755 11.57 -5.43 -21.29
C LEU A 755 10.68 -6.65 -21.22
N ALA A 756 10.36 -7.24 -22.36
CA ALA A 756 9.61 -8.49 -22.34
C ALA A 756 10.50 -9.65 -21.94
N MET A 757 11.70 -9.72 -22.52
CA MET A 757 12.59 -10.82 -22.19
C MET A 757 13.18 -10.66 -20.80
N MET A 758 13.31 -9.42 -20.32
CA MET A 758 13.74 -9.24 -18.93
C MET A 758 12.67 -9.72 -17.97
N GLU A 759 11.40 -9.46 -18.30
CA GLU A 759 10.30 -9.97 -17.50
C GLU A 759 10.25 -11.50 -17.53
N LEU A 760 10.52 -12.08 -18.70
CA LEU A 760 10.54 -13.53 -18.84
C LEU A 760 11.67 -14.14 -18.02
N ASN A 761 12.86 -13.53 -18.06
CA ASN A 761 13.99 -14.04 -17.30
C ASN A 761 13.77 -13.91 -15.80
N ALA A 762 13.18 -12.79 -15.37
CA ALA A 762 12.92 -12.60 -13.95
C ALA A 762 11.85 -13.55 -13.43
N LEU A 763 10.88 -13.90 -14.28
CA LEU A 763 9.89 -14.88 -13.85
C LEU A 763 10.46 -16.29 -13.83
N ILE A 764 11.33 -16.63 -14.79
CA ILE A 764 11.91 -17.98 -14.80
C ILE A 764 12.87 -18.16 -13.64
N ASP A 765 13.63 -17.11 -13.29
CA ASP A 765 14.59 -17.21 -12.20
C ASP A 765 13.94 -17.39 -10.84
N ASP A 766 12.67 -17.04 -10.69
CA ASP A 766 11.98 -17.38 -9.45
C ASP A 766 11.57 -18.84 -9.41
N LEU A 767 11.52 -19.51 -10.55
CA LEU A 767 11.12 -20.91 -10.63
C LEU A 767 12.30 -21.85 -10.70
N LEU A 768 13.39 -21.57 -9.99
CA LEU A 768 14.50 -22.51 -9.99
C LEU A 768 14.46 -23.43 -8.78
N PHE A 769 14.56 -22.88 -7.58
CA PHE A 769 14.64 -23.79 -6.44
C PHE A 769 13.29 -24.17 -5.90
N ARG A 770 12.23 -23.97 -6.67
CA ARG A 770 10.91 -24.44 -6.29
C ARG A 770 10.33 -25.35 -7.36
N VAL A 771 11.09 -25.64 -8.40
CA VAL A 771 10.67 -26.55 -9.46
C VAL A 771 11.44 -27.86 -9.25
N ARG A 772 10.94 -28.93 -9.84
CA ARG A 772 11.58 -30.23 -9.71
C ARG A 772 12.46 -30.58 -10.91
N ARG A 773 12.21 -29.97 -12.07
CA ARG A 773 12.96 -30.29 -13.29
C ARG A 773 13.14 -29.00 -14.07
N PRO A 774 14.27 -28.31 -13.85
CA PRO A 774 14.48 -27.01 -14.52
C PRO A 774 14.79 -27.11 -16.01
N GLU A 775 15.13 -28.29 -16.52
CA GLU A 775 15.49 -28.40 -17.93
C GLU A 775 14.29 -28.21 -18.85
N GLY A 776 13.18 -28.86 -18.53
CA GLY A 776 11.96 -28.63 -19.26
C GLY A 776 11.45 -27.21 -19.13
N LEU A 777 11.74 -26.56 -18.01
CA LEU A 777 11.40 -25.16 -17.84
C LEU A 777 12.21 -24.29 -18.78
N LYS A 778 13.51 -24.59 -18.94
CA LYS A 778 14.34 -23.83 -19.88
C LYS A 778 13.84 -24.00 -21.31
N MET A 779 13.41 -25.22 -21.65
CA MET A 779 12.90 -25.44 -23.00
C MET A 779 11.56 -24.76 -23.22
N LEU A 780 10.70 -24.73 -22.19
CA LEU A 780 9.42 -24.03 -22.27
C LEU A 780 9.63 -22.53 -22.43
N GLY A 781 10.61 -21.98 -21.71
CA GLY A 781 10.93 -20.58 -21.87
C GLY A 781 11.47 -20.28 -23.26
N PHE A 782 12.25 -21.21 -23.81
CA PHE A 782 12.74 -21.05 -25.17
C PHE A 782 11.61 -21.03 -26.18
N PHE A 783 10.59 -21.86 -25.99
CA PHE A 783 9.50 -21.86 -26.96
C PHE A 783 8.55 -20.69 -26.81
N CYS A 784 8.30 -20.23 -25.58
CA CYS A 784 7.49 -19.03 -25.46
C CYS A 784 8.27 -17.76 -25.79
N GLY A 785 9.59 -17.85 -25.92
CA GLY A 785 10.30 -16.78 -26.58
C GLY A 785 10.31 -16.99 -28.07
N ALA A 786 10.12 -18.24 -28.50
CA ALA A 786 10.22 -18.55 -29.92
C ALA A 786 9.00 -18.06 -30.68
N ILE A 787 7.80 -18.54 -30.31
CA ILE A 787 6.65 -18.26 -31.16
C ILE A 787 5.73 -17.20 -30.60
N CYS A 788 5.82 -16.87 -29.31
CA CYS A 788 4.81 -16.03 -28.70
C CYS A 788 5.06 -14.55 -28.97
N LEU A 789 6.30 -14.09 -28.77
CA LEU A 789 6.62 -12.68 -28.83
C LEU A 789 7.60 -12.40 -29.97
N ARG A 790 7.37 -13.03 -31.12
CA ARG A 790 8.32 -12.94 -32.22
C ARG A 790 7.97 -11.86 -33.25
N ARG A 791 6.71 -11.69 -33.61
CA ARG A 791 6.37 -10.82 -34.72
C ARG A 791 6.47 -9.35 -34.31
N PHE A 792 7.19 -8.57 -35.11
CA PHE A 792 7.36 -7.14 -34.89
C PHE A 792 7.02 -6.43 -36.20
N THR A 793 6.01 -5.58 -36.16
CA THR A 793 5.51 -4.96 -37.38
C THR A 793 6.40 -3.80 -37.81
N LEU A 794 6.03 -3.20 -38.93
CA LEU A 794 6.77 -2.12 -39.55
C LEU A 794 5.83 -1.38 -40.47
N SER A 795 6.09 -0.10 -40.68
CA SER A 795 5.34 0.68 -41.67
C SER A 795 6.31 1.64 -42.35
N VAL A 796 6.56 1.40 -43.63
CA VAL A 796 7.55 2.15 -44.38
C VAL A 796 6.85 3.26 -45.13
N ASP A 797 7.62 4.22 -45.63
CA ASP A 797 7.07 5.15 -46.60
C ASP A 797 6.83 4.39 -47.90
N ASN A 798 5.71 4.70 -48.55
CA ASN A 798 5.23 3.92 -49.68
C ASN A 798 6.15 3.98 -50.89
N LYS A 799 6.98 5.02 -50.98
CA LYS A 799 7.91 5.11 -52.11
C LYS A 799 9.04 4.10 -51.95
N LEU A 800 9.59 3.99 -50.75
CA LEU A 800 10.78 3.19 -50.47
C LEU A 800 10.43 1.83 -49.87
N TYR A 801 9.32 1.23 -50.28
CA TYR A 801 8.95 -0.10 -49.83
C TYR A 801 9.95 -1.14 -50.34
N ASP A 802 10.11 -1.20 -51.65
CA ASP A 802 10.87 -2.29 -52.27
C ASP A 802 12.36 -2.12 -52.03
N SER A 803 12.83 -0.89 -51.84
CA SER A 803 14.25 -0.68 -51.55
C SER A 803 14.61 -1.21 -50.17
N THR A 804 13.78 -0.93 -49.18
CA THR A 804 14.00 -1.45 -47.83
C THR A 804 13.84 -2.96 -47.81
N TYR A 805 12.89 -3.49 -48.60
CA TYR A 805 12.74 -4.94 -48.70
C TYR A 805 13.94 -5.59 -49.36
N ASN A 806 14.55 -4.92 -50.34
CA ASN A 806 15.73 -5.47 -50.98
C ASN A 806 16.97 -5.34 -50.12
N ASN A 807 17.00 -4.39 -49.19
CA ASN A 807 18.14 -4.30 -48.28
C ASN A 807 18.03 -5.32 -47.16
N LEU A 808 16.94 -5.27 -46.39
CA LEU A 808 16.89 -6.02 -45.14
C LEU A 808 16.56 -7.49 -45.31
N SER A 809 16.34 -7.98 -46.51
CA SER A 809 16.06 -9.40 -46.68
C SER A 809 17.32 -10.24 -46.84
N LYS A 810 18.50 -9.62 -46.90
CA LYS A 810 19.72 -10.40 -46.94
C LYS A 810 19.99 -11.07 -45.60
N TYR A 811 19.55 -10.47 -44.51
CA TYR A 811 19.82 -10.98 -43.18
C TYR A 811 18.59 -11.53 -42.48
N MET A 812 17.40 -11.19 -42.91
CA MET A 812 16.18 -11.65 -42.28
C MET A 812 15.18 -12.12 -43.32
N THR A 813 14.13 -12.76 -42.85
CA THR A 813 12.95 -13.00 -43.64
C THR A 813 11.92 -11.91 -43.33
N LEU A 814 11.59 -11.11 -44.34
CA LEU A 814 10.64 -10.02 -44.21
C LEU A 814 9.36 -10.50 -44.87
N VAL A 815 8.29 -10.63 -44.09
CA VAL A 815 7.05 -11.13 -44.67
C VAL A 815 6.42 -10.00 -45.45
N LYS A 816 6.67 -10.00 -46.76
CA LYS A 816 6.22 -8.93 -47.64
C LYS A 816 4.71 -8.99 -47.82
N TYR A 817 4.06 -7.85 -47.66
CA TYR A 817 2.62 -7.77 -47.83
C TYR A 817 2.28 -6.98 -49.09
N ASP A 818 0.99 -6.88 -49.36
CA ASP A 818 0.51 -6.17 -50.54
C ASP A 818 0.69 -4.68 -50.37
N LYS A 819 1.24 -4.04 -51.40
CA LYS A 819 1.30 -2.59 -51.40
C LYS A 819 -0.10 -2.03 -51.66
N ASN A 820 -0.42 -0.92 -50.99
CA ASN A 820 -1.59 -0.14 -51.33
C ASN A 820 -1.14 1.03 -52.18
N PRO A 821 -1.37 1.01 -53.49
CA PRO A 821 -1.07 2.21 -54.30
C PRO A 821 -2.07 3.33 -54.08
N ASP A 822 -3.24 3.04 -53.54
CA ASP A 822 -4.23 4.08 -53.29
C ASP A 822 -3.80 4.98 -52.13
N PHE A 823 -3.40 4.38 -51.01
CA PHE A 823 -3.10 5.14 -49.81
C PHE A 823 -1.66 4.88 -49.39
N ASP A 824 -1.02 5.93 -48.87
CA ASP A 824 0.42 5.90 -48.61
C ASP A 824 0.73 5.16 -47.31
N SER A 825 2.03 5.14 -46.99
CA SER A 825 2.61 4.63 -45.74
C SER A 825 2.25 3.16 -45.51
N THR A 826 2.66 2.32 -46.47
CA THR A 826 2.33 0.91 -46.40
C THR A 826 3.17 0.20 -45.34
N LEU A 827 2.79 -1.04 -45.07
CA LEU A 827 3.36 -1.82 -43.98
C LEU A 827 4.01 -3.09 -44.50
N MET A 828 5.05 -3.52 -43.80
CA MET A 828 5.84 -4.70 -44.17
C MET A 828 6.23 -5.42 -42.89
N SER A 829 5.39 -6.36 -42.47
CA SER A 829 5.60 -7.08 -41.22
C SER A 829 6.81 -7.99 -41.35
N LEU A 830 7.71 -7.91 -40.37
CA LEU A 830 8.88 -8.76 -40.37
C LEU A 830 8.94 -9.58 -39.09
N ILE A 831 9.75 -10.63 -39.14
CA ILE A 831 9.94 -11.54 -38.02
C ILE A 831 11.43 -11.60 -37.72
N LEU A 832 11.77 -11.61 -36.46
CA LEU A 832 13.19 -11.46 -36.23
C LEU A 832 13.81 -12.82 -35.87
N PRO A 833 15.07 -13.06 -36.24
CA PRO A 833 15.63 -14.42 -36.12
C PRO A 833 15.85 -14.83 -34.67
N LEU A 834 16.00 -16.15 -34.50
CA LEU A 834 16.13 -16.74 -33.18
C LEU A 834 17.45 -16.44 -32.50
N ALA A 835 18.46 -15.99 -33.25
CA ALA A 835 19.73 -15.65 -32.64
C ALA A 835 19.63 -14.41 -31.77
N TRP A 836 18.58 -13.60 -31.94
CA TRP A 836 18.36 -12.41 -31.14
C TRP A 836 18.13 -12.73 -29.67
N LEU A 837 17.62 -13.93 -29.35
CA LEU A 837 17.34 -14.27 -27.96
C LEU A 837 18.59 -14.51 -27.15
N PHE A 838 19.73 -14.71 -27.80
CA PHE A 838 20.93 -15.16 -27.12
C PHE A 838 21.93 -14.03 -26.96
N MET A 839 21.54 -12.81 -27.29
CA MET A 839 22.47 -11.70 -27.40
C MET A 839 22.29 -10.70 -26.28
N PRO A 840 23.36 -10.04 -25.85
CA PRO A 840 23.23 -8.90 -24.94
C PRO A 840 22.54 -7.76 -25.66
N ARG A 841 21.81 -6.95 -24.87
CA ARG A 841 20.79 -6.00 -25.31
C ARG A 841 19.68 -6.68 -26.12
N GLY A 842 19.50 -7.98 -25.94
CA GLY A 842 18.53 -8.75 -26.70
C GLY A 842 17.67 -9.60 -25.79
N GLY A 843 17.68 -10.90 -26.00
CA GLY A 843 16.86 -11.78 -25.21
C GLY A 843 17.56 -12.29 -23.96
N GLU A 844 18.89 -12.46 -24.07
CA GLU A 844 19.76 -12.91 -22.98
C GLU A 844 19.32 -14.25 -22.41
N TYR A 845 18.97 -15.09 -23.24
CA TYR A 845 18.46 -16.36 -22.77
C TYR A 845 19.55 -17.42 -22.87
N PRO A 846 19.57 -18.41 -21.97
CA PRO A 846 20.57 -19.47 -22.05
C PRO A 846 20.46 -20.30 -23.32
N ALA A 847 21.58 -20.91 -23.70
CA ALA A 847 21.75 -21.43 -25.05
C ALA A 847 21.90 -22.94 -25.06
N TYR A 848 21.44 -23.52 -26.16
CA TYR A 848 21.63 -24.91 -26.51
C TYR A 848 22.95 -25.06 -27.29
N PRO A 849 23.52 -26.27 -27.36
CA PRO A 849 24.83 -26.41 -28.02
C PRO A 849 24.77 -26.18 -29.52
N PHE A 850 25.66 -25.34 -30.01
CA PHE A 850 25.85 -25.10 -31.43
C PHE A 850 26.98 -25.97 -31.96
N GLU A 851 26.97 -26.21 -33.27
CA GLU A 851 28.02 -26.99 -33.90
C GLU A 851 29.08 -26.07 -34.45
N ARG A 852 30.35 -26.35 -34.11
CA ARG A 852 31.48 -25.60 -34.64
C ARG A 852 31.85 -26.14 -36.03
N ARG A 853 33.02 -25.74 -36.53
CA ARG A 853 33.54 -26.36 -37.75
C ARG A 853 33.90 -27.82 -37.53
N ASP A 854 34.40 -28.14 -36.34
CA ASP A 854 34.95 -29.46 -36.09
C ASP A 854 33.87 -30.51 -35.96
N GLY A 855 32.66 -30.10 -35.59
CA GLY A 855 31.65 -31.00 -35.15
C GLY A 855 31.51 -31.05 -33.64
N THR A 856 32.52 -30.60 -32.92
CA THR A 856 32.42 -30.49 -31.48
C THR A 856 31.45 -29.39 -31.11
N PHE A 857 30.64 -29.64 -30.11
CA PHE A 857 29.58 -28.72 -29.73
C PHE A 857 30.00 -27.83 -28.58
N THR A 858 29.27 -26.75 -28.39
CA THR A 858 29.51 -25.88 -27.26
C THR A 858 28.87 -26.46 -26.01
N GLU A 859 29.09 -25.79 -24.89
CA GLU A 859 28.59 -26.29 -23.61
C GLU A 859 27.12 -25.90 -23.47
N ASP A 860 26.30 -26.88 -23.08
CA ASP A 860 24.89 -26.62 -22.84
C ASP A 860 24.75 -25.74 -21.61
N GLU A 861 24.27 -24.52 -21.81
CA GLU A 861 24.22 -23.55 -20.73
C GLU A 861 23.15 -23.93 -19.73
N SER A 862 23.51 -23.90 -18.45
CA SER A 862 22.61 -24.32 -17.39
C SER A 862 21.67 -23.18 -17.03
N MET A 863 20.98 -23.33 -15.91
CA MET A 863 20.12 -22.26 -15.42
C MET A 863 20.86 -21.28 -14.53
N PHE A 864 22.06 -21.61 -14.08
CA PHE A 864 22.82 -20.73 -13.22
C PHE A 864 23.76 -19.84 -14.01
N THR A 865 23.55 -19.72 -15.32
CA THR A 865 24.51 -19.00 -16.15
C THR A 865 24.34 -17.49 -15.98
N ALA A 866 25.43 -16.78 -16.16
CA ALA A 866 25.44 -15.34 -15.97
C ALA A 866 24.85 -14.63 -17.19
N ARG A 867 24.63 -13.33 -17.05
CA ARG A 867 24.11 -12.53 -18.14
C ARG A 867 24.91 -11.24 -18.25
N GLY A 868 24.79 -10.58 -19.39
CA GLY A 868 25.60 -9.42 -19.68
C GLY A 868 26.57 -9.70 -20.82
N ALA A 869 27.80 -9.17 -20.72
CA ALA A 869 28.81 -9.45 -21.75
C ALA A 869 29.24 -10.90 -21.78
N TYR A 870 28.99 -11.64 -20.69
CA TYR A 870 29.23 -13.06 -20.71
C TYR A 870 28.31 -13.78 -21.70
N LYS A 871 27.17 -13.17 -22.04
CA LYS A 871 26.42 -13.66 -23.19
C LYS A 871 27.08 -13.30 -24.51
N ARG A 872 27.85 -12.21 -24.56
CA ARG A 872 28.57 -11.86 -25.78
C ARG A 872 29.74 -12.80 -26.02
N ARG A 873 30.19 -13.52 -24.99
CA ARG A 873 31.19 -14.58 -25.20
C ARG A 873 30.74 -15.69 -26.16
N LEU A 874 29.42 -15.84 -26.38
CA LEU A 874 28.90 -16.95 -27.17
C LEU A 874 29.32 -16.87 -28.64
N LEU A 875 29.59 -15.67 -29.17
CA LEU A 875 30.11 -15.55 -30.53
C LEU A 875 31.48 -16.21 -30.65
N TYR A 876 32.35 -15.95 -29.69
CA TYR A 876 33.67 -16.57 -29.66
C TYR A 876 33.60 -18.04 -29.30
N ASP A 877 32.52 -18.46 -28.64
CA ASP A 877 32.37 -19.89 -28.41
C ASP A 877 31.92 -20.61 -29.68
N VAL A 878 31.13 -19.93 -30.53
CA VAL A 878 30.72 -20.52 -31.81
C VAL A 878 31.92 -20.68 -32.72
N SER A 879 32.78 -19.67 -32.80
CA SER A 879 34.09 -19.85 -33.40
C SER A 879 34.90 -20.83 -32.56
N ASN A 880 35.82 -21.52 -33.21
CA ASN A 880 36.59 -22.53 -32.49
C ASN A 880 37.62 -21.79 -31.66
N ILE A 881 37.30 -21.61 -30.38
CA ILE A 881 38.07 -20.78 -29.47
C ILE A 881 39.41 -21.42 -29.12
N ARG A 882 39.48 -22.74 -29.08
CA ARG A 882 40.76 -23.40 -28.90
C ARG A 882 41.61 -23.33 -30.16
N GLU A 883 40.97 -23.34 -31.32
CA GLU A 883 41.69 -23.04 -32.55
C GLU A 883 42.07 -21.57 -32.61
N MET A 884 41.24 -20.70 -32.04
CA MET A 884 41.57 -19.28 -31.98
C MET A 884 42.76 -19.03 -31.07
N ILE A 885 42.92 -19.83 -30.02
CA ILE A 885 44.07 -19.69 -29.14
C ILE A 885 45.25 -20.47 -29.71
N GLN A 886 45.00 -21.32 -30.70
CA GLN A 886 46.08 -22.10 -31.30
C GLN A 886 47.01 -21.23 -32.13
N GLN A 887 46.50 -20.63 -33.21
CA GLN A 887 47.33 -19.87 -34.14
C GLN A 887 47.27 -18.36 -33.90
N ASN A 888 46.96 -17.95 -32.66
CA ASN A 888 47.15 -16.57 -32.17
C ASN A 888 46.29 -15.57 -32.94
N SER A 889 45.11 -15.99 -33.36
CA SER A 889 44.20 -15.15 -34.12
C SER A 889 43.13 -14.58 -33.22
N MET A 890 42.34 -13.66 -33.77
CA MET A 890 41.13 -13.14 -33.11
C MET A 890 40.00 -12.92 -34.11
N VAL A 891 39.92 -13.76 -35.13
CA VAL A 891 38.93 -13.61 -36.20
C VAL A 891 37.70 -14.43 -35.87
N LEU A 892 36.52 -13.81 -35.99
CA LEU A 892 35.28 -14.38 -35.48
C LEU A 892 34.59 -15.36 -36.42
N ASP A 893 35.11 -15.58 -37.63
CA ASP A 893 34.53 -16.50 -38.64
C ASP A 893 33.09 -16.10 -38.98
N ASP A 894 32.99 -14.96 -39.67
CA ASP A 894 31.72 -14.35 -40.02
C ASP A 894 30.89 -15.20 -40.99
N ASP A 895 31.51 -16.15 -41.70
CA ASP A 895 30.74 -17.09 -42.51
C ASP A 895 29.83 -17.94 -41.64
N LEU A 896 30.39 -18.53 -40.58
CA LEU A 896 29.60 -19.37 -39.69
C LEU A 896 28.59 -18.55 -38.90
N LEU A 897 28.93 -17.31 -38.58
CA LEU A 897 28.04 -16.46 -37.80
C LEU A 897 26.88 -15.95 -38.64
N HIS A 898 27.13 -15.63 -39.91
CA HIS A 898 26.05 -15.30 -40.81
C HIS A 898 25.23 -16.51 -41.18
N GLU A 899 25.84 -17.70 -41.14
CA GLU A 899 25.09 -18.91 -41.46
C GLU A 899 24.14 -19.27 -40.32
N TYR A 900 24.59 -19.15 -39.07
CA TYR A 900 23.65 -19.26 -37.96
C TYR A 900 22.72 -18.06 -37.86
N GLY A 901 23.10 -16.93 -38.44
CA GLY A 901 22.23 -15.77 -38.43
C GLY A 901 22.39 -14.87 -37.23
N PHE A 902 23.59 -14.78 -36.66
CA PHE A 902 23.81 -13.86 -35.56
C PHE A 902 24.02 -12.43 -36.04
N THR A 903 24.60 -12.26 -37.23
CA THR A 903 24.95 -10.91 -37.67
C THR A 903 23.70 -10.10 -38.04
N GLY A 904 22.62 -10.78 -38.42
CA GLY A 904 21.37 -10.07 -38.61
C GLY A 904 20.81 -9.58 -37.29
N ALA A 905 20.98 -10.39 -36.24
CA ALA A 905 20.54 -9.98 -34.91
C ALA A 905 21.37 -8.81 -34.40
N LEU A 906 22.67 -8.82 -34.66
CA LEU A 906 23.51 -7.70 -34.24
C LEU A 906 23.22 -6.44 -35.05
N LEU A 907 22.90 -6.60 -36.34
CA LEU A 907 22.52 -5.46 -37.17
C LEU A 907 21.23 -4.83 -36.68
N LEU A 908 20.23 -5.66 -36.36
CA LEU A 908 18.98 -5.16 -35.82
C LEU A 908 19.14 -4.61 -34.41
N ILE A 909 20.11 -5.13 -33.65
CA ILE A 909 20.26 -4.71 -32.28
C ILE A 909 21.09 -3.44 -32.20
N ASP A 910 21.80 -3.11 -33.27
CA ASP A 910 22.55 -1.86 -33.37
C ASP A 910 21.75 -0.76 -34.06
N LEU A 911 21.00 -1.08 -35.11
CA LEU A 911 20.22 -0.06 -35.78
C LEU A 911 19.01 0.41 -34.97
N ASN A 912 18.66 -0.31 -33.91
CA ASN A 912 17.72 0.13 -32.88
C ASN A 912 16.31 0.32 -33.44
N ILE A 913 15.86 -0.67 -34.23
CA ILE A 913 14.50 -0.62 -34.75
C ILE A 913 13.51 -0.84 -33.63
N LEU A 914 13.77 -1.82 -32.77
CA LEU A 914 12.86 -2.16 -31.69
C LEU A 914 12.81 -1.09 -30.60
N ASP A 915 13.77 -0.18 -30.57
CA ASP A 915 13.87 0.82 -29.52
C ASP A 915 13.02 2.06 -29.78
N LEU A 916 12.23 2.07 -30.86
CA LEU A 916 11.65 3.33 -31.33
C LEU A 916 10.12 3.28 -31.29
N ILE A 917 9.56 2.87 -30.15
CA ILE A 917 8.12 2.83 -29.99
C ILE A 917 7.50 4.23 -29.98
N ASP A 918 8.25 5.26 -29.59
CA ASP A 918 7.76 6.64 -29.65
C ASP A 918 8.76 7.64 -30.21
N GLU A 919 10.07 7.33 -30.19
CA GLU A 919 11.17 7.98 -30.90
C GLU A 919 11.55 9.34 -30.35
N VAL A 920 10.70 9.95 -29.52
CA VAL A 920 10.94 11.31 -29.01
C VAL A 920 9.98 11.59 -27.86
N LYS A 921 10.42 12.42 -26.91
CA LYS A 921 9.58 13.06 -25.91
C LYS A 921 10.07 14.51 -25.84
N LYS A 922 9.39 15.41 -26.54
CA LYS A 922 9.98 16.67 -26.96
C LYS A 922 10.05 17.70 -25.83
N GLU A 923 10.52 18.88 -26.20
CA GLU A 923 10.60 20.06 -25.35
C GLU A 923 9.30 20.84 -25.50
N ASP A 924 9.33 22.14 -25.14
CA ASP A 924 8.15 23.01 -24.98
C ASP A 924 7.22 22.49 -23.91
N ILE A 925 7.82 21.89 -22.86
CA ILE A 925 7.08 21.52 -21.65
C ILE A 925 7.01 22.71 -20.69
N SER A 926 7.55 23.87 -21.10
CA SER A 926 7.72 25.12 -20.35
C SER A 926 8.51 24.86 -19.08
N PRO A 927 9.83 24.65 -19.19
CA PRO A 927 10.64 24.43 -17.97
C PRO A 927 10.75 25.64 -17.07
N VAL A 928 10.32 26.82 -17.54
CA VAL A 928 10.13 27.95 -16.63
C VAL A 928 9.05 27.62 -15.61
N LYS A 929 7.97 26.97 -16.04
CA LYS A 929 6.91 26.60 -15.12
C LYS A 929 7.37 25.52 -14.14
N VAL A 930 8.16 24.56 -14.63
CA VAL A 930 8.69 23.51 -13.77
C VAL A 930 9.69 24.10 -12.78
N ASN A 931 10.48 25.07 -13.22
CA ASN A 931 11.42 25.74 -12.34
C ASN A 931 10.70 26.55 -11.28
N GLU A 932 9.55 27.14 -11.63
CA GLU A 932 8.79 27.88 -10.63
C GLU A 932 8.14 26.94 -9.61
N LEU A 933 7.65 25.78 -10.06
CA LEU A 933 7.06 24.81 -9.14
C LEU A 933 8.09 24.26 -8.18
N ALA A 934 9.26 23.87 -8.69
CA ALA A 934 10.29 23.38 -7.79
C ALA A 934 11.05 24.50 -7.09
N THR A 935 10.78 25.76 -7.43
CA THR A 935 11.21 26.86 -6.58
C THR A 935 10.31 26.99 -5.37
N SER A 936 9.00 26.94 -5.60
CA SER A 936 8.05 26.99 -4.49
C SER A 936 7.99 25.70 -3.69
N LEU A 937 8.60 24.63 -4.17
CA LEU A 937 8.61 23.38 -3.41
C LEU A 937 9.81 23.25 -2.49
N GLU A 938 10.94 23.92 -2.80
CA GLU A 938 12.11 23.87 -1.93
C GLU A 938 11.88 24.53 -0.58
N GLN A 939 10.82 25.33 -0.45
CA GLN A 939 10.62 26.22 0.67
C GLN A 939 9.95 25.54 1.85
N LEU A 940 10.04 24.22 1.96
CA LEU A 940 9.31 23.50 2.98
C LEU A 940 10.22 22.95 4.07
N GLY A 941 11.29 22.25 3.70
CA GLY A 941 12.20 21.68 4.68
C GLY A 941 13.64 21.91 4.30
N LYS A 942 14.46 22.22 5.31
CA LYS A 942 15.90 22.41 5.22
C LYS A 942 16.26 23.51 4.22
N LEU A 943 15.86 24.73 4.58
CA LEU A 943 16.24 25.90 3.80
C LEU A 943 17.73 26.16 3.98
N GLY A 944 18.42 26.42 2.87
CA GLY A 944 19.83 26.71 2.88
C GLY A 944 20.71 25.62 2.32
N GLU A 945 20.17 24.44 2.05
CA GLU A 945 20.99 23.37 1.51
C GLU A 945 21.23 23.52 0.02
N ARG A 946 20.24 24.04 -0.71
CA ARG A 946 20.26 23.92 -2.16
C ARG A 946 20.71 25.19 -2.86
N GLU A 947 20.50 26.35 -2.23
CA GLU A 947 21.00 27.60 -2.77
C GLU A 947 22.52 27.60 -2.84
N LYS A 948 23.16 27.00 -1.84
CA LYS A 948 24.60 26.79 -1.86
C LYS A 948 25.02 25.91 -3.03
N SER A 949 24.20 24.90 -3.34
CA SER A 949 24.51 24.00 -4.44
C SER A 949 24.36 24.69 -5.78
N ARG A 950 23.35 25.55 -5.94
CA ARG A 950 23.21 26.32 -7.17
C ARG A 950 24.33 27.31 -7.34
N ARG A 951 24.81 27.90 -6.24
CA ARG A 951 25.93 28.82 -6.37
C ARG A 951 27.21 28.09 -6.73
N ALA A 952 27.38 26.87 -6.22
CA ALA A 952 28.54 26.07 -6.61
C ALA A 952 28.43 25.61 -8.07
N ALA A 953 27.21 25.33 -8.54
CA ALA A 953 27.03 24.92 -9.93
C ALA A 953 27.29 26.08 -10.87
N SER A 954 26.87 27.29 -10.49
CA SER A 954 27.19 28.48 -11.26
C SER A 954 28.68 28.77 -11.27
N ASP A 955 29.37 28.48 -10.16
CA ASP A 955 30.82 28.63 -10.12
C ASP A 955 31.49 27.66 -11.08
N LEU A 956 31.05 26.41 -11.09
CA LEU A 956 31.65 25.43 -12.00
C LEU A 956 31.29 25.71 -13.45
N LYS A 957 30.16 26.38 -13.68
CA LYS A 957 29.83 26.83 -15.02
C LYS A 957 30.74 27.97 -15.46
N ILE A 958 30.97 28.95 -14.59
CA ILE A 958 31.54 30.21 -15.07
C ILE A 958 33.04 30.11 -15.33
N ARG A 959 33.77 29.32 -14.56
CA ARG A 959 35.22 29.27 -14.68
C ARG A 959 35.71 28.06 -15.46
N GLY A 960 35.13 26.89 -15.20
CA GLY A 960 35.44 25.69 -15.94
C GLY A 960 34.25 25.28 -16.78
N HIS A 961 34.02 23.97 -16.81
CA HIS A 961 32.95 23.38 -17.60
C HIS A 961 31.77 22.99 -16.72
N ALA A 962 30.59 22.99 -17.33
CA ALA A 962 29.33 22.89 -16.61
C ALA A 962 29.10 21.47 -16.10
N LEU A 963 28.12 21.36 -15.21
CA LEU A 963 27.57 20.09 -14.82
C LEU A 963 26.17 19.93 -15.37
N SER A 964 25.70 18.69 -15.38
CA SER A 964 24.31 18.46 -15.75
C SER A 964 23.40 18.89 -14.60
N ASN A 965 22.17 19.27 -14.94
CA ASN A 965 21.17 19.51 -13.92
C ASN A 965 20.73 18.23 -13.21
N ASP A 966 20.96 17.08 -13.85
CA ASP A 966 20.74 15.79 -13.22
C ASP A 966 21.62 15.62 -11.98
N ILE A 967 22.82 16.20 -12.00
CA ILE A 967 23.79 15.86 -10.98
C ILE A 967 23.66 16.72 -9.72
N VAL A 968 22.94 17.84 -9.79
CA VAL A 968 22.99 18.85 -8.76
C VAL A 968 21.85 18.62 -7.77
N TYR A 969 22.17 18.66 -6.48
CA TYR A 969 21.17 18.46 -5.43
C TYR A 969 20.12 19.56 -5.45
N GLY A 970 20.50 20.77 -5.85
CA GLY A 970 19.53 21.84 -5.94
C GLY A 970 18.58 21.70 -7.12
N TYR A 971 19.05 21.12 -8.22
CA TYR A 971 18.19 20.90 -9.37
C TYR A 971 17.50 19.54 -9.33
N GLY A 972 17.58 18.84 -8.18
CA GLY A 972 17.01 17.50 -8.10
C GLY A 972 15.50 17.50 -8.15
N LEU A 973 14.86 18.46 -7.49
CA LEU A 973 13.40 18.50 -7.51
C LEU A 973 12.86 19.00 -8.84
N GLN A 974 13.61 19.90 -9.50
CA GLN A 974 13.31 20.28 -10.88
C GLN A 974 13.32 19.05 -11.78
N GLU A 975 14.38 18.24 -11.66
CA GLU A 975 14.48 17.03 -12.46
C GLU A 975 13.41 16.02 -12.10
N LYS A 976 12.99 16.01 -10.83
CA LYS A 976 11.97 15.08 -10.38
C LYS A 976 10.61 15.42 -10.96
N ILE A 977 10.23 16.70 -10.91
CA ILE A 977 8.96 17.12 -11.48
C ILE A 977 8.99 17.02 -13.00
N GLN A 978 10.16 17.24 -13.61
CA GLN A 978 10.29 17.12 -15.06
C GLN A 978 10.11 15.67 -15.51
N LYS A 979 10.76 14.74 -14.81
CA LYS A 979 10.61 13.33 -15.17
C LYS A 979 9.24 12.78 -14.81
N SER A 980 8.57 13.37 -13.83
CA SER A 980 7.17 13.01 -13.61
C SER A 980 6.29 13.55 -14.73
N ALA A 981 6.67 14.69 -15.31
CA ALA A 981 5.89 15.23 -16.42
C ALA A 981 6.10 14.44 -17.69
N MET A 982 7.26 13.79 -17.84
CA MET A 982 7.50 13.00 -19.04
C MET A 982 6.65 11.75 -19.07
N ALA A 983 6.38 11.16 -17.90
CA ALA A 983 5.57 9.95 -17.84
C ALA A 983 4.09 10.22 -18.06
N THR A 984 3.64 11.45 -17.81
CA THR A 984 2.23 11.79 -18.04
C THR A 984 1.90 11.90 -19.52
N LYS A 985 2.91 12.07 -20.37
CA LYS A 985 2.72 12.10 -21.81
C LYS A 985 3.47 10.89 -22.36
N GLU A 986 2.76 9.79 -22.53
CA GLU A 986 3.33 8.52 -22.96
C GLU A 986 2.60 8.04 -24.20
N THR A 987 3.33 7.51 -25.16
CA THR A 987 2.74 7.00 -26.38
C THR A 987 3.49 5.77 -26.87
N THR A 988 2.73 4.77 -27.31
CA THR A 988 3.26 3.55 -27.91
C THR A 988 2.58 3.36 -29.24
N VAL A 989 3.34 3.38 -30.31
CA VAL A 989 2.78 3.33 -31.66
C VAL A 989 2.70 1.88 -32.11
N GLN A 990 1.59 1.53 -32.78
CA GLN A 990 1.38 0.17 -33.26
C GLN A 990 2.37 -0.19 -34.37
N SER A 991 2.92 0.81 -35.06
CA SER A 991 3.78 0.55 -36.22
C SER A 991 5.03 1.41 -36.14
N LYS A 992 5.76 1.52 -37.25
CA LYS A 992 7.05 2.16 -37.28
C LYS A 992 7.07 3.37 -38.19
N ARG A 993 8.18 4.10 -38.15
CA ARG A 993 8.31 5.39 -38.81
C ARG A 993 9.64 5.44 -39.55
N VAL A 994 9.88 4.42 -40.38
CA VAL A 994 11.09 4.39 -41.18
C VAL A 994 10.90 5.29 -42.41
N SER A 995 11.14 6.59 -42.22
CA SER A 995 10.92 7.60 -43.24
C SER A 995 12.21 8.38 -43.46
N SER A 996 13.06 7.83 -44.32
CA SER A 996 14.23 8.43 -44.95
C SER A 996 15.42 8.70 -44.04
N ARG A 997 15.22 8.81 -42.73
CA ARG A 997 16.38 8.90 -41.85
C ARG A 997 16.84 7.51 -41.47
N LEU A 998 15.89 6.70 -40.99
CA LEU A 998 16.11 5.28 -40.80
C LEU A 998 16.47 4.61 -42.12
N HIS A 999 15.86 5.05 -43.22
CA HIS A 999 16.19 4.46 -44.51
C HIS A 999 17.61 4.79 -44.96
N GLU A 1000 18.05 6.03 -44.74
CA GLU A 1000 19.43 6.37 -45.09
C GLU A 1000 20.44 5.61 -44.23
N VAL A 1001 20.18 5.46 -42.94
CA VAL A 1001 21.14 4.72 -42.13
C VAL A 1001 21.08 3.20 -42.38
N ILE A 1002 19.93 2.66 -42.81
CA ILE A 1002 19.87 1.25 -43.20
C ILE A 1002 20.64 1.03 -44.49
N VAL A 1003 20.46 1.92 -45.48
CA VAL A 1003 21.20 1.84 -46.74
C VAL A 1003 22.70 1.98 -46.49
N ALA A 1004 23.08 2.84 -45.54
CA ALA A 1004 24.48 2.96 -45.17
C ALA A 1004 25.00 1.71 -44.48
N LYS A 1005 24.18 1.02 -43.70
CA LYS A 1005 24.69 -0.12 -42.94
C LYS A 1005 24.39 -1.47 -43.57
N THR A 1006 23.48 -1.56 -44.54
CA THR A 1006 23.30 -2.83 -45.26
C THR A 1006 24.45 -2.99 -46.25
N ARG A 1007 25.56 -3.47 -45.72
CA ARG A 1007 26.79 -3.68 -46.47
C ARG A 1007 27.17 -5.13 -46.21
N ASP A 1008 28.43 -5.47 -46.45
CA ASP A 1008 28.99 -6.73 -45.97
C ASP A 1008 28.76 -6.89 -44.47
N TYR A 1009 29.00 -5.82 -43.70
CA TYR A 1009 28.67 -5.69 -42.27
C TYR A 1009 29.36 -6.79 -41.45
N LYS A 1010 30.67 -6.66 -41.37
CA LYS A 1010 31.42 -7.50 -40.45
C LYS A 1010 31.11 -7.08 -39.03
N ILE A 1011 31.08 -8.05 -38.13
CA ILE A 1011 30.75 -7.80 -36.72
C ILE A 1011 31.90 -7.04 -36.07
N PRO A 1012 31.64 -5.93 -35.40
CA PRO A 1012 32.74 -5.14 -34.82
C PRO A 1012 33.38 -5.84 -33.63
N THR A 1013 34.66 -5.56 -33.46
CA THR A 1013 35.46 -6.13 -32.37
C THR A 1013 35.99 -4.98 -31.54
N MET A 1014 35.36 -4.73 -30.41
CA MET A 1014 35.92 -3.84 -29.42
C MET A 1014 37.21 -4.47 -28.89
N PRO A 1015 38.29 -3.69 -28.71
CA PRO A 1015 39.58 -4.29 -28.32
C PRO A 1015 39.61 -4.85 -26.91
N ALA A 1016 38.57 -4.64 -26.10
CA ALA A 1016 38.53 -5.12 -24.73
C ALA A 1016 37.72 -6.40 -24.59
N ASP A 1017 37.38 -7.06 -25.69
CA ASP A 1017 36.76 -8.36 -25.59
C ASP A 1017 37.77 -9.48 -25.58
N ALA A 1018 39.06 -9.14 -25.48
CA ALA A 1018 40.09 -10.16 -25.39
C ALA A 1018 40.04 -10.89 -24.07
N LEU A 1019 39.34 -10.32 -23.08
CA LEU A 1019 39.15 -11.02 -21.82
C LEU A 1019 38.16 -12.17 -21.98
N HIS A 1020 37.31 -12.12 -23.02
CA HIS A 1020 36.33 -13.19 -23.21
C HIS A 1020 36.99 -14.47 -23.66
N LEU A 1021 38.12 -14.37 -24.35
CA LEU A 1021 38.66 -15.54 -25.02
C LEU A 1021 39.68 -16.27 -24.17
N TYR A 1022 39.25 -17.44 -23.66
CA TYR A 1022 40.00 -18.35 -22.80
C TYR A 1022 39.23 -19.67 -22.73
N GLU A 1023 39.89 -20.78 -22.40
CA GLU A 1023 39.21 -22.06 -22.31
C GLU A 1023 39.79 -22.91 -21.20
N PHE A 1024 39.02 -23.92 -20.80
CA PHE A 1024 39.38 -24.82 -19.71
C PHE A 1024 39.53 -26.23 -20.26
N GLU A 1025 40.48 -26.97 -19.70
CA GLU A 1025 40.81 -28.31 -20.20
C GLU A 1025 40.64 -29.32 -19.07
N VAL A 1026 39.98 -30.42 -19.37
CA VAL A 1026 39.58 -31.39 -18.37
C VAL A 1026 40.78 -32.26 -18.01
N GLU A 1027 41.14 -32.28 -16.73
CA GLU A 1027 42.11 -33.25 -16.25
C GLU A 1027 41.37 -34.49 -15.73
N ASP A 1028 42.16 -35.51 -15.40
CA ASP A 1028 41.63 -36.77 -14.87
C ASP A 1028 41.88 -36.90 -13.37
N VAL A 1029 41.72 -35.81 -12.64
CA VAL A 1029 41.87 -35.79 -11.19
C VAL A 1029 40.50 -35.48 -10.60
N THR A 1030 39.88 -36.48 -9.98
CA THR A 1030 38.60 -36.26 -9.33
C THR A 1030 38.82 -35.53 -8.02
N VAL A 1031 38.12 -34.42 -7.83
CA VAL A 1031 38.33 -33.57 -6.67
C VAL A 1031 37.48 -34.06 -5.52
N ASP A 1032 37.84 -33.62 -4.33
CA ASP A 1032 37.04 -33.88 -3.15
C ASP A 1032 35.76 -33.05 -3.18
N LEU A 1033 34.74 -33.56 -2.52
CA LEU A 1033 33.51 -32.80 -2.35
C LEU A 1033 33.49 -32.18 -0.97
N LEU A 1034 32.66 -31.15 -0.81
CA LEU A 1034 32.39 -30.60 0.50
C LEU A 1034 31.73 -31.68 1.38
N PRO A 1035 31.99 -31.66 2.68
CA PRO A 1035 31.39 -32.68 3.55
C PRO A 1035 29.89 -32.54 3.73
N HIS A 1036 29.31 -31.38 3.47
CA HIS A 1036 27.86 -31.28 3.56
C HIS A 1036 27.16 -31.86 2.34
N ALA A 1037 27.89 -32.30 1.32
CA ALA A 1037 27.28 -33.06 0.24
C ALA A 1037 26.82 -34.43 0.72
N LYS A 1038 27.46 -34.97 1.76
CA LYS A 1038 27.02 -36.25 2.28
C LYS A 1038 25.74 -36.10 3.08
N HIS A 1039 25.56 -34.97 3.77
CA HIS A 1039 24.43 -34.85 4.68
C HIS A 1039 23.15 -34.51 3.95
N THR A 1040 23.24 -33.81 2.82
CA THR A 1040 22.06 -33.47 2.04
C THR A 1040 21.72 -34.51 0.99
N SER A 1041 22.20 -35.74 1.17
CA SER A 1041 21.88 -36.81 0.24
C SER A 1041 20.55 -37.45 0.53
N TYR A 1042 20.11 -37.43 1.79
CA TYR A 1042 18.91 -38.18 2.16
C TYR A 1042 17.64 -37.44 1.76
N SER A 1043 17.39 -36.29 2.37
CA SER A 1043 16.27 -35.46 2.01
C SER A 1043 16.80 -34.17 1.43
N ASN A 1044 16.52 -33.96 0.15
CA ASN A 1044 17.01 -32.79 -0.57
C ASN A 1044 16.38 -31.53 -0.01
N LEU A 1045 17.18 -30.49 0.17
CA LEU A 1045 16.68 -29.31 0.87
C LEU A 1045 15.92 -28.38 -0.06
N ALA A 1046 15.92 -28.68 -1.35
CA ALA A 1046 15.06 -28.02 -2.32
C ALA A 1046 14.41 -29.08 -3.18
N TYR A 1047 13.44 -28.67 -4.00
CA TYR A 1047 12.84 -29.61 -4.95
C TYR A 1047 13.81 -30.05 -6.02
N ASN A 1048 14.65 -29.13 -6.52
CA ASN A 1048 15.52 -29.49 -7.62
C ASN A 1048 16.90 -29.96 -7.18
N MET A 1049 17.17 -30.02 -5.88
CA MET A 1049 18.49 -30.40 -5.40
C MET A 1049 18.55 -31.85 -4.97
N SER A 1050 17.86 -32.75 -5.68
CA SER A 1050 17.80 -34.15 -5.32
C SER A 1050 19.15 -34.82 -5.52
N PHE A 1051 19.28 -36.03 -4.97
CA PHE A 1051 20.55 -36.75 -4.98
C PHE A 1051 20.94 -37.12 -6.40
N GLY A 1052 22.02 -36.52 -6.89
CA GLY A 1052 22.45 -36.70 -8.24
C GLY A 1052 22.09 -35.57 -9.17
N SER A 1053 21.18 -34.69 -8.77
CA SER A 1053 20.80 -33.58 -9.62
C SER A 1053 21.91 -32.56 -9.70
N ASP A 1054 21.87 -31.75 -10.76
CA ASP A 1054 22.97 -30.84 -11.03
C ASP A 1054 22.99 -29.65 -10.08
N GLY A 1055 21.84 -29.27 -9.53
CA GLY A 1055 21.84 -28.26 -8.49
C GLY A 1055 22.50 -28.75 -7.22
N TRP A 1056 22.22 -30.00 -6.85
CA TRP A 1056 22.89 -30.63 -5.72
C TRP A 1056 24.39 -30.76 -5.96
N PHE A 1057 24.78 -31.07 -7.17
CA PHE A 1057 26.19 -31.29 -7.44
C PHE A 1057 26.96 -29.98 -7.51
N ALA A 1058 26.31 -28.91 -7.99
CA ALA A 1058 26.90 -27.58 -7.91
C ALA A 1058 27.01 -27.12 -6.47
N PHE A 1059 26.03 -27.45 -5.65
CA PHE A 1059 26.09 -27.13 -4.22
C PHE A 1059 27.16 -27.94 -3.52
N ALA A 1060 27.45 -29.14 -4.04
CA ALA A 1060 28.56 -29.93 -3.53
C ALA A 1060 29.90 -29.29 -3.87
N LEU A 1061 30.06 -28.87 -5.13
CA LEU A 1061 31.35 -28.34 -5.56
C LEU A 1061 31.58 -26.92 -5.07
N LEU A 1062 30.64 -26.02 -5.33
CA LEU A 1062 30.85 -24.62 -4.97
C LEU A 1062 30.72 -24.41 -3.47
N GLY A 1063 29.73 -25.03 -2.86
CA GLY A 1063 29.50 -24.87 -1.44
C GLY A 1063 28.48 -23.79 -1.14
N GLY A 1064 28.02 -23.79 0.11
CA GLY A 1064 26.99 -22.87 0.52
C GLY A 1064 27.49 -21.46 0.72
N LEU A 1065 26.54 -20.54 0.84
CA LEU A 1065 26.85 -19.13 0.96
C LEU A 1065 27.30 -18.81 2.38
N ASP A 1066 28.03 -17.71 2.50
CA ASP A 1066 28.48 -17.19 3.79
C ASP A 1066 28.82 -15.73 3.65
N ARG A 1067 28.52 -14.95 4.69
CA ARG A 1067 28.73 -13.51 4.68
C ARG A 1067 30.10 -13.10 5.21
N SER A 1068 30.80 -13.99 5.91
CA SER A 1068 32.09 -13.66 6.51
C SER A 1068 33.28 -14.02 5.63
N ALA A 1069 33.12 -15.00 4.74
CA ALA A 1069 34.22 -15.44 3.89
C ALA A 1069 34.22 -14.61 2.61
N ASN A 1070 34.50 -13.33 2.77
CA ASN A 1070 34.63 -12.38 1.66
C ASN A 1070 36.08 -11.91 1.61
N LEU A 1071 36.89 -12.66 0.88
CA LEU A 1071 38.32 -12.36 0.86
C LEU A 1071 38.63 -11.19 -0.06
N LEU A 1072 37.95 -11.11 -1.20
CA LEU A 1072 38.20 -10.07 -2.19
C LEU A 1072 36.91 -9.34 -2.48
N ARG A 1073 36.82 -8.10 -2.06
CA ARG A 1073 35.66 -7.28 -2.36
C ARG A 1073 36.00 -6.06 -3.18
N LEU A 1074 37.00 -5.29 -2.76
CA LEU A 1074 37.34 -4.05 -3.42
C LEU A 1074 38.04 -4.29 -4.75
N ASP A 1075 38.65 -5.46 -4.88
CA ASP A 1075 39.32 -5.87 -6.12
C ASP A 1075 38.39 -6.67 -7.04
N VAL A 1076 37.33 -7.24 -6.47
CA VAL A 1076 36.37 -8.04 -7.22
C VAL A 1076 35.27 -7.16 -7.82
N ALA A 1077 34.71 -6.27 -7.00
CA ALA A 1077 33.55 -5.49 -7.44
C ALA A 1077 33.89 -4.44 -8.48
N SER A 1078 35.13 -3.95 -8.52
CA SER A 1078 35.47 -2.92 -9.48
C SER A 1078 35.60 -3.50 -10.88
N ILE A 1079 36.25 -4.65 -11.02
CA ILE A 1079 36.25 -5.33 -12.31
C ILE A 1079 34.94 -6.03 -12.57
N ARG A 1080 34.08 -6.17 -11.56
CA ARG A 1080 32.68 -6.41 -11.83
C ARG A 1080 32.00 -5.14 -12.31
N GLY A 1081 32.51 -3.98 -11.93
CA GLY A 1081 31.74 -2.76 -12.12
C GLY A 1081 32.01 -1.64 -11.14
N ASN A 1082 30.95 -1.30 -10.40
CA ASN A 1082 30.95 -0.23 -9.40
C ASN A 1082 32.03 -0.39 -8.35
N TYR A 1083 32.45 0.74 -7.79
CA TYR A 1083 33.49 0.75 -6.77
C TYR A 1083 32.91 0.46 -5.38
N HIS A 1084 32.09 1.37 -4.88
CA HIS A 1084 31.58 1.29 -3.52
C HIS A 1084 30.10 1.61 -3.51
N LYS A 1085 29.37 0.91 -4.39
CA LYS A 1085 27.99 1.12 -4.82
C LYS A 1085 27.84 2.41 -5.61
N PHE A 1086 28.95 2.96 -6.10
CA PHE A 1086 28.94 4.03 -7.10
C PHE A 1086 29.50 3.44 -8.39
N SER A 1087 28.72 3.49 -9.46
CA SER A 1087 29.12 2.85 -10.70
C SER A 1087 30.23 3.64 -11.38
N TYR A 1088 30.96 2.97 -12.26
CA TYR A 1088 31.88 3.68 -13.12
C TYR A 1088 31.14 4.38 -14.24
N ASP A 1089 30.02 3.82 -14.69
CA ASP A 1089 29.15 4.50 -15.63
C ASP A 1089 28.06 5.27 -14.89
N ASP A 1090 28.50 6.07 -13.94
CA ASP A 1090 27.66 6.97 -13.18
C ASP A 1090 28.05 8.39 -13.55
N PRO A 1091 27.08 9.23 -13.94
CA PRO A 1091 27.40 10.64 -14.24
C PRO A 1091 28.02 11.39 -13.08
N VAL A 1092 27.72 10.98 -11.83
CA VAL A 1092 28.50 11.40 -10.66
C VAL A 1092 29.97 11.13 -10.90
N PHE A 1093 30.29 9.86 -11.15
CA PHE A 1093 31.66 9.43 -11.31
C PHE A 1093 32.27 9.97 -12.58
N LYS A 1094 31.49 10.04 -13.66
CA LYS A 1094 32.04 10.44 -14.95
C LYS A 1094 32.40 11.91 -14.97
N GLN A 1095 31.49 12.77 -14.48
CA GLN A 1095 31.81 14.18 -14.39
C GLN A 1095 32.90 14.46 -13.36
N GLY A 1096 32.90 13.71 -12.25
CA GLY A 1096 33.96 13.90 -11.28
C GLY A 1096 35.32 13.47 -11.78
N TYR A 1097 35.37 12.41 -12.57
CA TYR A 1097 36.65 11.94 -13.08
C TYR A 1097 37.15 12.82 -14.22
N LYS A 1098 36.24 13.44 -14.96
CA LYS A 1098 36.67 14.44 -15.93
C LYS A 1098 37.16 15.71 -15.24
N ILE A 1099 36.63 16.03 -14.06
CA ILE A 1099 37.26 17.07 -13.23
C ILE A 1099 38.65 16.62 -12.78
N TYR A 1100 38.76 15.38 -12.33
CA TYR A 1100 39.99 14.85 -11.75
C TYR A 1100 41.11 14.74 -12.78
N LYS A 1101 40.77 14.55 -14.06
CA LYS A 1101 41.81 14.63 -15.09
C LYS A 1101 42.35 16.05 -15.22
N SER A 1102 41.48 17.04 -15.11
CA SER A 1102 41.90 18.43 -15.12
C SER A 1102 42.37 18.84 -13.72
N ASP A 1103 42.56 20.13 -13.50
CA ASP A 1103 43.06 20.61 -12.23
C ASP A 1103 42.00 20.48 -11.13
N ALA A 1104 42.45 20.14 -9.93
CA ALA A 1104 41.58 19.81 -8.82
C ALA A 1104 41.27 20.99 -7.93
N THR A 1105 41.47 22.22 -8.42
CA THR A 1105 41.04 23.38 -7.66
C THR A 1105 39.53 23.54 -7.67
N LEU A 1106 38.86 22.95 -8.65
CA LEU A 1106 37.42 23.01 -8.78
C LEU A 1106 36.72 21.85 -8.09
N LEU A 1107 37.40 21.15 -7.18
CA LEU A 1107 36.92 19.87 -6.69
C LEU A 1107 36.07 20.00 -5.43
N ASN A 1108 36.47 20.86 -4.49
CA ASN A 1108 35.67 21.08 -3.29
C ASN A 1108 34.33 21.70 -3.64
N ASP A 1109 34.33 22.63 -4.60
CA ASP A 1109 33.08 23.22 -5.04
C ASP A 1109 32.26 22.25 -5.88
N PHE A 1110 32.89 21.27 -6.53
CA PHE A 1110 32.16 20.18 -7.14
C PHE A 1110 31.41 19.36 -6.09
N PHE A 1111 32.08 19.09 -4.96
CA PHE A 1111 31.39 18.41 -3.87
C PHE A 1111 30.27 19.25 -3.26
N VAL A 1112 30.48 20.57 -3.19
CA VAL A 1112 29.43 21.45 -2.69
C VAL A 1112 28.25 21.49 -3.65
N ALA A 1113 28.53 21.39 -4.96
CA ALA A 1113 27.45 21.31 -5.94
C ALA A 1113 26.69 20.00 -5.82
N ILE A 1114 27.37 18.92 -5.46
CA ILE A 1114 26.64 17.69 -5.19
C ILE A 1114 26.05 17.70 -3.78
N SER A 1115 26.72 18.38 -2.84
CA SER A 1115 26.39 18.39 -1.40
C SER A 1115 26.38 16.98 -0.82
N ALA A 1116 27.49 16.26 -1.01
CA ALA A 1116 27.69 14.99 -0.36
C ALA A 1116 28.51 15.19 0.91
N GLY A 1117 28.32 14.27 1.87
CA GLY A 1117 28.98 14.38 3.15
C GLY A 1117 30.45 14.02 3.07
N PRO A 1118 31.16 14.21 4.19
CA PRO A 1118 32.62 14.04 4.16
C PRO A 1118 33.08 12.61 4.02
N LYS A 1119 32.34 11.65 4.58
CA LYS A 1119 32.71 10.25 4.46
C LYS A 1119 32.55 9.77 3.03
N GLU A 1120 31.43 10.11 2.41
CA GLU A 1120 31.23 9.82 1.00
C GLU A 1120 32.18 10.61 0.11
N GLN A 1121 32.62 11.78 0.56
CA GLN A 1121 33.63 12.55 -0.14
C GLN A 1121 34.96 11.80 -0.18
N GLY A 1122 35.39 11.28 0.97
CA GLY A 1122 36.60 10.46 0.99
C GLY A 1122 36.47 9.17 0.20
N ILE A 1123 35.26 8.59 0.19
CA ILE A 1123 35.02 7.40 -0.63
C ILE A 1123 35.15 7.73 -2.11
N LEU A 1124 34.68 8.91 -2.52
CA LEU A 1124 34.75 9.26 -3.93
C LEU A 1124 36.18 9.60 -4.35
N LEU A 1125 36.95 10.21 -3.43
CA LEU A 1125 38.37 10.43 -3.68
C LEU A 1125 39.12 9.10 -3.86
N ARG A 1126 38.82 8.13 -3.00
CA ARG A 1126 39.35 6.78 -3.17
C ARG A 1126 38.89 6.15 -4.48
N ALA A 1127 37.67 6.48 -4.92
CA ALA A 1127 37.14 5.92 -6.16
C ALA A 1127 37.93 6.40 -7.36
N PHE A 1128 38.23 7.69 -7.42
CA PHE A 1128 39.02 8.19 -8.54
C PHE A 1128 40.45 7.66 -8.48
N ALA A 1129 41.02 7.59 -7.28
CA ALA A 1129 42.39 7.11 -7.13
C ALA A 1129 42.51 5.64 -7.48
N TYR A 1130 41.46 4.86 -7.26
CA TYR A 1130 41.48 3.45 -7.58
C TYR A 1130 41.05 3.17 -9.02
N TYR A 1131 40.35 4.10 -9.65
CA TYR A 1131 40.01 3.93 -11.05
C TYR A 1131 41.17 4.31 -11.95
N SER A 1132 41.94 5.34 -11.57
CA SER A 1132 43.07 5.77 -12.39
C SER A 1132 44.19 4.73 -12.42
N LEU A 1133 44.26 3.86 -11.41
CA LEU A 1133 45.22 2.77 -11.40
C LEU A 1133 44.49 1.47 -11.68
N TYR A 1134 44.90 0.80 -12.77
CA TYR A 1134 44.33 -0.48 -13.25
C TYR A 1134 42.80 -0.48 -13.28
N GLY A 1135 42.24 0.55 -13.89
CA GLY A 1135 40.82 0.56 -14.22
C GLY A 1135 40.58 0.05 -15.63
N ASN A 1136 41.55 -0.69 -16.15
CA ASN A 1136 41.47 -1.18 -17.52
C ASN A 1136 40.48 -2.33 -17.64
N VAL A 1137 40.64 -3.35 -16.85
CA VAL A 1137 39.83 -4.55 -17.03
C VAL A 1137 38.54 -4.39 -16.26
N GLU A 1138 37.48 -4.91 -16.86
CA GLU A 1138 36.16 -5.00 -16.27
C GLU A 1138 35.40 -6.01 -17.09
N TYR A 1139 34.50 -6.75 -16.45
CA TYR A 1139 34.01 -7.93 -17.16
C TYR A 1139 32.49 -7.95 -17.24
N HIS A 1140 31.83 -7.31 -16.27
CA HIS A 1140 30.39 -6.99 -16.32
C HIS A 1140 29.51 -8.21 -16.49
N TYR A 1141 29.46 -9.06 -15.47
CA TYR A 1141 28.54 -10.18 -15.48
C TYR A 1141 27.39 -9.89 -14.52
N VAL A 1142 26.18 -10.23 -14.94
CA VAL A 1142 24.98 -9.97 -14.15
C VAL A 1142 24.44 -11.32 -13.70
N LEU A 1143 24.27 -11.46 -12.39
CA LEU A 1143 23.99 -12.75 -11.80
C LEU A 1143 22.95 -12.55 -10.71
N SER A 1144 21.78 -13.13 -10.91
CA SER A 1144 20.64 -12.79 -10.05
C SER A 1144 20.77 -13.47 -8.70
N PRO A 1145 20.39 -12.79 -7.62
CA PRO A 1145 20.51 -13.39 -6.29
C PRO A 1145 19.50 -14.48 -6.03
N ARG A 1146 18.31 -14.38 -6.61
CA ARG A 1146 17.32 -15.43 -6.45
C ARG A 1146 17.72 -16.66 -7.24
N GLN A 1147 18.34 -16.45 -8.40
CA GLN A 1147 18.91 -17.53 -9.19
C GLN A 1147 19.98 -18.29 -8.43
N LEU A 1148 20.78 -17.57 -7.64
CA LEU A 1148 21.83 -18.16 -6.82
C LEU A 1148 21.35 -18.19 -5.37
N PHE A 1149 20.44 -19.13 -5.09
CA PHE A 1149 19.65 -19.04 -3.87
C PHE A 1149 20.35 -19.69 -2.68
N PHE A 1150 20.73 -20.96 -2.80
CA PHE A 1150 21.55 -21.61 -1.79
C PHE A 1150 23.03 -21.62 -2.12
N LEU A 1151 23.42 -21.27 -3.34
CA LEU A 1151 24.79 -21.44 -3.76
C LEU A 1151 25.66 -20.30 -3.22
N SER A 1152 26.95 -20.42 -3.46
CA SER A 1152 27.89 -19.42 -2.97
C SER A 1152 27.88 -18.19 -3.85
N ASP A 1153 28.01 -17.03 -3.23
CA ASP A 1153 28.04 -15.76 -3.94
C ASP A 1153 29.45 -15.29 -4.25
N ASN A 1154 30.41 -15.62 -3.40
CA ASN A 1154 31.78 -15.15 -3.54
C ASN A 1154 32.48 -16.00 -4.58
N PRO A 1155 33.02 -15.40 -5.65
CA PRO A 1155 33.66 -16.21 -6.70
C PRO A 1155 34.99 -16.79 -6.31
N VAL A 1156 35.53 -16.43 -5.15
CA VAL A 1156 36.76 -17.01 -4.65
C VAL A 1156 36.55 -18.49 -4.32
N SER A 1157 35.31 -18.87 -4.02
CA SER A 1157 34.94 -20.22 -3.60
C SER A 1157 35.21 -21.28 -4.66
N ALA A 1158 35.45 -20.89 -5.91
CA ALA A 1158 35.75 -21.85 -6.96
C ALA A 1158 37.24 -21.89 -7.31
N GLU A 1159 38.11 -21.40 -6.43
CA GLU A 1159 39.54 -21.40 -6.76
C GLU A 1159 40.20 -22.75 -6.54
N ARG A 1160 39.60 -23.62 -5.74
CA ARG A 1160 40.22 -24.90 -5.43
C ARG A 1160 39.92 -25.96 -6.47
N LEU A 1161 39.16 -25.62 -7.51
CA LEU A 1161 38.77 -26.58 -8.52
C LEU A 1161 39.47 -26.39 -9.85
N VAL A 1162 40.13 -25.25 -10.06
CA VAL A 1162 40.78 -24.93 -11.32
C VAL A 1162 42.25 -24.68 -11.04
N ARG A 1163 43.11 -25.46 -11.68
CA ARG A 1163 44.54 -25.31 -11.50
C ARG A 1163 45.07 -24.28 -12.48
N ILE A 1164 45.71 -23.24 -11.95
CA ILE A 1164 46.17 -22.10 -12.74
C ILE A 1164 47.69 -22.10 -12.74
N PRO A 1165 48.35 -21.97 -13.90
CA PRO A 1165 49.81 -21.92 -13.91
C PRO A 1165 50.33 -20.64 -13.29
N PRO A 1166 51.49 -20.68 -12.63
CA PRO A 1166 52.00 -19.49 -11.95
C PRO A 1166 52.63 -18.46 -12.86
N SER A 1167 52.84 -18.77 -14.15
CA SER A 1167 53.42 -17.79 -15.05
C SER A 1167 52.40 -16.82 -15.62
N TYR A 1168 51.12 -17.00 -15.29
CA TYR A 1168 50.08 -16.12 -15.79
C TYR A 1168 49.86 -14.89 -14.92
N TYR A 1169 50.23 -14.95 -13.64
CA TYR A 1169 50.00 -13.83 -12.74
C TYR A 1169 50.98 -12.71 -13.07
N VAL A 1170 50.48 -11.69 -13.78
CA VAL A 1170 51.32 -10.59 -14.24
C VAL A 1170 50.85 -9.24 -13.73
N SER A 1171 49.82 -9.19 -12.90
CA SER A 1171 49.29 -7.92 -12.46
C SER A 1171 48.57 -8.11 -11.13
N THR A 1172 48.25 -6.98 -10.51
CA THR A 1172 47.64 -6.96 -9.19
C THR A 1172 46.15 -7.29 -9.22
N GLN A 1173 45.57 -7.49 -10.39
CA GLN A 1173 44.14 -7.73 -10.53
C GLN A 1173 43.86 -9.00 -11.31
N CYS A 1174 44.85 -9.89 -11.46
CA CYS A 1174 44.62 -11.13 -12.18
C CYS A 1174 43.94 -12.16 -11.31
N ARG A 1175 44.24 -12.15 -10.01
CA ARG A 1175 43.75 -13.19 -9.11
C ARG A 1175 42.24 -13.10 -8.91
N ALA A 1176 41.66 -11.90 -9.02
CA ALA A 1176 40.21 -11.77 -8.96
C ALA A 1176 39.57 -12.11 -10.29
N LEU A 1177 40.18 -11.62 -11.37
CA LEU A 1177 39.68 -11.82 -12.72
C LEU A 1177 39.61 -13.29 -13.11
N TYR A 1178 40.64 -14.04 -12.77
CA TYR A 1178 40.68 -15.46 -13.12
C TYR A 1178 39.66 -16.23 -12.32
N ASN A 1179 39.43 -15.82 -11.07
CA ASN A 1179 38.40 -16.45 -10.27
C ASN A 1179 37.02 -16.14 -10.79
N ILE A 1180 36.83 -14.95 -11.36
CA ILE A 1180 35.57 -14.64 -12.05
C ILE A 1180 35.38 -15.56 -13.25
N PHE A 1181 36.45 -15.77 -14.03
CA PHE A 1181 36.39 -16.69 -15.17
C PHE A 1181 35.99 -18.10 -14.75
N SER A 1182 36.67 -18.62 -13.73
CA SER A 1182 36.41 -19.98 -13.29
C SER A 1182 35.04 -20.13 -12.66
N TYR A 1183 34.59 -19.12 -11.91
CA TYR A 1183 33.29 -19.20 -11.26
C TYR A 1183 32.16 -19.21 -12.27
N LEU A 1184 32.22 -18.30 -13.25
CA LEU A 1184 31.22 -18.28 -14.30
C LEU A 1184 31.24 -19.54 -15.16
N HIS A 1185 32.41 -20.13 -15.39
CA HIS A 1185 32.41 -21.36 -16.17
C HIS A 1185 31.93 -22.57 -15.38
N ILE A 1186 32.21 -22.66 -14.08
CA ILE A 1186 31.73 -23.81 -13.34
C ILE A 1186 30.22 -23.72 -13.14
N LEU A 1187 29.67 -22.51 -12.96
CA LEU A 1187 28.21 -22.42 -12.95
C LEU A 1187 27.60 -22.60 -14.34
N ARG A 1188 28.36 -22.31 -15.39
CA ARG A 1188 27.78 -22.33 -16.72
C ARG A 1188 27.61 -23.75 -17.25
N SER A 1189 28.57 -24.62 -16.98
CA SER A 1189 28.57 -25.94 -17.60
C SER A 1189 28.37 -27.05 -16.59
N ILE A 1190 27.42 -26.87 -15.68
CA ILE A 1190 27.27 -27.82 -14.58
C ILE A 1190 26.55 -29.10 -14.99
N THR A 1191 25.93 -29.11 -16.16
CA THR A 1191 25.32 -30.33 -16.65
C THR A 1191 26.30 -31.23 -17.37
N SER A 1192 27.54 -30.79 -17.56
CA SER A 1192 28.50 -31.58 -18.32
C SER A 1192 29.65 -32.11 -17.47
N ASN A 1193 29.87 -31.60 -16.27
CA ASN A 1193 30.99 -32.12 -15.49
C ASN A 1193 30.61 -33.43 -14.81
N GLN A 1194 31.64 -34.16 -14.42
CA GLN A 1194 31.47 -35.39 -13.65
C GLN A 1194 32.38 -35.38 -12.42
N GLY A 1195 32.83 -34.20 -12.00
CA GLY A 1195 33.68 -34.10 -10.83
C GLY A 1195 35.15 -34.27 -11.15
N LYS A 1196 35.71 -33.41 -11.99
CA LYS A 1196 37.11 -33.51 -12.37
C LYS A 1196 37.75 -32.13 -12.35
N ARG A 1197 39.03 -32.11 -11.98
CA ARG A 1197 39.78 -30.86 -11.85
C ARG A 1197 40.11 -30.32 -13.23
N LEU A 1198 40.21 -29.00 -13.33
CA LEU A 1198 40.42 -28.31 -14.59
C LEU A 1198 41.77 -27.60 -14.62
N GLY A 1199 42.28 -27.44 -15.83
CA GLY A 1199 43.41 -26.56 -16.08
C GLY A 1199 42.95 -25.43 -16.98
N MET A 1200 43.58 -24.28 -16.84
CA MET A 1200 43.20 -23.09 -17.57
C MET A 1200 44.29 -22.69 -18.56
N VAL A 1201 43.88 -22.39 -19.79
CA VAL A 1201 44.78 -21.77 -20.75
C VAL A 1201 44.29 -20.34 -20.99
N LEU A 1202 45.24 -19.48 -21.36
CA LEU A 1202 44.92 -18.09 -21.64
C LEU A 1202 45.60 -17.68 -22.94
N HIS A 1203 45.01 -16.86 -23.58
CA HIS A 1203 45.42 -16.35 -24.87
C HIS A 1203 46.47 -15.25 -24.67
N PRO A 1204 47.50 -15.19 -25.53
CA PRO A 1204 48.54 -14.18 -25.32
C PRO A 1204 48.07 -12.76 -25.54
N GLY A 1205 47.03 -12.57 -26.36
CA GLY A 1205 46.41 -11.27 -26.47
C GLY A 1205 45.75 -10.81 -25.18
N LEU A 1206 45.24 -11.76 -24.39
CA LEU A 1206 44.70 -11.41 -23.08
C LEU A 1206 45.81 -10.95 -22.15
N ILE A 1207 46.98 -11.57 -22.23
CA ILE A 1207 48.10 -11.17 -21.39
C ILE A 1207 48.60 -9.79 -21.81
N ALA A 1208 48.60 -9.52 -23.12
CA ALA A 1208 49.00 -8.20 -23.59
C ALA A 1208 47.97 -7.14 -23.22
N TYR A 1209 46.70 -7.51 -23.14
CA TYR A 1209 45.69 -6.55 -22.71
C TYR A 1209 45.81 -6.26 -21.22
N VAL A 1210 46.08 -7.29 -20.41
CA VAL A 1210 46.18 -7.09 -18.97
C VAL A 1210 47.44 -6.30 -18.61
N ARG A 1211 48.57 -6.64 -19.25
CA ARG A 1211 49.78 -5.84 -19.11
C ARG A 1211 49.57 -4.43 -19.67
N GLY A 1212 49.33 -4.35 -20.97
CA GLY A 1212 49.13 -3.06 -21.61
C GLY A 1212 50.44 -2.36 -21.94
N MET B 1 3.24 44.32 15.82
CA MET B 1 2.95 43.82 14.49
C MET B 1 2.09 42.57 14.58
N PHE B 2 0.78 42.73 14.40
CA PHE B 2 -0.12 41.61 14.53
C PHE B 2 -0.12 40.77 13.27
N ALA B 3 -0.72 39.58 13.37
CA ALA B 3 -0.84 38.73 12.19
C ALA B 3 -1.82 39.33 11.19
N ILE B 4 -3.00 39.69 11.66
CA ILE B 4 -4.00 40.35 10.84
C ILE B 4 -3.88 41.85 11.07
N ASP B 5 -3.77 42.61 9.99
CA ASP B 5 -3.44 44.04 10.05
C ASP B 5 -4.61 44.84 10.63
N PRO B 6 -4.43 45.50 11.78
CA PRO B 6 -5.55 46.20 12.40
C PRO B 6 -5.97 47.45 11.67
N LEU B 7 -5.05 48.09 10.96
CA LEU B 7 -5.41 49.30 10.21
C LEU B 7 -6.24 48.95 8.99
N LYS B 8 -5.92 47.85 8.33
CA LYS B 8 -6.77 47.34 7.27
C LYS B 8 -8.07 46.78 7.85
N HIS B 9 -7.95 45.80 8.74
CA HIS B 9 -9.08 45.03 9.23
C HIS B 9 -9.35 45.46 10.67
N SER B 10 -10.25 46.43 10.82
CA SER B 10 -10.58 46.92 12.15
C SER B 10 -11.77 46.20 12.75
N LYS B 11 -12.71 45.74 11.92
CA LYS B 11 -13.98 45.21 12.38
C LYS B 11 -13.81 43.91 13.17
N LEU B 12 -12.81 43.10 12.81
CA LEU B 12 -12.57 41.84 13.51
C LEU B 12 -12.09 42.09 14.93
N TYR B 13 -11.22 43.07 15.13
CA TYR B 13 -10.82 43.41 16.48
C TYR B 13 -11.90 44.19 17.21
N GLU B 14 -12.78 44.87 16.49
CA GLU B 14 -13.94 45.48 17.13
C GLU B 14 -14.89 44.42 17.66
N GLU B 15 -14.94 43.26 17.01
CA GLU B 15 -15.78 42.17 17.48
C GLU B 15 -15.27 41.60 18.80
N TYR B 16 -13.95 41.56 18.99
CA TYR B 16 -13.36 41.10 20.24
C TYR B 16 -13.48 42.12 21.37
N GLY B 17 -13.93 43.33 21.09
CA GLY B 17 -13.98 44.38 22.09
C GLY B 17 -12.77 45.27 22.13
N LEU B 18 -11.98 45.30 21.07
CA LEU B 18 -10.72 46.04 21.03
C LEU B 18 -10.86 47.17 20.01
N TYR B 19 -10.81 48.41 20.49
CA TYR B 19 -10.96 49.57 19.62
C TYR B 19 -9.62 50.30 19.51
N LEU B 20 -9.47 51.04 18.42
CA LEU B 20 -8.21 51.71 18.13
C LEU B 20 -8.16 53.09 18.76
N ARG B 21 -7.01 53.42 19.31
CA ARG B 21 -6.79 54.77 19.82
C ARG B 21 -6.66 55.74 18.65
N PRO B 22 -7.37 56.86 18.67
CA PRO B 22 -7.28 57.81 17.55
C PRO B 22 -5.96 58.55 17.55
N HIS B 23 -5.74 59.30 16.47
CA HIS B 23 -4.45 59.93 16.24
C HIS B 23 -4.46 61.40 16.62
N ALA B 40 3.52 59.68 18.94
CA ALA B 40 3.84 58.66 19.91
C ALA B 40 4.37 57.42 19.20
N PRO B 41 5.33 56.70 19.81
CA PRO B 41 6.03 55.64 19.06
C PRO B 41 5.18 54.42 18.73
N THR B 42 4.09 54.19 19.46
CA THR B 42 3.22 53.06 19.13
C THR B 42 2.48 53.28 17.82
N ILE B 43 2.12 54.53 17.52
CA ILE B 43 1.45 54.85 16.26
C ILE B 43 2.39 54.59 15.10
N ARG B 44 3.66 54.99 15.26
CA ARG B 44 4.64 54.72 14.22
C ARG B 44 4.87 53.22 14.06
N SER B 45 4.87 52.47 15.17
CA SER B 45 5.07 51.03 15.07
C SER B 45 3.92 50.34 14.35
N ILE B 46 2.68 50.77 14.62
CA ILE B 46 1.56 50.10 13.98
C ILE B 46 1.45 50.49 12.51
N LYS B 47 1.86 51.72 12.14
CA LYS B 47 1.88 52.08 10.73
C LYS B 47 3.00 51.35 9.98
N TYR B 48 4.14 51.12 10.64
CA TYR B 48 5.21 50.35 10.01
C TYR B 48 4.79 48.90 9.81
N ALA B 49 3.99 48.36 10.74
CA ALA B 49 3.46 47.02 10.57
C ALA B 49 2.51 46.94 9.38
N SER B 50 1.70 47.99 9.18
CA SER B 50 0.81 48.02 8.02
C SER B 50 1.59 48.05 6.71
N LEU B 51 2.68 48.82 6.67
CA LEU B 51 3.50 48.86 5.45
C LEU B 51 4.20 47.53 5.19
N ILE B 52 4.63 46.83 6.25
CA ILE B 52 5.24 45.52 6.07
C ILE B 52 4.24 44.51 5.55
N HIS B 53 2.99 44.56 6.03
CA HIS B 53 1.95 43.67 5.50
C HIS B 53 1.68 43.94 4.02
N SER B 54 1.64 45.21 3.63
CA SER B 54 1.41 45.54 2.22
C SER B 54 2.54 45.05 1.34
N MET B 55 3.78 45.21 1.79
CA MET B 55 4.94 44.76 1.01
C MET B 55 4.98 43.24 0.91
N LEU B 56 4.63 42.54 1.99
CA LEU B 56 4.59 41.09 1.94
C LEU B 56 3.49 40.59 1.03
N ALA B 57 2.33 41.25 1.04
CA ALA B 57 1.24 40.84 0.17
C ALA B 57 1.56 41.11 -1.29
N LYS B 58 2.44 42.09 -1.55
CA LYS B 58 2.90 42.27 -2.93
C LYS B 58 3.89 41.19 -3.33
N HIS B 59 4.90 40.92 -2.49
CA HIS B 59 5.95 39.97 -2.86
C HIS B 59 5.43 38.55 -2.94
N ALA B 60 4.49 38.18 -2.08
CA ALA B 60 4.04 36.79 -2.05
C ALA B 60 3.09 36.49 -3.21
N ALA B 61 2.27 37.45 -3.61
CA ALA B 61 1.37 37.22 -4.72
C ALA B 61 2.07 37.29 -6.06
N ARG B 62 3.27 37.87 -6.11
CA ARG B 62 4.04 37.89 -7.35
C ARG B 62 4.56 36.50 -7.69
N HIS B 63 4.79 35.69 -6.68
CA HIS B 63 5.11 34.28 -6.87
C HIS B 63 3.79 33.52 -6.84
N ASN B 64 3.82 32.20 -6.68
CA ASN B 64 2.58 31.44 -6.55
C ASN B 64 1.85 31.74 -5.25
N GLY B 65 2.57 32.21 -4.24
CA GLY B 65 1.97 32.41 -2.94
C GLY B 65 2.91 32.00 -1.83
N THR B 66 4.13 31.63 -2.22
CA THR B 66 5.18 31.30 -1.28
C THR B 66 6.23 32.39 -1.30
N LEU B 67 6.72 32.76 -0.13
CA LEU B 67 7.86 33.65 -0.07
C LEU B 67 9.12 32.93 -0.53
N ILE B 68 10.07 33.71 -1.03
CA ILE B 68 11.24 33.13 -1.69
C ILE B 68 12.19 32.52 -0.68
N ASN B 69 12.46 33.24 0.41
CA ASN B 69 13.32 32.72 1.47
C ASN B 69 12.68 33.12 2.79
N PRO B 70 11.84 32.26 3.35
CA PRO B 70 11.00 32.68 4.49
C PRO B 70 11.80 32.95 5.76
N ARG B 71 12.92 32.27 5.97
CA ARG B 71 13.70 32.56 7.16
C ARG B 71 14.41 33.89 7.03
N MET B 72 14.74 34.32 5.82
CA MET B 72 15.37 35.62 5.64
C MET B 72 14.39 36.76 5.89
N TYR B 73 13.16 36.62 5.38
CA TYR B 73 12.11 37.60 5.68
C TYR B 73 11.79 37.62 7.16
N ALA B 74 11.77 36.44 7.78
CA ALA B 74 11.47 36.34 9.20
C ALA B 74 12.55 37.00 10.04
N ASP B 75 13.82 36.85 9.66
CA ASP B 75 14.88 37.48 10.43
C ASP B 75 14.94 38.98 10.22
N MET B 76 14.71 39.43 8.97
CA MET B 76 14.70 40.87 8.70
C MET B 76 13.57 41.57 9.42
N ILE B 77 12.40 40.95 9.49
CA ILE B 77 11.27 41.59 10.15
C ILE B 77 11.40 41.47 11.67
N THR B 78 11.64 40.26 12.17
CA THR B 78 11.55 40.01 13.60
C THR B 78 12.77 40.54 14.33
N LEU B 79 13.97 40.32 13.78
CA LEU B 79 15.18 40.63 14.51
C LEU B 79 15.79 41.95 14.08
N GLY B 80 15.69 42.31 12.82
CA GLY B 80 16.27 43.56 12.35
C GLY B 80 17.77 43.56 12.27
N ASN B 81 18.40 42.39 12.20
CA ASN B 81 19.84 42.30 12.16
C ASN B 81 20.40 42.12 10.75
N THR B 82 19.55 41.91 9.76
CA THR B 82 19.99 41.59 8.41
C THR B 82 19.69 42.77 7.50
N LYS B 83 20.71 43.18 6.73
CA LYS B 83 20.56 44.26 5.76
C LYS B 83 21.07 43.73 4.42
N VAL B 84 20.16 43.54 3.48
CA VAL B 84 20.50 43.01 2.17
C VAL B 84 20.66 44.18 1.22
N THR B 85 21.88 44.37 0.72
CA THR B 85 22.17 45.44 -0.21
C THR B 85 23.10 44.92 -1.29
N VAL B 86 22.69 45.07 -2.54
CA VAL B 86 23.45 44.56 -3.67
C VAL B 86 23.92 45.75 -4.50
N THR B 87 25.23 45.92 -4.60
CA THR B 87 25.81 47.00 -5.37
C THR B 87 26.42 46.47 -6.66
N ASP B 131 20.62 34.94 -8.97
CA ASP B 131 21.21 36.16 -9.51
C ASP B 131 20.89 37.37 -8.64
N ILE B 132 21.16 38.55 -9.18
CA ILE B 132 20.75 39.80 -8.54
C ILE B 132 19.23 39.93 -8.56
N VAL B 133 18.59 39.40 -9.61
CA VAL B 133 17.13 39.48 -9.74
C VAL B 133 16.45 38.62 -8.69
N THR B 134 17.12 37.56 -8.22
CA THR B 134 16.56 36.73 -7.16
C THR B 134 16.57 37.41 -5.80
N TYR B 135 17.36 38.48 -5.62
CA TYR B 135 17.48 39.17 -4.35
C TYR B 135 16.83 40.55 -4.33
N LYS B 136 16.17 40.95 -5.41
CA LYS B 136 15.57 42.27 -5.46
C LYS B 136 14.42 42.40 -4.47
N ALA B 137 13.68 41.30 -4.28
CA ALA B 137 12.60 41.27 -3.29
C ALA B 137 13.12 41.43 -1.88
N LEU B 138 14.34 40.93 -1.62
CA LEU B 138 14.92 41.13 -0.31
C LEU B 138 15.47 42.53 -0.14
N THR B 139 16.02 43.14 -1.21
CA THR B 139 16.59 44.47 -1.07
C THR B 139 15.50 45.52 -0.85
N GLU B 140 14.34 45.35 -1.47
CA GLU B 140 13.24 46.28 -1.25
C GLU B 140 12.77 46.24 0.21
N MET B 141 12.66 45.04 0.77
CA MET B 141 12.33 44.87 2.17
C MET B 141 13.42 45.44 3.09
N SER B 142 14.68 45.32 2.66
CA SER B 142 15.78 45.82 3.48
C SER B 142 15.79 47.32 3.57
N THR B 143 15.51 48.00 2.46
CA THR B 143 15.38 49.46 2.51
C THR B 143 14.17 49.89 3.34
N LEU B 144 13.06 49.16 3.21
CA LEU B 144 11.87 49.52 3.97
C LEU B 144 12.04 49.28 5.47
N ILE B 145 12.88 48.33 5.86
CA ILE B 145 13.12 48.13 7.29
C ILE B 145 14.20 49.09 7.80
N GLU B 146 15.20 49.39 6.97
CA GLU B 146 16.22 50.37 7.34
C GLU B 146 15.64 51.75 7.57
N SER B 147 14.63 52.13 6.79
CA SER B 147 14.04 53.45 6.95
C SER B 147 13.04 53.54 8.11
N PHE B 148 13.08 52.62 9.07
CA PHE B 148 12.25 52.76 10.26
C PHE B 148 13.06 53.14 11.48
N ARG B 149 14.31 52.71 11.54
CA ARG B 149 15.27 53.01 12.61
C ARG B 149 14.76 52.55 13.99
N LEU B 150 14.15 51.38 14.03
CA LEU B 150 13.77 50.81 15.31
C LEU B 150 14.99 50.25 16.02
N PRO B 151 15.02 50.30 17.36
CA PRO B 151 16.13 49.69 18.07
C PRO B 151 16.07 48.17 18.05
N SER B 152 14.88 47.58 18.01
CA SER B 152 14.71 46.15 17.85
C SER B 152 13.54 45.90 16.92
N GLY B 153 13.49 44.70 16.36
CA GLY B 153 12.49 44.40 15.36
C GLY B 153 11.11 44.23 15.95
N LEU B 154 10.14 44.14 15.04
CA LEU B 154 8.75 43.96 15.42
C LEU B 154 8.48 42.48 15.73
N ALA B 155 7.67 42.24 16.74
CA ALA B 155 7.33 40.87 17.09
C ALA B 155 6.03 40.47 16.41
N LEU B 156 5.79 39.17 16.35
CA LEU B 156 4.60 38.60 15.73
C LEU B 156 3.63 38.17 16.80
N ILE B 157 2.37 38.56 16.66
CA ILE B 157 1.36 38.36 17.68
C ILE B 157 0.21 37.55 17.11
N ILE B 158 -0.15 36.47 17.79
CA ILE B 158 -1.23 35.58 17.39
C ILE B 158 -2.15 35.41 18.59
N PHE B 159 -3.46 35.42 18.37
CA PHE B 159 -4.38 35.05 19.44
C PHE B 159 -4.56 33.53 19.46
N ASP B 160 -4.95 33.01 20.60
CA ASP B 160 -5.09 31.57 20.76
C ASP B 160 -6.48 31.09 20.36
N ASP B 161 -7.18 31.82 19.50
CA ASP B 161 -8.54 31.47 19.14
C ASP B 161 -8.60 30.92 17.72
N GLU B 162 -9.52 29.99 17.51
CA GLU B 162 -9.65 29.31 16.22
C GLU B 162 -10.22 30.23 15.15
N LYS B 163 -11.18 31.08 15.52
CA LYS B 163 -11.74 32.04 14.58
C LYS B 163 -10.72 33.08 14.17
N TYR B 164 -9.76 33.37 15.04
CA TYR B 164 -8.68 34.27 14.66
C TYR B 164 -7.70 33.60 13.72
N GLN B 165 -7.42 32.31 13.92
CA GLN B 165 -6.45 31.63 13.07
C GLN B 165 -7.00 31.27 11.71
N SER B 166 -8.31 31.19 11.55
CA SER B 166 -8.85 30.88 10.24
C SER B 166 -8.78 32.07 9.29
N LEU B 167 -8.56 33.27 9.82
CA LEU B 167 -8.48 34.48 9.01
C LEU B 167 -7.05 34.94 8.76
N ILE B 168 -6.06 34.20 9.25
CA ILE B 168 -4.67 34.60 9.06
C ILE B 168 -4.26 34.31 7.61
N PRO B 169 -3.62 35.25 6.92
CA PRO B 169 -3.19 35.00 5.54
C PRO B 169 -2.04 34.02 5.49
N ASN B 170 -1.75 33.56 4.28
CA ASN B 170 -0.84 32.42 4.10
C ASN B 170 0.61 32.78 4.36
N TYR B 171 1.01 34.01 4.03
CA TYR B 171 2.41 34.39 4.19
C TYR B 171 2.78 34.55 5.66
N ILE B 172 1.83 34.95 6.50
CA ILE B 172 2.07 34.97 7.94
C ILE B 172 2.24 33.55 8.47
N ASN B 173 1.45 32.61 7.95
CA ASN B 173 1.61 31.21 8.32
C ASN B 173 2.96 30.65 7.89
N GLN B 174 3.49 31.13 6.77
CA GLN B 174 4.84 30.72 6.39
C GLN B 174 5.86 31.33 7.32
N LEU B 175 5.65 32.58 7.75
CA LEU B 175 6.62 33.23 8.64
C LEU B 175 6.58 32.71 10.07
N ILE B 176 5.52 32.01 10.46
CA ILE B 176 5.43 31.49 11.84
C ILE B 176 6.54 30.50 12.13
N ALA B 177 6.86 29.64 11.17
CA ALA B 177 7.76 28.52 11.42
C ALA B 177 9.22 28.92 11.64
N TYR B 178 9.57 30.18 11.46
CA TYR B 178 10.94 30.63 11.65
C TYR B 178 10.99 31.85 12.56
N THR B 179 10.04 31.94 13.49
CA THR B 179 9.91 33.09 14.37
C THR B 179 9.10 32.68 15.59
N GLN B 180 9.65 32.91 16.77
CA GLN B 180 8.90 32.73 18.01
C GLN B 180 7.81 33.79 18.09
N PRO B 181 6.54 33.43 17.99
CA PRO B 181 5.48 34.43 18.05
C PRO B 181 5.23 34.82 19.50
N HIS B 182 4.37 35.81 19.68
CA HIS B 182 3.92 36.18 21.00
C HIS B 182 2.44 35.83 21.08
N ILE B 183 2.16 34.63 21.55
CA ILE B 183 0.81 34.09 21.55
C ILE B 183 0.07 34.60 22.77
N ILE B 184 -1.10 35.18 22.55
CA ILE B 184 -1.93 35.72 23.62
C ILE B 184 -3.00 34.69 23.95
N PRO B 185 -3.05 34.17 25.18
CA PRO B 185 -4.12 33.24 25.53
C PRO B 185 -5.43 33.97 25.76
N THR B 186 -6.52 33.22 25.58
CA THR B 186 -7.87 33.73 25.77
C THR B 186 -8.53 33.00 26.92
N TRP B 187 -9.45 33.69 27.61
CA TRP B 187 -10.12 33.11 28.76
C TRP B 187 -11.24 32.16 28.36
N GLN B 188 -12.26 32.70 27.71
CA GLN B 188 -13.35 31.91 27.14
C GLN B 188 -13.62 32.36 25.72
N GLY B 189 -12.57 32.63 24.97
CA GLY B 189 -12.70 33.15 23.63
C GLY B 189 -12.39 34.61 23.49
N ILE B 190 -12.25 35.34 24.60
CA ILE B 190 -11.88 36.74 24.59
C ILE B 190 -10.44 36.86 25.04
N ALA B 191 -9.63 37.58 24.27
CA ALA B 191 -8.24 37.82 24.64
C ALA B 191 -8.15 38.69 25.87
N ASP B 192 -7.26 38.31 26.80
CA ASP B 192 -7.14 39.05 28.06
C ASP B 192 -6.47 40.39 27.83
N PHE B 193 -6.79 41.34 28.69
CA PHE B 193 -6.46 42.72 28.45
C PHE B 193 -5.29 43.21 29.27
N SER B 194 -4.68 42.34 30.06
CA SER B 194 -3.52 42.74 30.85
C SER B 194 -2.22 42.67 30.06
N ASP B 195 -2.27 42.28 28.79
CA ASP B 195 -1.05 42.12 28.03
C ASP B 195 -0.50 43.47 27.60
N THR B 196 0.79 43.48 27.28
CA THR B 196 1.50 44.73 27.00
C THR B 196 1.04 45.35 25.69
N TYR B 197 0.99 44.54 24.63
CA TYR B 197 0.71 45.07 23.30
C TYR B 197 -0.72 45.59 23.18
N LEU B 198 -1.66 44.91 23.81
CA LEU B 198 -3.04 45.36 23.76
C LEU B 198 -3.26 46.58 24.63
N ARG B 199 -2.55 46.67 25.75
CA ARG B 199 -2.68 47.84 26.62
C ARG B 199 -2.06 49.07 25.96
N SER B 200 -1.03 48.87 25.14
CA SER B 200 -0.42 50.03 24.50
C SER B 200 -1.19 50.43 23.23
N TYR B 201 -1.53 49.46 22.38
CA TYR B 201 -2.11 49.81 21.09
C TYR B 201 -3.58 50.16 21.22
N PHE B 202 -4.38 49.24 21.72
CA PHE B 202 -5.82 49.41 21.80
C PHE B 202 -6.21 50.11 23.09
N LYS B 203 -7.43 50.62 23.12
CA LYS B 203 -7.94 51.23 24.34
C LYS B 203 -8.60 50.18 25.22
N ARG B 204 -8.65 50.48 26.53
CA ARG B 204 -9.00 49.43 27.47
C ARG B 204 -10.46 49.47 27.86
N PRO B 205 -11.07 48.32 28.15
CA PRO B 205 -12.46 48.30 28.58
C PRO B 205 -12.62 48.77 30.02
N PHE B 206 -13.88 48.98 30.38
CA PHE B 206 -14.26 49.31 31.76
C PHE B 206 -15.59 48.65 32.02
N GLU B 207 -15.69 47.92 33.12
CA GLU B 207 -16.88 47.14 33.43
C GLU B 207 -17.78 47.91 34.38
N LEU B 208 -19.03 48.13 33.97
CA LEU B 208 -20.04 48.81 34.78
C LEU B 208 -21.03 47.78 35.29
N THR B 209 -21.18 47.70 36.60
CA THR B 209 -22.12 46.79 37.22
C THR B 209 -23.19 47.60 37.97
N ALA B 210 -24.03 46.88 38.73
CA ALA B 210 -25.05 47.54 39.52
C ALA B 210 -24.47 48.29 40.71
N SER B 211 -23.25 47.94 41.13
CA SER B 211 -22.58 48.65 42.20
C SER B 211 -21.61 49.70 41.68
N ASN B 212 -20.91 49.40 40.60
CA ASN B 212 -19.84 50.25 40.10
C ASN B 212 -20.37 51.46 39.34
N LEU B 213 -21.67 51.53 39.12
CA LEU B 213 -22.26 52.52 38.23
C LEU B 213 -22.20 53.92 38.82
N ALA B 214 -21.55 54.82 38.09
CA ALA B 214 -21.42 56.22 38.48
C ALA B 214 -21.11 57.05 37.25
N ALA B 215 -20.98 58.34 37.45
CA ALA B 215 -20.52 59.25 36.41
C ALA B 215 -19.05 58.96 36.09
N PRO B 216 -18.57 59.31 34.89
CA PRO B 216 -17.15 59.11 34.60
C PRO B 216 -16.25 60.05 35.36
N GLN B 217 -16.77 61.20 35.79
CA GLN B 217 -15.96 62.18 36.51
C GLN B 217 -15.61 61.71 37.91
N LYS B 218 -16.35 60.73 38.45
CA LYS B 218 -15.94 60.11 39.70
C LYS B 218 -14.64 59.34 39.54
N TYR B 219 -14.41 58.78 38.36
CA TYR B 219 -13.16 58.14 38.02
C TYR B 219 -12.33 59.14 37.24
N ASN B 220 -11.22 58.69 36.68
CA ASN B 220 -10.44 59.55 35.77
C ASN B 220 -10.57 59.10 34.33
N LEU B 221 -11.76 58.66 33.93
CA LEU B 221 -11.93 58.07 32.62
C LEU B 221 -11.86 59.11 31.52
N SER B 222 -11.37 58.70 30.37
CA SER B 222 -11.23 59.57 29.21
C SER B 222 -11.80 58.87 27.99
N PRO B 223 -12.17 59.62 26.94
CA PRO B 223 -12.67 58.95 25.73
C PRO B 223 -11.58 58.25 24.95
N MET B 224 -10.43 58.88 24.77
CA MET B 224 -9.42 58.36 23.87
C MET B 224 -8.53 57.30 24.49
N THR B 225 -8.85 56.82 25.69
CA THR B 225 -8.07 55.77 26.32
C THR B 225 -8.95 54.67 26.91
N ARG B 226 -10.22 54.95 27.17
CA ARG B 226 -11.07 54.01 27.88
C ARG B 226 -12.32 53.71 27.07
N SER B 227 -12.62 52.42 26.89
CA SER B 227 -13.88 51.98 26.32
C SER B 227 -14.75 51.38 27.43
N ILE B 228 -16.04 51.22 27.14
CA ILE B 228 -17.02 50.90 28.16
C ILE B 228 -17.75 49.61 27.80
N PHE B 229 -17.83 48.69 28.76
CA PHE B 229 -18.64 47.49 28.69
C PHE B 229 -19.56 47.46 29.89
N ASN B 230 -20.87 47.48 29.66
CA ASN B 230 -21.82 47.38 30.75
C ASN B 230 -22.38 45.98 30.86
N ASN B 231 -22.74 45.60 32.08
CA ASN B 231 -23.61 44.46 32.29
C ASN B 231 -24.62 44.75 33.39
N THR B 232 -25.01 46.01 33.50
CA THR B 232 -25.96 46.45 34.51
C THR B 232 -27.38 45.98 34.21
N GLY B 233 -27.66 45.55 32.99
CA GLY B 233 -29.00 45.22 32.58
C GLY B 233 -29.80 46.40 32.06
N ARG B 234 -29.37 47.62 32.34
CA ARG B 234 -30.02 48.79 31.79
C ARG B 234 -29.63 48.95 30.32
N GLU B 235 -30.39 49.77 29.60
CA GLU B 235 -30.11 49.95 28.19
C GLU B 235 -28.95 50.91 27.98
N ASP B 236 -28.26 50.72 26.85
CA ASP B 236 -27.09 51.54 26.55
C ASP B 236 -27.49 52.99 26.27
N ALA B 237 -28.68 53.21 25.75
CA ALA B 237 -29.15 54.57 25.53
C ALA B 237 -29.44 55.27 26.85
N VAL B 238 -29.97 54.54 27.82
CA VAL B 238 -30.27 55.11 29.14
C VAL B 238 -29.00 55.53 29.85
N ILE B 239 -28.02 54.62 29.91
CA ILE B 239 -26.75 54.92 30.54
C ILE B 239 -26.00 55.98 29.76
N ARG B 240 -26.21 56.03 28.44
CA ARG B 240 -25.50 57.00 27.62
C ARG B 240 -26.04 58.42 27.83
N LYS B 241 -27.36 58.58 27.94
CA LYS B 241 -27.93 59.91 28.01
C LYS B 241 -28.27 60.34 29.44
N LEU B 242 -28.08 59.48 30.42
CA LEU B 242 -28.41 59.82 31.79
C LEU B 242 -27.18 60.03 32.66
N TYR B 243 -26.02 59.54 32.22
CA TYR B 243 -24.82 59.50 33.04
C TYR B 243 -23.60 60.12 32.39
N GLY B 244 -23.79 60.93 31.35
CA GLY B 244 -22.65 61.57 30.72
C GLY B 244 -21.79 60.67 29.89
N TYR B 245 -22.29 59.49 29.52
CA TYR B 245 -21.55 58.55 28.70
C TYR B 245 -21.82 58.71 27.21
N GLY B 246 -22.15 59.93 26.78
CA GLY B 246 -22.38 60.14 25.36
C GLY B 246 -21.10 60.09 24.56
N GLU B 247 -20.01 60.59 25.12
CA GLU B 247 -18.79 60.74 24.36
C GLU B 247 -18.04 59.42 24.20
N TYR B 248 -18.29 58.45 25.07
CA TYR B 248 -17.51 57.22 25.00
C TYR B 248 -18.10 56.30 23.93
N VAL B 249 -17.57 55.09 23.88
CA VAL B 249 -17.98 54.10 22.88
C VAL B 249 -18.17 52.76 23.58
N PHE B 250 -19.19 52.02 23.16
CA PHE B 250 -19.60 50.83 23.88
C PHE B 250 -19.24 49.57 23.12
N ILE B 251 -19.01 48.51 23.87
CA ILE B 251 -18.73 47.20 23.31
C ILE B 251 -20.06 46.47 23.11
N ARG B 252 -20.28 45.93 21.92
CA ARG B 252 -21.49 45.18 21.62
C ARG B 252 -21.17 43.69 21.58
N TYR B 253 -21.78 42.94 22.49
CA TYR B 253 -21.70 41.48 22.52
C TYR B 253 -23.06 40.89 22.20
N GLU B 254 -23.07 39.60 21.88
CA GLU B 254 -24.29 38.93 21.44
C GLU B 254 -24.65 37.69 22.22
N GLY B 255 -23.71 37.11 22.98
CA GLY B 255 -23.99 35.92 23.76
C GLY B 255 -24.09 36.25 25.23
N CYS B 256 -24.60 35.28 25.99
CA CYS B 256 -24.69 35.41 27.43
C CYS B 256 -23.96 34.25 28.08
N LEU B 257 -23.32 34.52 29.21
CA LEU B 257 -22.52 33.54 29.92
C LEU B 257 -23.11 33.37 31.31
N ILE B 258 -23.71 32.22 31.56
CA ILE B 258 -24.54 32.01 32.73
C ILE B 258 -23.83 31.02 33.65
N THR B 259 -23.64 31.42 34.91
CA THR B 259 -23.04 30.56 35.92
C THR B 259 -24.14 29.92 36.74
N TRP B 260 -24.30 28.62 36.59
CA TRP B 260 -25.35 27.84 37.21
C TRP B 260 -24.84 27.20 38.49
N THR B 261 -25.75 27.02 39.46
CA THR B 261 -25.40 26.29 40.66
C THR B 261 -25.56 24.80 40.44
N GLY B 262 -24.50 24.04 40.69
CA GLY B 262 -24.56 22.61 40.55
C GLY B 262 -24.11 21.92 41.83
N ILE B 263 -24.20 20.59 41.81
CA ILE B 263 -23.97 19.80 43.01
C ILE B 263 -22.50 19.83 43.39
N TYR B 264 -21.62 19.67 42.41
CA TYR B 264 -20.19 19.70 42.70
C TYR B 264 -19.65 21.12 42.86
N GLY B 265 -20.45 22.12 42.55
CA GLY B 265 -19.99 23.50 42.58
C GLY B 265 -20.66 24.27 41.47
N GLU B 266 -20.26 25.54 41.32
CA GLU B 266 -20.86 26.39 40.31
C GLU B 266 -20.33 26.08 38.92
N VAL B 267 -21.22 26.18 37.92
CA VAL B 267 -20.98 25.71 36.57
C VAL B 267 -21.30 26.83 35.60
N THR B 268 -20.33 27.24 34.79
CA THR B 268 -20.59 28.26 33.77
C THR B 268 -21.26 27.64 32.55
N MET B 269 -21.77 28.51 31.67
CA MET B 269 -22.45 28.06 30.47
C MET B 269 -22.42 29.16 29.42
N MET B 270 -21.90 28.86 28.24
CA MET B 270 -21.88 29.81 27.14
C MET B 270 -23.04 29.52 26.21
N VAL B 271 -23.81 30.56 25.87
CA VAL B 271 -25.04 30.43 25.10
C VAL B 271 -24.93 31.32 23.87
N ASN B 272 -25.23 30.75 22.70
CA ASN B 272 -25.15 31.48 21.45
C ASN B 272 -26.29 32.47 21.25
N LEU B 273 -27.35 32.40 22.05
CA LEU B 273 -28.43 33.36 21.94
C LEU B 273 -28.09 34.66 22.65
N SER B 274 -29.03 35.60 22.63
CA SER B 274 -28.90 36.86 23.33
C SER B 274 -29.70 36.84 24.62
N LYS B 275 -29.42 37.83 25.48
CA LYS B 275 -30.10 37.91 26.78
C LYS B 275 -31.54 38.34 26.62
N ARG B 276 -31.85 39.11 25.57
CA ARG B 276 -33.23 39.49 25.32
C ARG B 276 -34.02 38.34 24.70
N ASP B 277 -33.39 37.54 23.85
CA ASP B 277 -34.03 36.35 23.30
C ASP B 277 -34.24 35.31 24.38
N LEU B 278 -33.15 34.84 24.97
CA LEU B 278 -33.22 33.84 26.04
C LEU B 278 -33.65 34.58 27.29
N GLY B 279 -34.95 34.56 27.55
CA GLY B 279 -35.52 35.39 28.58
C GLY B 279 -35.42 34.82 29.99
N LEU B 280 -34.24 34.92 30.58
CA LEU B 280 -34.04 34.48 31.96
C LEU B 280 -33.60 35.65 32.83
N ASP B 281 -33.85 35.51 34.13
CA ASP B 281 -33.55 36.50 35.13
C ASP B 281 -32.89 35.80 36.30
N VAL B 282 -32.31 36.58 37.21
CA VAL B 282 -31.50 36.01 38.29
C VAL B 282 -32.39 35.27 39.28
N GLY B 283 -32.23 33.95 39.34
CA GLY B 283 -33.03 33.11 40.19
C GLY B 283 -34.02 32.22 39.46
N ASP B 284 -33.79 31.94 38.18
CA ASP B 284 -34.72 31.13 37.40
C ASP B 284 -34.29 29.68 37.38
N ASP B 285 -35.26 28.81 37.17
CA ASP B 285 -35.08 27.38 37.21
C ASP B 285 -34.35 26.91 35.95
N TYR B 286 -33.86 25.67 35.98
CA TYR B 286 -33.20 25.10 34.83
C TYR B 286 -34.18 24.55 33.81
N LEU B 287 -35.32 24.02 34.25
CA LEU B 287 -36.29 23.46 33.33
C LEU B 287 -37.02 24.54 32.56
N LYS B 288 -37.13 25.74 33.10
CA LYS B 288 -37.72 26.84 32.35
C LYS B 288 -36.76 27.25 31.25
N GLU B 289 -37.26 27.31 30.02
CA GLU B 289 -36.48 27.52 28.80
C GLU B 289 -35.39 26.46 28.66
N TYR B 290 -35.77 25.20 28.85
CA TYR B 290 -34.80 24.11 28.73
C TYR B 290 -34.42 23.88 27.28
N LYS B 291 -35.36 24.04 26.36
CA LYS B 291 -35.12 23.63 24.98
C LYS B 291 -34.20 24.59 24.25
N LYS B 292 -34.34 25.89 24.49
CA LYS B 292 -33.44 26.85 23.85
C LYS B 292 -32.02 26.72 24.41
N LEU B 293 -31.90 26.37 25.69
CA LEU B 293 -30.59 26.07 26.25
C LEU B 293 -29.98 24.82 25.62
N LEU B 294 -30.80 23.79 25.41
CA LEU B 294 -30.30 22.56 24.79
C LEU B 294 -29.85 22.80 23.36
N PHE B 295 -30.57 23.66 22.64
CA PHE B 295 -30.21 23.95 21.26
C PHE B 295 -28.95 24.81 21.19
N TYR B 296 -28.76 25.72 22.15
CA TYR B 296 -27.74 26.74 21.98
C TYR B 296 -26.67 26.79 23.05
N GLY B 297 -26.75 26.01 24.12
CA GLY B 297 -25.81 26.12 25.23
C GLY B 297 -24.66 25.12 25.15
N VAL B 298 -23.56 25.49 25.79
CA VAL B 298 -22.34 24.68 25.89
C VAL B 298 -21.77 24.83 27.29
N ILE B 299 -21.53 23.71 27.98
CA ILE B 299 -20.86 23.74 29.27
C ILE B 299 -19.35 23.82 29.04
N THR B 300 -18.70 24.75 29.73
CA THR B 300 -17.27 24.95 29.59
C THR B 300 -16.44 24.20 30.61
N ASP B 301 -17.06 23.46 31.51
CA ASP B 301 -16.35 22.83 32.61
C ASP B 301 -16.09 21.36 32.31
N ALA B 302 -15.32 20.74 33.20
CA ALA B 302 -14.91 19.37 33.01
C ALA B 302 -16.05 18.42 33.33
N ILE B 303 -16.27 17.44 32.47
CA ILE B 303 -17.21 16.38 32.83
C ILE B 303 -16.60 15.53 33.93
N PRO B 304 -17.38 15.04 34.90
CA PRO B 304 -18.80 15.31 35.11
C PRO B 304 -19.08 16.67 35.75
N SER B 305 -19.76 17.53 34.99
CA SER B 305 -20.27 18.77 35.54
C SER B 305 -21.50 18.48 36.40
N GLY B 306 -21.91 19.46 37.17
CA GLY B 306 -22.97 19.19 38.12
C GLY B 306 -24.32 19.76 37.77
N ILE B 307 -24.55 20.07 36.49
CA ILE B 307 -25.79 20.69 36.07
C ILE B 307 -26.92 19.66 36.15
N SER B 308 -28.07 20.10 36.66
CA SER B 308 -29.15 19.19 36.99
C SER B 308 -30.47 19.97 37.04
N ALA B 309 -31.55 19.24 37.29
CA ALA B 309 -32.90 19.83 37.25
C ALA B 309 -33.20 20.72 38.45
N ARG B 310 -32.34 20.75 39.45
CA ARG B 310 -32.51 21.63 40.60
C ARG B 310 -31.76 22.94 40.43
N SER B 311 -31.05 23.12 39.33
CA SER B 311 -30.10 24.22 39.22
C SER B 311 -30.81 25.55 39.01
N THR B 312 -30.51 26.50 39.89
CA THR B 312 -30.84 27.88 39.66
C THR B 312 -29.61 28.57 39.08
N ILE B 313 -29.72 29.87 38.84
CA ILE B 313 -28.60 30.61 38.29
C ILE B 313 -28.06 31.57 39.33
N MET B 314 -26.90 32.12 39.06
CA MET B 314 -26.33 33.16 39.91
C MET B 314 -26.23 34.50 39.21
N LYS B 315 -25.76 34.55 37.97
CA LYS B 315 -25.62 35.81 37.27
C LYS B 315 -25.65 35.56 35.77
N ILE B 316 -26.18 36.54 35.05
CA ILE B 316 -26.19 36.53 33.59
C ILE B 316 -25.31 37.67 33.12
N SER B 317 -24.28 37.34 32.37
CA SER B 317 -23.39 38.36 31.87
C SER B 317 -23.33 38.26 30.36
N PRO B 318 -23.38 39.39 29.65
CA PRO B 318 -23.14 39.35 28.20
C PRO B 318 -21.75 38.85 27.87
N HIS B 319 -21.62 38.23 26.71
CA HIS B 319 -20.39 37.54 26.34
C HIS B 319 -20.35 37.44 24.83
N LYS B 320 -19.19 37.06 24.31
CA LYS B 320 -19.03 36.88 22.87
C LYS B 320 -19.67 35.56 22.43
N MET B 321 -20.22 35.56 21.21
CA MET B 321 -20.72 34.35 20.58
C MET B 321 -19.62 33.31 20.39
N MET B 322 -20.06 32.07 20.17
CA MET B 322 -19.14 30.99 19.88
C MET B 322 -19.01 30.79 18.37
N ASN B 323 -17.86 30.26 17.97
CA ASN B 323 -17.62 29.93 16.59
C ASN B 323 -17.48 28.43 16.46
N PRO B 324 -18.17 27.80 15.52
CA PRO B 324 -18.08 26.34 15.38
C PRO B 324 -16.73 25.92 14.85
N SER B 325 -16.39 24.66 15.12
CA SER B 325 -15.13 24.12 14.66
C SER B 325 -15.14 23.90 13.15
N GLY B 326 -13.95 23.72 12.59
CA GLY B 326 -13.86 23.49 11.17
C GLY B 326 -14.22 22.07 10.80
N GLY B 327 -13.82 21.12 11.65
CA GLY B 327 -14.04 19.72 11.34
C GLY B 327 -15.49 19.31 11.41
N ALA B 328 -16.23 19.87 12.38
CA ALA B 328 -17.64 19.55 12.52
C ALA B 328 -18.43 20.07 11.33
N LEU B 329 -18.17 21.32 10.94
CA LEU B 329 -18.82 21.87 9.75
C LEU B 329 -18.39 21.14 8.49
N ALA B 330 -17.16 20.61 8.46
CA ALA B 330 -16.73 19.84 7.31
C ALA B 330 -17.50 18.54 7.17
N VAL B 331 -17.67 17.81 8.28
CA VAL B 331 -18.38 16.52 8.21
C VAL B 331 -19.85 16.72 7.91
N LEU B 332 -20.47 17.74 8.52
CA LEU B 332 -21.87 18.03 8.22
C LEU B 332 -22.05 18.54 6.79
N SER B 333 -21.08 19.26 6.25
CA SER B 333 -21.17 19.69 4.86
C SER B 333 -21.01 18.52 3.91
N LYS B 334 -20.19 17.54 4.27
CA LYS B 334 -20.07 16.34 3.45
C LYS B 334 -21.37 15.54 3.44
N PHE B 335 -22.04 15.49 4.59
CA PHE B 335 -23.36 14.86 4.63
C PHE B 335 -24.38 15.61 3.79
N LEU B 336 -24.35 16.95 3.81
CA LEU B 336 -25.33 17.69 3.02
C LEU B 336 -25.03 17.59 1.53
N GLU B 337 -23.75 17.50 1.16
CA GLU B 337 -23.36 17.22 -0.21
C GLU B 337 -23.87 15.85 -0.65
N ALA B 338 -23.87 14.88 0.27
CA ALA B 338 -24.46 13.59 -0.05
C ALA B 338 -25.98 13.65 -0.15
N VAL B 339 -26.61 14.57 0.57
CA VAL B 339 -28.08 14.68 0.51
C VAL B 339 -28.51 15.26 -0.84
N VAL B 340 -27.88 16.37 -1.25
CA VAL B 340 -28.40 17.10 -2.41
C VAL B 340 -28.12 16.37 -3.72
N SER B 341 -27.02 15.62 -3.79
CA SER B 341 -26.61 14.99 -5.05
C SER B 341 -27.53 13.85 -5.45
N THR B 342 -27.73 13.72 -6.77
CA THR B 342 -28.47 12.63 -7.36
C THR B 342 -27.60 11.43 -7.69
N ASN B 343 -26.28 11.56 -7.56
CA ASN B 343 -25.40 10.41 -7.75
C ASN B 343 -25.60 9.39 -6.64
N VAL B 344 -25.90 9.86 -5.45
CA VAL B 344 -26.10 9.02 -4.27
C VAL B 344 -27.55 8.57 -4.22
N ILE B 345 -27.77 7.29 -3.95
CA ILE B 345 -29.13 6.80 -3.74
C ILE B 345 -29.58 7.05 -2.31
N ASN B 346 -28.93 6.43 -1.34
CA ASN B 346 -29.32 6.50 0.05
C ASN B 346 -28.31 7.33 0.83
N ALA B 347 -28.79 8.34 1.55
CA ALA B 347 -27.96 9.17 2.41
C ALA B 347 -28.32 8.90 3.86
N THR B 348 -27.29 8.75 4.70
CA THR B 348 -27.50 8.31 6.07
C THR B 348 -26.50 9.01 6.97
N LEU B 349 -26.96 9.49 8.13
CA LEU B 349 -26.10 10.05 9.15
C LEU B 349 -26.18 9.17 10.39
N VAL B 350 -25.06 9.02 11.09
CA VAL B 350 -25.00 8.24 12.31
C VAL B 350 -24.52 9.15 13.43
N VAL B 351 -25.33 9.27 14.49
CA VAL B 351 -25.10 10.22 15.56
C VAL B 351 -25.02 9.46 16.88
N TYR B 352 -23.86 9.47 17.52
CA TYR B 352 -23.67 8.80 18.79
C TYR B 352 -23.80 9.78 19.94
N ALA B 353 -24.25 9.28 21.08
CA ALA B 353 -24.27 10.06 22.30
C ALA B 353 -24.31 9.10 23.48
N GLU B 354 -23.91 9.62 24.63
CA GLU B 354 -24.07 8.87 25.87
C GLU B 354 -25.54 8.77 26.21
N LYS B 355 -25.90 7.72 26.93
CA LYS B 355 -27.31 7.44 27.19
C LYS B 355 -27.85 8.41 28.25
N GLY B 356 -28.46 9.50 27.80
CA GLY B 356 -28.99 10.48 28.72
C GLY B 356 -28.77 11.91 28.28
N ALA B 357 -28.06 12.07 27.16
CA ALA B 357 -27.71 13.40 26.67
C ALA B 357 -28.89 14.14 26.03
N GLY B 358 -30.04 13.50 25.89
CA GLY B 358 -31.21 14.15 25.34
C GLY B 358 -31.09 14.40 23.85
N LYS B 359 -30.89 13.33 23.09
CA LYS B 359 -30.58 13.49 21.68
C LYS B 359 -31.81 13.41 20.78
N THR B 360 -32.86 12.70 21.20
CA THR B 360 -34.03 12.53 20.33
C THR B 360 -34.82 13.82 20.20
N SER B 361 -34.99 14.53 21.32
CA SER B 361 -35.73 15.78 21.32
C SER B 361 -35.02 16.87 20.54
N PHE B 362 -33.72 16.74 20.31
CA PHE B 362 -33.05 17.63 19.37
C PHE B 362 -33.08 17.11 17.94
N LEU B 363 -32.89 15.81 17.74
CA LEU B 363 -32.76 15.31 16.38
C LEU B 363 -34.07 15.26 15.64
N SER B 364 -35.21 15.26 16.34
CA SER B 364 -36.47 15.43 15.63
C SER B 364 -36.58 16.85 15.07
N THR B 365 -36.14 17.85 15.83
CA THR B 365 -36.09 19.22 15.36
C THR B 365 -35.10 19.38 14.22
N TYR B 366 -33.97 18.69 14.31
CA TYR B 366 -32.98 18.70 13.23
C TYR B 366 -33.55 18.10 11.95
N ALA B 367 -34.30 17.01 12.08
CA ALA B 367 -34.93 16.39 10.91
C ALA B 367 -35.99 17.32 10.32
N GLU B 368 -36.70 18.05 11.16
CA GLU B 368 -37.70 18.98 10.64
C GLU B 368 -37.04 20.15 9.92
N GLN B 369 -35.91 20.63 10.45
CA GLN B 369 -35.17 21.69 9.76
C GLN B 369 -34.65 21.24 8.41
N LEU B 370 -34.07 20.03 8.37
CA LEU B 370 -33.55 19.50 7.12
C LEU B 370 -34.67 19.22 6.12
N SER B 371 -35.83 18.77 6.61
CA SER B 371 -36.96 18.49 5.73
C SER B 371 -37.53 19.77 5.13
N LEU B 372 -37.71 20.81 5.96
CA LEU B 372 -38.28 22.04 5.47
C LEU B 372 -37.29 22.81 4.60
N ALA B 373 -35.99 22.60 4.81
CA ALA B 373 -35.01 23.34 4.04
C ALA B 373 -34.64 22.65 2.74
N SER B 374 -34.76 21.32 2.67
CA SER B 374 -34.41 20.62 1.45
C SER B 374 -35.63 20.21 0.64
N GLY B 375 -36.79 20.09 1.28
CA GLY B 375 -37.99 19.68 0.60
C GLY B 375 -38.27 18.19 0.65
N GLN B 376 -37.24 17.35 0.68
CA GLN B 376 -37.41 15.92 0.73
C GLN B 376 -37.81 15.47 2.14
N VAL B 377 -38.43 14.30 2.21
CA VAL B 377 -38.91 13.77 3.47
C VAL B 377 -37.77 13.03 4.15
N VAL B 378 -37.38 13.51 5.33
CA VAL B 378 -36.34 12.87 6.14
C VAL B 378 -37.00 11.87 7.08
N GLY B 379 -36.54 10.63 7.03
CA GLY B 379 -36.97 9.63 7.98
C GLY B 379 -35.97 9.51 9.12
N HIS B 380 -36.49 9.33 10.33
CA HIS B 380 -35.65 9.30 11.52
C HIS B 380 -35.87 8.01 12.29
N LEU B 381 -34.83 7.20 12.39
CA LEU B 381 -34.81 6.03 13.26
C LEU B 381 -34.29 6.46 14.62
N SER B 382 -34.86 5.90 15.68
CA SER B 382 -34.49 6.33 17.02
C SER B 382 -33.23 5.61 17.48
N SER B 383 -32.89 5.86 18.75
CA SER B 383 -31.71 5.26 19.34
C SER B 383 -31.91 3.78 19.62
N ASP B 384 -33.06 3.43 20.19
CA ASP B 384 -33.35 2.06 20.60
C ASP B 384 -34.46 1.44 19.77
N ALA B 385 -34.46 1.67 18.46
CA ALA B 385 -35.46 1.04 17.61
C ALA B 385 -35.23 -0.46 17.49
N TYR B 386 -33.97 -0.89 17.50
CA TYR B 386 -33.69 -2.32 17.36
C TYR B 386 -34.08 -3.10 18.60
N GLY B 387 -33.83 -2.55 19.79
CA GLY B 387 -34.22 -3.25 21.00
C GLY B 387 -35.73 -3.32 21.16
N ARG B 388 -36.42 -2.22 20.86
CA ARG B 388 -37.87 -2.22 20.94
C ARG B 388 -38.52 -3.03 19.83
N TRP B 389 -37.80 -3.28 18.74
CA TRP B 389 -38.30 -4.18 17.71
C TRP B 389 -38.03 -5.64 18.05
N LEU B 390 -36.88 -5.93 18.65
CA LEU B 390 -36.54 -7.29 19.04
C LEU B 390 -37.33 -7.76 20.25
N ALA B 391 -37.86 -6.84 21.05
CA ALA B 391 -38.70 -7.24 22.16
C ALA B 391 -39.99 -7.91 21.71
N LYS B 392 -40.48 -7.55 20.53
CA LYS B 392 -41.74 -8.10 20.04
C LYS B 392 -41.53 -9.27 19.09
N ASN B 393 -40.48 -9.23 18.28
CA ASN B 393 -40.34 -10.13 17.15
C ASN B 393 -39.16 -11.07 17.29
N LYS B 394 -38.79 -11.43 18.52
CA LYS B 394 -37.70 -12.39 18.70
C LYS B 394 -38.11 -13.81 18.39
N ASP B 395 -39.41 -14.07 18.23
CA ASP B 395 -39.89 -15.43 18.02
C ASP B 395 -40.57 -15.63 16.68
N VAL B 396 -40.93 -14.55 15.99
CA VAL B 396 -41.48 -14.66 14.64
C VAL B 396 -40.38 -15.13 13.70
N GLU B 397 -40.70 -16.13 12.88
CA GLU B 397 -39.74 -16.63 11.88
C GLU B 397 -39.36 -15.56 10.88
N GLU B 398 -40.35 -14.99 10.20
CA GLU B 398 -40.10 -13.91 9.25
C GLU B 398 -40.86 -12.67 9.67
N PRO B 399 -40.20 -11.69 10.24
CA PRO B 399 -40.90 -10.52 10.78
C PRO B 399 -41.17 -9.46 9.73
N SER B 400 -41.73 -8.33 10.17
CA SER B 400 -42.03 -7.21 9.29
C SER B 400 -40.89 -6.21 9.37
N PHE B 401 -40.18 -6.05 8.26
CA PHE B 401 -39.09 -5.09 8.16
C PHE B 401 -39.54 -3.75 7.60
N ALA B 402 -40.84 -3.51 7.54
CA ALA B 402 -41.36 -2.31 6.92
C ALA B 402 -41.08 -1.09 7.79
N TYR B 403 -41.05 0.08 7.16
CA TYR B 403 -40.58 1.28 7.84
C TYR B 403 -41.61 1.80 8.84
N ASP B 404 -42.88 1.82 8.44
CA ASP B 404 -43.91 2.34 9.33
C ASP B 404 -44.18 1.41 10.49
N TYR B 405 -43.97 0.10 10.28
CA TYR B 405 -44.10 -0.84 11.39
C TYR B 405 -42.97 -0.69 12.40
N VAL B 406 -41.79 -0.29 11.93
CA VAL B 406 -40.70 -0.03 12.86
C VAL B 406 -40.92 1.27 13.61
N LEU B 407 -41.31 2.32 12.89
CA LEU B 407 -41.53 3.62 13.54
C LEU B 407 -42.77 3.61 14.42
N SER B 408 -43.73 2.71 14.18
CA SER B 408 -44.89 2.62 15.05
C SER B 408 -44.55 2.00 16.39
N LEU B 409 -43.53 1.14 16.43
CA LEU B 409 -43.12 0.47 17.64
C LEU B 409 -42.02 1.21 18.37
N ASP B 410 -41.97 2.53 18.25
CA ASP B 410 -40.83 3.30 18.71
C ASP B 410 -41.16 4.16 19.94
N THR B 411 -42.38 4.08 20.44
CA THR B 411 -42.80 4.92 21.55
C THR B 411 -42.16 4.44 22.86
N ASP B 412 -42.39 5.20 23.92
CA ASP B 412 -41.73 5.00 25.20
C ASP B 412 -42.33 3.87 26.01
N ASP B 413 -43.58 3.49 25.74
CA ASP B 413 -44.19 2.38 26.46
C ASP B 413 -43.59 1.04 26.05
N ASN B 414 -43.06 0.97 24.84
CA ASN B 414 -42.45 -0.27 24.36
C ASN B 414 -41.11 -0.47 25.04
N GLU B 415 -40.99 -1.56 25.78
CA GLU B 415 -39.77 -1.85 26.49
C GLU B 415 -38.73 -2.43 25.54
N SER B 416 -37.47 -2.28 25.90
CA SER B 416 -36.37 -2.72 25.06
C SER B 416 -35.90 -4.10 25.47
N TYR B 417 -35.25 -4.78 24.53
CA TYR B 417 -34.72 -6.11 24.79
C TYR B 417 -33.52 -6.04 25.73
N TYR B 418 -32.61 -5.10 25.48
CA TYR B 418 -31.40 -4.98 26.28
C TYR B 418 -31.72 -4.55 27.71
N GLU B 419 -32.77 -3.77 27.90
CA GLU B 419 -33.14 -3.34 29.24
C GLU B 419 -33.68 -4.51 30.05
N GLN B 420 -34.42 -5.42 29.41
CA GLN B 420 -34.88 -6.62 30.10
C GLN B 420 -33.73 -7.54 30.48
N LYS B 421 -32.79 -7.73 29.54
CA LYS B 421 -31.66 -8.63 29.84
C LYS B 421 -30.75 -8.03 30.90
N ALA B 422 -30.56 -6.71 30.87
CA ALA B 422 -29.76 -6.07 31.91
C ALA B 422 -30.48 -6.01 33.23
N SER B 423 -31.81 -5.99 33.23
CA SER B 423 -32.54 -6.08 34.50
C SER B 423 -32.35 -7.45 35.12
N GLU B 424 -32.38 -8.50 34.29
CA GLU B 424 -32.09 -9.83 34.82
C GLU B 424 -30.65 -9.95 35.30
N LEU B 425 -29.73 -9.29 34.61
CA LEU B 425 -28.32 -9.32 35.02
C LEU B 425 -28.10 -8.55 36.32
N LEU B 426 -28.87 -7.49 36.56
CA LEU B 426 -28.79 -6.79 37.83
C LEU B 426 -29.42 -7.57 38.97
N ILE B 427 -30.59 -8.17 38.74
CA ILE B 427 -31.28 -8.88 39.82
C ILE B 427 -30.54 -10.17 40.17
N SER B 428 -29.82 -10.75 39.21
CA SER B 428 -29.02 -11.94 39.50
C SER B 428 -27.86 -11.69 40.46
N HIS B 429 -27.51 -10.43 40.74
CA HIS B 429 -26.53 -10.09 41.76
C HIS B 429 -27.16 -9.35 42.94
N GLY B 430 -28.47 -9.33 43.04
CA GLY B 430 -29.13 -8.72 44.18
C GLY B 430 -29.08 -7.21 44.21
N ILE B 431 -29.09 -6.57 43.05
CA ILE B 431 -29.02 -5.13 42.92
C ILE B 431 -30.37 -4.63 42.42
N SER B 432 -30.97 -3.73 43.17
CA SER B 432 -32.24 -3.13 42.77
C SER B 432 -32.30 -1.63 42.92
N GLU B 433 -31.40 -1.01 43.67
CA GLU B 433 -31.43 0.41 43.97
C GLU B 433 -30.17 1.10 43.49
N VAL B 434 -30.28 2.42 43.35
CA VAL B 434 -29.14 3.24 42.97
C VAL B 434 -28.13 3.27 44.11
N ALA B 435 -28.61 3.32 45.35
CA ALA B 435 -27.72 3.30 46.50
C ALA B 435 -27.05 1.95 46.69
N GLN B 436 -27.61 0.89 46.11
CA GLN B 436 -26.92 -0.40 46.11
C GLN B 436 -25.90 -0.48 45.00
N TYR B 437 -26.14 0.19 43.88
CA TYR B 437 -25.22 0.12 42.75
C TYR B 437 -24.01 1.01 42.95
N GLU B 438 -24.23 2.24 43.43
CA GLU B 438 -23.13 3.18 43.62
C GLU B 438 -22.20 2.75 44.74
N LEU B 439 -22.70 1.96 45.69
CA LEU B 439 -21.88 1.53 46.80
C LEU B 439 -20.86 0.48 46.39
N LEU B 440 -21.10 -0.22 45.28
CA LEU B 440 -20.16 -1.21 44.78
C LEU B 440 -18.88 -0.56 44.27
N SER B 441 -17.79 -1.31 44.33
CA SER B 441 -16.50 -0.83 43.86
C SER B 441 -16.43 -0.91 42.34
N VAL B 442 -15.28 -0.55 41.79
CA VAL B 442 -15.16 -0.43 40.34
C VAL B 442 -15.00 -1.79 39.69
N ARG B 443 -14.25 -2.71 40.33
CA ARG B 443 -13.90 -3.96 39.69
C ARG B 443 -15.11 -4.88 39.55
N LYS B 444 -16.02 -4.83 40.52
CA LYS B 444 -17.27 -5.57 40.41
C LYS B 444 -18.13 -5.01 39.29
N LYS B 445 -18.13 -3.68 39.12
CA LYS B 445 -18.85 -3.06 38.02
C LYS B 445 -18.27 -3.48 36.68
N ILE B 446 -16.95 -3.56 36.58
CA ILE B 446 -16.30 -3.97 35.34
C ILE B 446 -16.63 -5.42 35.01
N LYS B 447 -16.71 -6.26 36.05
CA LYS B 447 -17.15 -7.64 35.87
C LYS B 447 -18.58 -7.71 35.33
N MET B 448 -19.48 -6.90 35.88
CA MET B 448 -20.86 -6.93 35.40
C MET B 448 -20.98 -6.35 34.00
N MET B 449 -20.17 -5.33 33.67
CA MET B 449 -20.18 -4.78 32.33
C MET B 449 -19.65 -5.78 31.31
N ASP B 450 -18.69 -6.62 31.71
CA ASP B 450 -18.26 -7.66 30.80
C ASP B 450 -19.32 -8.75 30.64
N GLU B 451 -20.08 -9.02 31.70
CA GLU B 451 -21.22 -9.92 31.55
C GLU B 451 -22.29 -9.35 30.64
N MET B 452 -22.42 -8.02 30.59
CA MET B 452 -23.34 -7.41 29.63
C MET B 452 -22.75 -7.36 28.23
N ASN B 453 -21.43 -7.25 28.11
CA ASN B 453 -20.78 -7.31 26.81
C ASN B 453 -20.92 -8.69 26.20
N GLU B 454 -21.00 -9.74 27.02
CA GLU B 454 -21.20 -11.07 26.47
C GLU B 454 -22.60 -11.28 25.89
N VAL B 455 -23.55 -10.38 26.15
CA VAL B 455 -24.83 -10.45 25.49
C VAL B 455 -25.00 -9.36 24.44
N LEU B 456 -24.21 -8.28 24.50
CA LEU B 456 -24.19 -7.36 23.37
C LEU B 456 -23.48 -7.96 22.17
N ILE B 457 -22.51 -8.84 22.39
CA ILE B 457 -21.76 -9.44 21.31
C ILE B 457 -22.60 -10.43 20.52
N ALA B 458 -23.66 -10.96 21.11
CA ALA B 458 -24.41 -12.04 20.48
C ALA B 458 -25.33 -11.55 19.38
N GLN B 459 -25.55 -10.24 19.25
CA GLN B 459 -26.45 -9.73 18.24
C GLN B 459 -25.74 -9.06 17.08
N LEU B 460 -24.41 -9.04 17.10
CA LEU B 460 -23.64 -8.35 16.07
C LEU B 460 -22.70 -9.28 15.33
N GLU B 461 -22.56 -10.53 15.81
CA GLU B 461 -21.51 -11.41 15.34
C GLU B 461 -21.80 -11.97 13.94
N ASN B 462 -23.06 -12.12 13.57
CA ASN B 462 -23.44 -12.71 12.31
C ASN B 462 -24.66 -12.00 11.74
N ALA B 463 -24.87 -12.17 10.44
CA ALA B 463 -25.97 -11.54 9.74
C ALA B 463 -27.10 -12.55 9.58
N ASP B 464 -28.00 -12.61 10.55
CA ASP B 464 -29.10 -13.55 10.54
C ASP B 464 -30.41 -12.81 10.56
N THR B 465 -31.51 -13.56 10.45
CA THR B 465 -32.83 -12.98 10.26
C THR B 465 -33.34 -12.24 11.49
N HIS B 466 -32.72 -12.44 12.65
CA HIS B 466 -33.03 -11.65 13.83
C HIS B 466 -31.91 -10.73 14.25
N SER B 467 -30.82 -10.68 13.48
CA SER B 467 -29.65 -9.90 13.86
C SER B 467 -29.91 -8.42 13.69
N GLU B 468 -28.88 -7.63 13.93
CA GLU B 468 -29.03 -6.19 13.86
C GLU B 468 -28.55 -5.63 12.53
N ARG B 469 -27.51 -6.24 11.94
CA ARG B 469 -27.01 -5.82 10.65
C ARG B 469 -28.05 -6.07 9.56
N ASN B 470 -28.77 -7.19 9.68
CA ASN B 470 -29.86 -7.48 8.75
C ASN B 470 -31.03 -6.53 8.95
N PHE B 471 -31.31 -6.17 10.20
CA PHE B 471 -32.38 -5.22 10.50
C PHE B 471 -32.11 -3.87 9.85
N TYR B 472 -30.91 -3.32 10.05
CA TYR B 472 -30.58 -2.04 9.44
C TYR B 472 -30.44 -2.12 7.94
N TYR B 473 -30.03 -3.29 7.41
CA TYR B 473 -30.04 -3.49 5.96
C TYR B 473 -31.45 -3.41 5.39
N MET B 474 -32.38 -4.16 5.97
CA MET B 474 -33.71 -4.26 5.39
C MET B 474 -34.52 -2.99 5.62
N VAL B 475 -34.23 -2.25 6.69
CA VAL B 475 -34.90 -0.97 6.87
C VAL B 475 -34.30 0.08 5.94
N SER B 476 -32.98 0.06 5.77
CA SER B 476 -32.32 1.08 4.95
C SER B 476 -32.64 0.90 3.47
N THR B 477 -32.73 -0.34 3.01
CA THR B 477 -32.92 -0.62 1.60
C THR B 477 -34.34 -1.06 1.27
N GLY B 478 -35.33 -0.57 2.00
CA GLY B 478 -36.71 -0.88 1.70
C GLY B 478 -37.23 -0.07 0.53
N LYS B 479 -38.47 -0.35 0.16
CA LYS B 479 -39.07 0.42 -0.93
C LYS B 479 -39.81 1.64 -0.41
N THR B 480 -40.54 1.50 0.69
CA THR B 480 -41.30 2.60 1.26
C THR B 480 -40.49 3.41 2.27
N THR B 481 -39.22 3.13 2.43
CA THR B 481 -38.41 3.88 3.37
C THR B 481 -38.04 5.24 2.79
N PRO B 482 -37.87 6.25 3.63
CA PRO B 482 -37.42 7.55 3.12
C PRO B 482 -35.98 7.49 2.62
N ARG B 483 -35.62 8.50 1.85
CA ARG B 483 -34.31 8.51 1.22
C ARG B 483 -33.22 8.92 2.20
N THR B 484 -33.31 10.14 2.72
CA THR B 484 -32.35 10.60 3.73
C THR B 484 -32.78 10.09 5.09
N LEU B 485 -31.93 9.29 5.72
CA LEU B 485 -32.21 8.73 7.03
C LEU B 485 -31.22 9.25 8.06
N ILE B 486 -31.66 9.30 9.32
CA ILE B 486 -30.81 9.67 10.44
C ILE B 486 -30.99 8.63 11.53
N VAL B 487 -29.89 8.01 11.93
CA VAL B 487 -29.90 6.89 12.85
C VAL B 487 -28.99 7.22 14.02
N GLU B 488 -29.49 7.06 15.24
CA GLU B 488 -28.62 7.19 16.40
C GLU B 488 -28.01 5.85 16.77
N GLY B 489 -26.92 5.90 17.53
CA GLY B 489 -26.26 4.71 18.01
C GLY B 489 -25.88 4.85 19.47
N HIS B 490 -25.26 3.79 19.98
CA HIS B 490 -24.86 3.76 21.38
C HIS B 490 -23.40 3.44 21.62
N PHE B 491 -22.71 2.79 20.70
CA PHE B 491 -21.30 2.46 20.87
C PHE B 491 -20.65 2.26 19.51
N ASN B 492 -19.33 2.46 19.47
CA ASN B 492 -18.61 2.51 18.21
C ASN B 492 -18.51 1.17 17.52
N ALA B 493 -18.73 0.08 18.22
CA ALA B 493 -18.73 -1.22 17.55
C ALA B 493 -19.96 -1.43 16.69
N GLN B 494 -21.02 -0.67 16.93
CA GLN B 494 -22.26 -0.80 16.19
C GLN B 494 -22.19 -0.15 14.82
N ASP B 495 -21.11 0.58 14.53
CA ASP B 495 -20.98 1.26 13.26
C ASP B 495 -20.75 0.28 12.11
N ALA B 496 -20.10 -0.84 12.39
CA ALA B 496 -20.01 -1.90 11.39
C ALA B 496 -21.33 -2.60 11.16
N THR B 497 -22.30 -2.38 12.05
CA THR B 497 -23.61 -3.01 11.96
C THR B 497 -24.65 -2.07 11.35
N ILE B 498 -24.66 -0.81 11.80
CA ILE B 498 -25.53 0.20 11.22
C ILE B 498 -25.08 0.47 9.79
N ALA B 499 -26.03 0.86 8.94
CA ALA B 499 -25.87 0.96 7.50
C ALA B 499 -24.74 1.91 7.11
N ARG B 500 -24.24 1.70 5.89
CA ARG B 500 -23.00 2.31 5.46
C ARG B 500 -23.19 3.77 5.10
N THR B 501 -22.27 4.60 5.60
CA THR B 501 -22.30 6.03 5.44
C THR B 501 -20.95 6.50 4.97
N ASP B 502 -20.80 7.82 4.87
CA ASP B 502 -19.49 8.45 4.86
C ASP B 502 -19.27 9.34 6.07
N THR B 503 -20.36 9.69 6.77
CA THR B 503 -20.32 10.63 7.88
C THR B 503 -20.83 9.95 9.14
N THR B 504 -20.10 10.12 10.23
CA THR B 504 -20.56 9.73 11.54
C THR B 504 -19.95 10.67 12.56
N VAL B 505 -20.77 11.16 13.49
CA VAL B 505 -20.35 12.17 14.45
C VAL B 505 -20.71 11.69 15.85
N LEU B 506 -20.13 12.36 16.84
CA LEU B 506 -20.46 12.15 18.24
C LEU B 506 -21.00 13.47 18.77
N LEU B 507 -22.21 13.43 19.30
CA LEU B 507 -22.93 14.62 19.72
C LEU B 507 -22.69 14.87 21.20
N ARG B 508 -22.67 16.15 21.58
CA ARG B 508 -22.51 16.56 22.97
C ARG B 508 -23.52 17.63 23.34
N THR B 509 -24.11 17.50 24.53
CA THR B 509 -25.11 18.45 24.99
C THR B 509 -24.80 19.02 26.36
N ILE B 510 -25.71 19.83 26.89
CA ILE B 510 -25.59 20.36 28.25
C ILE B 510 -26.36 19.39 29.16
N ASN B 511 -25.73 18.28 29.47
CA ASN B 511 -26.31 17.30 30.37
C ASN B 511 -25.20 16.53 31.04
N ASP B 512 -25.32 16.35 32.36
CA ASP B 512 -24.55 15.33 33.01
C ASP B 512 -25.37 14.05 32.96
N THR B 513 -24.90 13.08 32.18
CA THR B 513 -25.75 11.96 31.80
C THR B 513 -25.98 11.00 32.96
N THR B 514 -24.98 10.85 33.83
CA THR B 514 -25.21 10.06 35.03
C THR B 514 -26.07 10.80 36.04
N GLN B 515 -26.19 12.12 35.92
CA GLN B 515 -27.07 12.86 36.81
C GLN B 515 -28.52 12.77 36.35
N ALA B 516 -28.73 12.81 35.03
CA ALA B 516 -30.09 12.79 34.50
C ALA B 516 -30.74 11.43 34.68
N MET B 517 -29.95 10.37 34.66
CA MET B 517 -30.50 9.04 34.86
C MET B 517 -30.82 8.74 36.32
N ARG B 518 -30.35 9.57 37.24
CA ARG B 518 -30.76 9.43 38.64
C ARG B 518 -32.15 10.02 38.88
N ASP B 519 -32.72 10.72 37.91
CA ASP B 519 -33.93 11.48 38.14
C ASP B 519 -35.12 11.00 37.31
N ARG B 520 -34.95 9.92 36.56
CA ARG B 520 -36.07 9.39 35.77
C ARG B 520 -37.08 8.74 36.69
N GLN B 521 -38.36 8.93 36.37
CA GLN B 521 -39.44 8.46 37.23
C GLN B 521 -39.60 6.95 37.22
N ARG B 522 -39.11 6.26 36.20
CA ARG B 522 -39.27 4.81 36.12
C ARG B 522 -37.94 4.13 35.84
N GLY B 523 -37.69 3.03 36.54
CA GLY B 523 -36.45 2.31 36.39
C GLY B 523 -35.30 3.00 37.08
N GLY B 524 -34.38 3.55 36.31
CA GLY B 524 -33.25 4.28 36.83
C GLY B 524 -32.00 3.45 37.02
N VAL B 525 -32.12 2.28 37.66
CA VAL B 525 -30.95 1.46 37.93
C VAL B 525 -30.48 0.76 36.66
N VAL B 526 -31.43 0.19 35.91
CA VAL B 526 -31.09 -0.45 34.64
C VAL B 526 -30.60 0.59 33.64
N GLN B 527 -31.20 1.78 33.68
CA GLN B 527 -30.77 2.88 32.80
C GLN B 527 -29.36 3.32 33.14
N LEU B 528 -29.04 3.43 34.43
CA LEU B 528 -27.71 3.83 34.86
C LEU B 528 -26.68 2.78 34.51
N PHE B 529 -27.04 1.50 34.66
CA PHE B 529 -26.11 0.43 34.35
C PHE B 529 -25.85 0.34 32.86
N LEU B 530 -26.88 0.52 32.03
CA LEU B 530 -26.66 0.54 30.60
C LEU B 530 -25.90 1.77 30.16
N ARG B 531 -26.10 2.90 30.84
CA ARG B 531 -25.31 4.10 30.54
C ARG B 531 -23.84 3.86 30.84
N ASP B 532 -23.53 3.21 31.96
CA ASP B 532 -22.15 2.92 32.30
C ASP B 532 -21.52 1.96 31.31
N THR B 533 -22.27 0.93 30.88
CA THR B 533 -21.74 -0.01 29.90
C THR B 533 -21.50 0.66 28.55
N TYR B 534 -22.40 1.55 28.14
CA TYR B 534 -22.26 2.18 26.85
C TYR B 534 -21.13 3.20 26.84
N TYR B 535 -21.00 3.99 27.92
CA TYR B 535 -19.88 4.92 28.04
C TYR B 535 -18.56 4.18 28.10
N ARG B 536 -18.54 3.02 28.73
CA ARG B 536 -17.36 2.18 28.74
C ARG B 536 -17.10 1.57 27.36
N LEU B 537 -18.10 1.55 26.48
CA LEU B 537 -17.89 0.94 25.17
C LEU B 537 -17.49 1.94 24.10
N LEU B 538 -17.93 3.20 24.16
CA LEU B 538 -17.52 4.11 23.08
C LEU B 538 -16.56 5.17 23.60
N PRO B 539 -15.46 5.41 22.91
CA PRO B 539 -14.59 6.55 23.24
C PRO B 539 -14.99 7.77 22.43
N ALA B 540 -14.20 8.84 22.56
CA ALA B 540 -14.36 10.03 21.72
C ALA B 540 -13.35 9.94 20.59
N LEU B 541 -13.68 9.15 19.58
CA LEU B 541 -12.79 8.92 18.46
C LEU B 541 -13.35 9.35 17.12
N HIS B 542 -14.53 9.95 17.09
CA HIS B 542 -15.06 10.65 15.93
C HIS B 542 -15.12 12.13 16.23
N THR B 543 -15.70 12.90 15.31
CA THR B 543 -15.78 14.34 15.50
C THR B 543 -16.84 14.68 16.54
N THR B 544 -16.53 15.66 17.37
CA THR B 544 -17.43 16.09 18.45
C THR B 544 -18.25 17.27 17.96
N VAL B 545 -19.57 17.09 17.91
CA VAL B 545 -20.46 18.06 17.25
C VAL B 545 -21.54 18.51 18.23
N TYR B 546 -21.55 19.80 18.53
CA TYR B 546 -22.58 20.41 19.35
C TYR B 546 -23.82 20.71 18.51
N PRO B 547 -24.99 20.93 19.14
CA PRO B 547 -26.20 21.17 18.33
C PRO B 547 -26.20 22.48 17.56
N PHE B 548 -25.59 23.54 18.09
CA PHE B 548 -25.58 24.80 17.37
C PHE B 548 -24.72 24.70 16.13
N GLU B 549 -23.72 23.80 16.16
CA GLU B 549 -22.92 23.54 14.98
C GLU B 549 -23.75 22.94 13.86
N MET B 550 -24.67 22.02 14.19
CA MET B 550 -25.53 21.43 13.17
C MET B 550 -26.54 22.44 12.64
N LEU B 551 -27.11 23.28 13.52
CA LEU B 551 -28.06 24.27 13.05
C LEU B 551 -27.39 25.32 12.18
N GLU B 552 -26.18 25.74 12.56
CA GLU B 552 -25.40 26.67 11.75
C GLU B 552 -24.99 26.04 10.43
N SER B 553 -24.73 24.73 10.42
CA SER B 553 -24.36 24.05 9.18
C SER B 553 -25.54 23.94 8.24
N ILE B 554 -26.76 23.85 8.77
CA ILE B 554 -27.93 23.96 7.91
C ILE B 554 -28.07 25.37 7.36
N ARG B 555 -27.83 26.38 8.20
CA ARG B 555 -28.01 27.76 7.75
C ARG B 555 -26.98 28.19 6.70
N ARG B 556 -25.74 27.70 6.79
CA ARG B 556 -24.70 28.20 5.90
C ARG B 556 -24.76 27.58 4.51
N TRP B 557 -25.53 26.52 4.32
CA TRP B 557 -25.56 25.82 3.05
C TRP B 557 -26.56 26.49 2.11
N LYS B 558 -26.09 26.94 0.95
CA LYS B 558 -26.99 27.55 -0.02
C LYS B 558 -27.77 26.46 -0.75
N TRP B 559 -29.02 26.77 -1.06
CA TRP B 559 -29.96 25.77 -1.56
C TRP B 559 -30.37 26.10 -2.97
N VAL B 560 -30.49 25.06 -3.80
CA VAL B 560 -30.98 25.12 -5.17
C VAL B 560 -30.19 26.08 -6.05
PG ATP F . -3.63 -11.34 -34.64
O1G ATP F . -3.92 -12.84 -34.80
O2G ATP F . -2.28 -11.16 -33.98
O3G ATP F . -4.69 -10.72 -33.77
PB ATP F . -2.44 -9.64 -36.66
O1B ATP F . -2.04 -8.71 -35.53
O2B ATP F . -1.28 -10.47 -37.09
O3B ATP F . -3.63 -10.63 -36.13
PA ATP F . -4.41 -9.05 -38.74
O1A ATP F . -4.31 -10.37 -39.46
O2A ATP F . -4.69 -7.93 -39.74
O3A ATP F . -2.98 -8.75 -37.94
O5' ATP F . -5.68 -9.11 -37.61
C5' ATP F . -6.93 -9.67 -38.08
C4' ATP F . -7.91 -9.60 -37.08
O4' ATP F . -8.81 -10.81 -37.14
C3' ATP F . -7.28 -9.71 -35.62
O3' ATP F . -6.75 -8.39 -35.19
C2' ATP F . -8.28 -10.01 -34.93
O2' ATP F . -9.01 -8.76 -34.63
C1' ATP F . -9.21 -10.99 -35.90
N9 ATP F . -9.06 -12.33 -35.51
C8 ATP F . -8.20 -13.13 -34.90
N7 ATP F . -8.79 -14.34 -34.87
C5 ATP F . -10.00 -14.25 -35.43
C6 ATP F . -11.00 -15.17 -35.66
N6 ATP F . -11.34 -16.54 -35.46
N1 ATP F . -12.12 -14.80 -36.26
C2 ATP F . -12.29 -13.52 -36.66
N3 ATP F . -11.32 -12.61 -36.44
C4 ATP F . -10.18 -12.99 -35.83
PA UTP G . -2.38 -10.97 3.90
O1A UTP G . -2.26 -10.68 2.44
O2A UTP G . -1.26 -11.87 4.35
O3A UTP G . -3.84 -11.72 4.20
O5' UTP G . -2.34 -9.53 4.73
PB UTP G . -5.29 -11.04 3.80
O1B UTP G . -5.85 -10.28 4.96
O2B UTP G . -5.12 -10.09 2.63
O3B UTP G . -6.32 -12.24 3.41
PG UTP G . -7.21 -12.93 4.58
O1G UTP G . -8.35 -12.00 4.91
O2G UTP G . -7.74 -14.26 4.12
O3G UTP G . -6.34 -13.10 5.81
C5' UTP G . -2.66 -8.36 3.99
C4' UTP G . -2.64 -7.12 4.90
O4' UTP G . -1.48 -6.17 4.48
C1' UTP G . -2.11 -4.90 3.91
C2' UTP G . -3.42 -5.01 4.13
O2' UTP G . -3.80 -4.01 5.09
C3' UTP G . -3.76 -6.46 4.75
O3' UTP G . -4.39 -6.30 6.04
N1 UTP G . -1.83 -4.73 2.47
C6 UTP G . -1.99 -5.74 1.64
C2 UTP G . -1.38 -3.54 2.02
O2 UTP G . -1.23 -2.65 2.75
N3 UTP G . -1.12 -3.38 0.70
C4 UTP G . -1.28 -4.39 -0.12
O4 UTP G . -1.05 -4.24 -1.28
C5 UTP G . -1.73 -5.59 0.32
MG MG H . -1.25 -13.43 5.71
MG MG I . -4.52 -12.00 6.16
#